data_6F87
#
_entry.id   6F87
#
_cell.length_a   150.440
_cell.length_b   144.070
_cell.length_c   103.660
_cell.angle_alpha   90.000
_cell.angle_beta   103.060
_cell.angle_gamma   90.000
#
_symmetry.space_group_name_H-M   'C 1 2 1'
#
loop_
_entity.id
_entity.type
_entity.pdbx_description
1 polymer 'Threonylcarbamoyl-AMP synthase'
2 non-polymer 'PYROPHOSPHATE 2-'
3 non-polymer THREONINE
4 water water
#
_entity_poly.entity_id   1
_entity_poly.type   'polypeptide(L)'
_entity_poly.pdbx_seq_one_letter_code
;TIIINVRERIEEWKIRIAAGFIREGKLVAFPTETVYGLGANALDENAVKRIFEAKGRPADNPLIIHIASFEQLEVLAKEI
PEEAEMLAKRFWPGPLTLVLPKSEVVPRVITGGLDTVAVRMPAHEIALKLIELSERPIAAPSANISGKPSPTSAHHVAED
FYGKIECIIDGGETRIGVESTVIDLTEWPPVLLRPGGLPLEEIEKVIGEIRIHPAVYGKSVDTAKAPGMKYRHYAPSAEV
IVVEGPRDKVRRKIEELIAKFKEEGKKVGVIGSGSYDADEVFYLGDTVEEIARNLFKALRHMDRTGVDVILAEGVEEKGL
GLAVMNRLRKASGYRIIKVHHHHHH
;
_entity_poly.pdbx_strand_id   A,B,C,D
#
# COMPACT_ATOMS: atom_id res chain seq x y z
N THR A 1 -23.13 11.56 -14.94
CA THR A 1 -22.97 11.08 -16.38
C THR A 1 -23.97 9.98 -16.60
N ILE A 2 -24.87 10.17 -17.53
CA ILE A 2 -25.75 9.13 -17.96
C ILE A 2 -25.19 8.60 -19.28
N ILE A 3 -24.95 7.31 -19.38
CA ILE A 3 -24.57 6.74 -20.68
C ILE A 3 -25.76 6.05 -21.30
N ILE A 4 -26.17 6.51 -22.49
CA ILE A 4 -27.33 5.98 -23.18
C ILE A 4 -26.91 5.17 -24.41
N ASN A 5 -27.07 3.87 -24.33
CA ASN A 5 -26.81 3.00 -25.45
C ASN A 5 -27.99 2.95 -26.44
N VAL A 6 -27.86 3.53 -27.64
CA VAL A 6 -28.90 3.38 -28.69
C VAL A 6 -28.40 2.45 -29.79
N ARG A 7 -29.22 1.49 -30.20
CA ARG A 7 -28.89 0.59 -31.30
C ARG A 7 -29.65 1.04 -32.53
N GLU A 8 -29.29 0.45 -33.66
CA GLU A 8 -29.72 0.88 -35.01
C GLU A 8 -31.20 1.25 -35.13
N ARG A 9 -32.08 0.54 -34.41
CA ARG A 9 -33.46 1.00 -34.18
C ARG A 9 -33.45 1.98 -32.98
N ILE A 10 -33.62 3.27 -33.30
CA ILE A 10 -33.33 4.37 -32.36
C ILE A 10 -34.54 4.64 -31.49
N GLU A 11 -34.46 4.27 -30.23
CA GLU A 11 -35.52 4.53 -29.31
C GLU A 11 -35.50 6.06 -29.13
N GLU A 12 -36.43 6.76 -29.76
CA GLU A 12 -36.45 8.22 -29.74
C GLU A 12 -36.52 8.83 -28.35
N TRP A 13 -37.12 8.15 -27.38
CA TRP A 13 -37.26 8.74 -25.99
C TRP A 13 -35.86 8.88 -25.35
N LYS A 14 -34.98 7.96 -25.70
CA LYS A 14 -33.57 8.02 -25.36
C LYS A 14 -32.87 9.27 -25.88
N ILE A 15 -33.02 9.50 -27.17
CA ILE A 15 -32.41 10.68 -27.76
C ILE A 15 -32.96 11.93 -27.08
N ARG A 16 -34.26 11.90 -26.75
CA ARG A 16 -34.93 13.03 -26.08
C ARG A 16 -34.29 13.41 -24.75
N ILE A 17 -33.81 12.39 -24.01
CA ILE A 17 -33.11 12.64 -22.73
C ILE A 17 -31.89 13.50 -22.98
N ALA A 18 -31.15 13.14 -24.04
CA ALA A 18 -29.96 13.92 -24.45
C ALA A 18 -30.33 15.28 -25.04
N ALA A 19 -31.32 15.32 -25.91
CA ALA A 19 -31.92 16.60 -26.36
C ALA A 19 -32.13 17.57 -25.22
N GLY A 20 -32.73 17.07 -24.15
CA GLY A 20 -32.98 17.90 -22.98
C GLY A 20 -31.73 18.46 -22.39
N PHE A 21 -30.72 17.62 -22.29
CA PHE A 21 -29.43 18.09 -21.81
C PHE A 21 -28.88 19.22 -22.70
N ILE A 22 -28.99 19.04 -24.02
CA ILE A 22 -28.50 20.10 -24.90
C ILE A 22 -29.23 21.42 -24.65
N ARG A 23 -30.58 21.38 -24.64
CA ARG A 23 -31.37 22.62 -24.45
C ARG A 23 -31.05 23.26 -23.11
N GLU A 24 -30.84 22.44 -22.09
CA GLU A 24 -30.45 22.93 -20.76
C GLU A 24 -29.05 23.47 -20.67
N GLY A 25 -28.24 23.38 -21.72
CA GLY A 25 -26.88 23.94 -21.69
C GLY A 25 -25.80 23.01 -21.14
N LYS A 26 -26.08 21.71 -21.14
CA LYS A 26 -25.17 20.74 -20.61
C LYS A 26 -24.45 20.06 -21.79
N LEU A 27 -23.47 19.21 -21.48
CA LEU A 27 -22.67 18.51 -22.50
C LEU A 27 -23.19 17.09 -22.86
N VAL A 28 -23.24 16.78 -24.15
CA VAL A 28 -23.63 15.47 -24.61
C VAL A 28 -22.71 14.99 -25.70
N ALA A 29 -22.06 13.86 -25.47
CA ALA A 29 -21.09 13.30 -26.38
C ALA A 29 -21.88 12.35 -27.24
N PHE A 30 -21.67 12.42 -28.56
CA PHE A 30 -22.49 11.69 -29.50
C PHE A 30 -21.65 11.12 -30.65
N PRO A 31 -22.05 9.99 -31.20
CA PRO A 31 -21.36 9.48 -32.35
C PRO A 31 -21.69 10.25 -33.62
N THR A 32 -20.75 10.18 -34.55
CA THR A 32 -20.97 10.51 -35.92
C THR A 32 -20.34 9.37 -36.73
N GLU A 33 -20.28 9.55 -38.05
CA GLU A 33 -19.61 8.59 -38.95
C GLU A 33 -18.10 8.70 -38.87
N THR A 34 -17.66 9.82 -38.33
CA THR A 34 -16.30 10.23 -38.35
C THR A 34 -15.67 9.78 -37.01
N VAL A 35 -16.03 10.50 -35.94
CA VAL A 35 -15.52 10.29 -34.62
C VAL A 35 -16.59 10.80 -33.64
N TYR A 36 -16.49 10.37 -32.38
CA TYR A 36 -17.37 10.89 -31.36
C TYR A 36 -17.12 12.37 -31.12
N GLY A 37 -18.20 13.12 -30.95
CA GLY A 37 -18.15 14.57 -30.76
C GLY A 37 -18.62 14.94 -29.36
N LEU A 38 -18.12 16.05 -28.83
CA LEU A 38 -18.58 16.59 -27.55
C LEU A 38 -19.42 17.86 -27.76
N GLY A 39 -20.73 17.63 -27.75
CA GLY A 39 -21.74 18.66 -28.03
C GLY A 39 -22.22 19.60 -26.92
N ALA A 40 -22.38 20.84 -27.29
CA ALA A 40 -23.20 21.76 -26.55
C ALA A 40 -24.03 22.43 -27.58
N ASN A 41 -25.12 23.02 -27.08
CA ASN A 41 -25.91 24.03 -27.80
C ASN A 41 -25.06 25.24 -28.33
N ALA A 42 -24.90 25.29 -29.65
CA ALA A 42 -24.08 26.32 -30.29
C ALA A 42 -24.54 27.75 -30.05
N LEU A 43 -25.84 27.93 -29.80
CA LEU A 43 -26.36 29.26 -29.54
C LEU A 43 -26.11 29.74 -28.09
N ASP A 44 -25.78 28.83 -27.18
CA ASP A 44 -25.53 29.19 -25.79
C ASP A 44 -24.02 29.34 -25.56
N GLU A 45 -23.57 30.58 -25.64
CA GLU A 45 -22.20 30.94 -25.28
C GLU A 45 -21.65 30.24 -24.04
N ASN A 46 -22.40 30.18 -22.96
CA ASN A 46 -21.93 29.51 -21.74
C ASN A 46 -21.80 28.00 -21.87
N ALA A 47 -22.75 27.37 -22.53
CA ALA A 47 -22.66 25.92 -22.76
C ALA A 47 -21.36 25.53 -23.51
N VAL A 48 -21.01 26.34 -24.50
CA VAL A 48 -19.91 26.09 -25.37
C VAL A 48 -18.61 26.24 -24.59
N LYS A 49 -18.54 27.28 -23.75
CA LYS A 49 -17.42 27.39 -22.79
C LYS A 49 -17.13 26.06 -22.04
N ARG A 50 -18.16 25.32 -21.65
CA ARG A 50 -17.98 24.06 -20.93
C ARG A 50 -17.22 23.03 -21.77
N ILE A 51 -17.42 23.08 -23.09
CA ILE A 51 -16.68 22.23 -23.99
C ILE A 51 -15.20 22.54 -23.81
N PHE A 52 -14.87 23.81 -23.89
CA PHE A 52 -13.46 24.20 -23.80
C PHE A 52 -12.88 23.80 -22.45
N GLU A 53 -13.59 24.13 -21.36
CA GLU A 53 -13.19 23.76 -19.99
C GLU A 53 -12.97 22.27 -19.84
N ALA A 54 -13.94 21.47 -20.24
CA ALA A 54 -13.86 20.01 -20.06
C ALA A 54 -12.63 19.39 -20.77
N LYS A 55 -12.36 19.83 -21.99
CA LYS A 55 -11.29 19.31 -22.79
C LYS A 55 -9.91 19.86 -22.41
N GLY A 56 -9.91 21.05 -21.84
CA GLY A 56 -8.65 21.79 -21.71
C GLY A 56 -8.23 22.36 -23.06
N ARG A 57 -9.21 22.86 -23.80
CA ARG A 57 -9.02 23.37 -25.13
C ARG A 57 -8.71 24.88 -25.10
N PRO A 58 -7.62 25.32 -25.71
CA PRO A 58 -7.35 26.71 -25.92
C PRO A 58 -8.48 27.41 -26.63
N ALA A 59 -8.79 28.64 -26.20
CA ALA A 59 -10.03 29.32 -26.59
C ALA A 59 -10.11 29.66 -28.06
N ASP A 60 -8.95 29.89 -28.69
CA ASP A 60 -8.81 30.19 -30.14
C ASP A 60 -8.75 28.99 -31.10
N ASN A 61 -8.99 27.78 -30.60
CA ASN A 61 -9.10 26.63 -31.44
C ASN A 61 -10.61 26.38 -31.64
N PRO A 62 -11.13 26.73 -32.84
CA PRO A 62 -12.56 26.70 -33.11
C PRO A 62 -13.21 25.34 -33.10
N LEU A 63 -14.54 25.38 -33.10
CA LEU A 63 -15.40 24.22 -33.09
C LEU A 63 -16.22 24.25 -34.33
N ILE A 64 -16.73 23.08 -34.69
CA ILE A 64 -17.52 22.89 -35.86
C ILE A 64 -18.96 22.73 -35.39
N ILE A 65 -19.85 23.48 -36.02
CA ILE A 65 -21.29 23.46 -35.73
C ILE A 65 -21.95 22.42 -36.61
N HIS A 66 -22.71 21.53 -35.97
CA HIS A 66 -23.36 20.41 -36.64
C HIS A 66 -24.81 20.73 -36.85
N ILE A 67 -25.34 20.44 -38.03
CA ILE A 67 -26.71 20.81 -38.41
C ILE A 67 -27.39 19.62 -39.02
N ALA A 68 -28.73 19.66 -39.01
CA ALA A 68 -29.52 18.57 -39.61
C ALA A 68 -30.37 18.97 -40.83
N SER A 69 -30.49 20.28 -41.06
CA SER A 69 -31.30 20.89 -42.15
C SER A 69 -30.45 21.91 -42.90
N PHE A 70 -30.57 21.93 -44.23
CA PHE A 70 -29.96 23.00 -45.07
C PHE A 70 -30.43 24.40 -44.71
N GLU A 71 -31.69 24.52 -44.30
CA GLU A 71 -32.25 25.77 -43.75
C GLU A 71 -31.33 26.38 -42.71
N GLN A 72 -30.81 25.55 -41.83
CA GLN A 72 -29.96 26.05 -40.72
C GLN A 72 -28.65 26.67 -41.16
N LEU A 73 -28.17 26.32 -42.36
CA LEU A 73 -26.91 26.89 -42.89
C LEU A 73 -27.04 28.39 -43.10
N GLU A 74 -28.13 28.78 -43.75
CA GLU A 74 -28.53 30.18 -43.94
C GLU A 74 -28.56 30.97 -42.62
N VAL A 75 -29.00 30.32 -41.55
CA VAL A 75 -29.05 30.91 -40.20
C VAL A 75 -27.65 31.14 -39.63
N LEU A 76 -26.75 30.17 -39.80
CA LEU A 76 -25.40 30.25 -39.19
C LEU A 76 -24.39 31.02 -39.99
N ALA A 77 -24.56 31.10 -41.31
CA ALA A 77 -23.58 31.77 -42.15
C ALA A 77 -24.18 32.87 -43.06
N LYS A 78 -23.37 33.89 -43.31
CA LYS A 78 -23.69 34.94 -44.26
C LYS A 78 -22.78 34.89 -45.51
N GLU A 79 -23.38 35.30 -46.62
CA GLU A 79 -22.68 35.51 -47.88
C GLU A 79 -22.17 34.19 -48.44
N ILE A 80 -23.03 33.19 -48.40
CA ILE A 80 -22.63 31.87 -48.75
C ILE A 80 -22.45 31.84 -50.26
N PRO A 81 -21.24 31.53 -50.76
CA PRO A 81 -21.08 31.38 -52.21
C PRO A 81 -21.93 30.29 -52.77
N GLU A 82 -22.40 30.45 -54.01
CA GLU A 82 -23.21 29.40 -54.67
C GLU A 82 -22.40 28.09 -54.79
N GLU A 83 -21.08 28.16 -54.87
CA GLU A 83 -20.24 26.95 -54.91
C GLU A 83 -20.23 26.16 -53.58
N ALA A 84 -20.35 26.87 -52.44
CA ALA A 84 -20.53 26.23 -51.13
C ALA A 84 -21.92 25.61 -51.04
N GLU A 85 -22.96 26.34 -51.39
CA GLU A 85 -24.29 25.73 -51.49
C GLU A 85 -24.22 24.43 -52.31
N MET A 86 -23.44 24.40 -53.37
CA MET A 86 -23.42 23.26 -54.31
C MET A 86 -22.71 22.04 -53.71
N LEU A 87 -21.57 22.29 -53.06
CA LEU A 87 -20.81 21.22 -52.39
C LEU A 87 -21.63 20.63 -51.29
N ALA A 88 -22.34 21.52 -50.59
CA ALA A 88 -23.22 21.12 -49.51
C ALA A 88 -24.26 20.12 -50.02
N LYS A 89 -25.06 20.52 -51.03
CA LYS A 89 -26.05 19.64 -51.69
C LYS A 89 -25.43 18.33 -52.09
N ARG A 90 -24.21 18.37 -52.57
CA ARG A 90 -23.60 17.17 -53.07
C ARG A 90 -22.98 16.27 -52.04
N PHE A 91 -22.45 16.83 -50.95
CA PHE A 91 -21.74 15.99 -49.94
C PHE A 91 -22.39 15.89 -48.55
N TRP A 92 -23.47 16.62 -48.28
CA TRP A 92 -24.16 16.49 -47.01
C TRP A 92 -25.44 15.72 -47.15
N PRO A 93 -25.74 14.84 -46.19
CA PRO A 93 -24.91 14.57 -44.99
C PRO A 93 -23.67 13.73 -45.26
N GLY A 94 -22.54 14.10 -44.66
CA GLY A 94 -21.29 13.35 -44.77
C GLY A 94 -20.06 14.12 -44.28
N PRO A 95 -18.89 13.53 -44.47
CA PRO A 95 -17.69 13.97 -43.75
C PRO A 95 -17.01 15.15 -44.31
N LEU A 96 -17.79 16.20 -44.56
CA LEU A 96 -17.26 17.41 -45.13
C LEU A 96 -17.73 18.58 -44.30
N THR A 97 -16.77 19.42 -43.94
CA THR A 97 -17.02 20.60 -43.17
C THR A 97 -16.56 21.76 -44.04
N LEU A 98 -17.41 22.78 -44.13
CA LEU A 98 -17.22 23.97 -44.93
C LEU A 98 -17.00 25.11 -43.96
N VAL A 99 -16.01 25.96 -44.26
CA VAL A 99 -15.73 27.17 -43.51
C VAL A 99 -16.28 28.35 -44.33
N LEU A 100 -17.11 29.15 -43.68
CA LEU A 100 -17.91 30.17 -44.34
C LEU A 100 -17.87 31.40 -43.48
N PRO A 101 -18.32 32.54 -44.03
CA PRO A 101 -18.38 33.71 -43.18
C PRO A 101 -19.58 33.59 -42.24
N LYS A 102 -19.45 34.01 -40.98
CA LYS A 102 -20.54 33.77 -39.99
C LYS A 102 -21.54 34.91 -39.83
N SER A 103 -22.76 34.51 -39.48
CA SER A 103 -23.84 35.46 -39.13
C SER A 103 -23.69 35.95 -37.69
N GLU A 104 -24.46 36.97 -37.33
CA GLU A 104 -24.44 37.64 -36.00
C GLU A 104 -24.76 36.67 -34.84
N VAL A 105 -25.73 35.82 -35.13
CA VAL A 105 -26.22 34.74 -34.28
C VAL A 105 -25.13 33.79 -33.67
N VAL A 106 -23.97 33.63 -34.29
CA VAL A 106 -23.02 32.63 -33.88
C VAL A 106 -22.10 33.26 -32.85
N PRO A 107 -22.08 32.76 -31.60
CA PRO A 107 -21.13 33.35 -30.64
C PRO A 107 -19.67 33.17 -30.97
N ARG A 108 -18.89 34.20 -30.70
CA ARG A 108 -17.46 34.17 -30.99
C ARG A 108 -16.63 33.08 -30.27
N VAL A 109 -17.09 32.59 -29.13
CA VAL A 109 -16.37 31.50 -28.47
C VAL A 109 -16.30 30.22 -29.29
N ILE A 110 -17.33 30.04 -30.13
CA ILE A 110 -17.41 28.92 -31.07
C ILE A 110 -16.38 29.03 -32.12
N THR A 111 -16.25 30.21 -32.71
CA THR A 111 -15.31 30.48 -33.80
C THR A 111 -13.86 30.79 -33.38
N GLY A 112 -13.59 30.76 -32.08
CA GLY A 112 -12.26 31.16 -31.59
C GLY A 112 -11.99 32.64 -31.85
N GLY A 113 -13.03 33.48 -31.73
CA GLY A 113 -12.98 34.89 -32.07
C GLY A 113 -13.03 35.33 -33.53
N LEU A 114 -13.37 34.47 -34.49
CA LEU A 114 -13.25 34.87 -35.91
C LEU A 114 -14.58 35.12 -36.55
N ASP A 115 -14.51 35.71 -37.74
CA ASP A 115 -15.68 35.99 -38.60
C ASP A 115 -16.15 34.78 -39.39
N THR A 116 -15.32 33.74 -39.41
CA THR A 116 -15.63 32.53 -40.12
C THR A 116 -16.26 31.55 -39.15
N VAL A 117 -17.13 30.71 -39.66
CA VAL A 117 -17.65 29.61 -38.92
C VAL A 117 -17.44 28.34 -39.76
N ALA A 118 -17.17 27.22 -39.07
CA ALA A 118 -17.08 25.89 -39.64
C ALA A 118 -18.39 25.09 -39.41
N VAL A 119 -18.97 24.56 -40.48
CA VAL A 119 -20.25 23.87 -40.44
C VAL A 119 -20.21 22.53 -41.15
N ARG A 120 -20.99 21.57 -40.65
CA ARG A 120 -21.14 20.25 -41.23
C ARG A 120 -22.44 19.58 -40.81
N MET A 121 -22.88 18.67 -41.64
CA MET A 121 -24.13 18.00 -41.49
C MET A 121 -23.74 16.53 -41.44
N PRO A 122 -23.77 15.93 -40.24
CA PRO A 122 -23.23 14.61 -40.12
C PRO A 122 -24.10 13.52 -40.68
N ALA A 123 -23.42 12.51 -41.23
CA ALA A 123 -24.04 11.33 -41.77
C ALA A 123 -24.14 10.27 -40.68
N HIS A 124 -25.05 10.55 -39.74
CA HIS A 124 -25.34 9.61 -38.68
C HIS A 124 -26.72 9.89 -38.13
N GLU A 125 -27.58 8.88 -38.22
CA GLU A 125 -28.95 8.99 -37.75
C GLU A 125 -29.01 9.57 -36.38
N ILE A 126 -28.31 8.95 -35.45
CA ILE A 126 -28.28 9.42 -34.05
C ILE A 126 -27.93 10.88 -33.88
N ALA A 127 -26.83 11.29 -34.48
CA ALA A 127 -26.42 12.72 -34.43
C ALA A 127 -27.49 13.66 -35.01
N LEU A 128 -28.12 13.22 -36.08
CA LEU A 128 -29.13 14.03 -36.77
C LEU A 128 -30.37 14.17 -35.93
N LYS A 129 -30.84 13.03 -35.43
CA LYS A 129 -31.92 12.99 -34.46
C LYS A 129 -31.64 13.88 -33.27
N LEU A 130 -30.43 13.79 -32.76
CA LEU A 130 -30.08 14.53 -31.57
C LEU A 130 -30.22 16.00 -31.86
N ILE A 131 -29.83 16.43 -33.06
CA ILE A 131 -29.93 17.84 -33.46
C ILE A 131 -31.40 18.23 -33.74
N GLU A 132 -32.12 17.38 -34.48
CA GLU A 132 -33.55 17.59 -34.77
C GLU A 132 -34.33 17.80 -33.48
N LEU A 133 -34.28 16.82 -32.59
CA LEU A 133 -35.00 16.87 -31.32
C LEU A 133 -34.48 17.88 -30.36
N SER A 134 -33.20 18.11 -30.44
CA SER A 134 -32.59 19.12 -29.63
C SER A 134 -33.16 20.47 -30.01
N GLU A 135 -33.64 20.60 -31.26
CA GLU A 135 -34.01 21.90 -31.90
C GLU A 135 -32.92 22.98 -31.70
N ARG A 136 -31.65 22.59 -31.74
CA ARG A 136 -30.54 23.55 -31.62
C ARG A 136 -29.42 23.10 -32.55
N PRO A 137 -28.65 24.05 -33.05
CA PRO A 137 -27.39 23.65 -33.69
C PRO A 137 -26.33 23.23 -32.62
N ILE A 138 -25.53 22.19 -32.92
CA ILE A 138 -24.61 21.61 -31.92
C ILE A 138 -23.15 21.84 -32.23
N ALA A 139 -22.49 22.64 -31.41
CA ALA A 139 -21.06 22.83 -31.53
C ALA A 139 -20.33 21.63 -30.94
N ALA A 140 -19.35 21.07 -31.67
CA ALA A 140 -18.66 19.87 -31.17
C ALA A 140 -17.31 19.67 -31.79
N PRO A 141 -16.28 19.67 -30.98
CA PRO A 141 -15.06 19.02 -31.43
C PRO A 141 -15.11 17.56 -31.05
N SER A 142 -14.06 16.83 -31.41
CA SER A 142 -13.84 15.44 -30.93
C SER A 142 -13.99 15.26 -29.38
N ALA A 143 -14.63 14.17 -28.96
CA ALA A 143 -14.94 13.93 -27.54
C ALA A 143 -13.77 13.25 -26.76
N ASN A 144 -12.63 13.93 -26.73
CA ASN A 144 -11.42 13.47 -26.04
C ASN A 144 -10.78 14.63 -25.29
N ILE A 145 -10.00 14.30 -24.29
CA ILE A 145 -9.15 15.32 -23.63
C ILE A 145 -8.23 15.91 -24.68
N SER A 146 -8.03 17.25 -24.66
CA SER A 146 -7.17 17.92 -25.69
C SER A 146 -5.77 17.36 -25.73
N GLY A 147 -5.29 17.14 -26.94
CA GLY A 147 -3.97 16.57 -27.20
C GLY A 147 -3.95 15.09 -27.51
N LYS A 148 -5.02 14.39 -27.08
CA LYS A 148 -5.05 12.91 -27.03
C LYS A 148 -5.78 12.33 -28.21
N PRO A 149 -5.59 11.02 -28.48
CA PRO A 149 -6.24 10.44 -29.66
C PRO A 149 -7.74 10.66 -29.71
N SER A 150 -8.26 10.78 -30.90
CA SER A 150 -9.67 11.03 -31.05
C SER A 150 -10.45 9.79 -30.64
N PRO A 151 -11.71 9.95 -30.22
CA PRO A 151 -12.55 8.84 -29.80
C PRO A 151 -13.36 8.35 -30.95
N THR A 152 -13.28 7.05 -31.26
CA THR A 152 -14.10 6.33 -32.23
C THR A 152 -15.18 5.35 -31.63
N SER A 153 -15.34 5.35 -30.30
CA SER A 153 -16.32 4.50 -29.56
C SER A 153 -16.75 5.21 -28.31
N ALA A 154 -17.93 4.88 -27.78
CA ALA A 154 -18.34 5.46 -26.50
C ALA A 154 -17.38 5.11 -25.35
N HIS A 155 -16.78 3.92 -25.39
CA HIS A 155 -15.74 3.51 -24.42
C HIS A 155 -14.62 4.58 -24.31
N HIS A 156 -14.10 5.02 -25.46
CA HIS A 156 -13.03 6.02 -25.45
C HIS A 156 -13.48 7.29 -24.81
N VAL A 157 -14.72 7.69 -25.08
CA VAL A 157 -15.28 8.91 -24.52
C VAL A 157 -15.36 8.72 -23.01
N ALA A 158 -15.85 7.58 -22.57
CA ALA A 158 -15.99 7.33 -21.15
C ALA A 158 -14.62 7.29 -20.46
N GLU A 159 -13.58 6.73 -21.11
CA GLU A 159 -12.26 6.68 -20.46
C GLU A 159 -11.69 8.08 -20.25
N ASP A 160 -12.01 9.03 -21.12
CA ASP A 160 -11.62 10.45 -20.90
C ASP A 160 -12.54 11.28 -19.98
N PHE A 161 -13.84 10.96 -19.98
CA PHE A 161 -14.90 11.90 -19.48
C PHE A 161 -16.04 11.31 -18.60
N TYR A 162 -16.01 10.03 -18.26
CA TYR A 162 -17.04 9.49 -17.34
C TYR A 162 -16.94 10.18 -15.99
N GLY A 163 -18.04 10.79 -15.56
CA GLY A 163 -18.08 11.56 -14.33
C GLY A 163 -17.72 13.03 -14.53
N LYS A 164 -17.30 13.41 -15.71
CA LYS A 164 -17.00 14.81 -16.00
C LYS A 164 -18.02 15.50 -16.91
N ILE A 165 -18.76 14.75 -17.72
CA ILE A 165 -19.80 15.34 -18.59
C ILE A 165 -21.14 14.69 -18.33
N GLU A 166 -22.19 15.39 -18.71
CA GLU A 166 -23.54 14.98 -18.34
C GLU A 166 -24.00 13.71 -19.08
N CYS A 167 -23.54 13.49 -20.30
CA CYS A 167 -24.16 12.47 -21.17
C CYS A 167 -23.27 11.93 -22.29
N ILE A 168 -23.27 10.61 -22.45
CA ILE A 168 -22.58 9.94 -23.55
C ILE A 168 -23.60 9.05 -24.25
N ILE A 169 -23.88 9.34 -25.53
CA ILE A 169 -24.70 8.43 -26.34
C ILE A 169 -23.76 7.37 -26.90
N ASP A 170 -23.99 6.11 -26.62
CA ASP A 170 -23.18 5.03 -27.17
C ASP A 170 -23.86 4.58 -28.45
N GLY A 171 -23.23 4.87 -29.59
CA GLY A 171 -23.72 4.34 -30.89
C GLY A 171 -22.76 3.33 -31.50
N GLY A 172 -21.81 2.83 -30.72
CA GLY A 172 -20.86 1.87 -31.19
C GLY A 172 -19.71 2.58 -31.84
N GLU A 173 -18.92 1.81 -32.56
CA GLU A 173 -17.72 2.31 -33.20
C GLU A 173 -18.07 3.05 -34.51
N THR A 174 -17.38 4.15 -34.76
CA THR A 174 -17.67 5.01 -35.90
C THR A 174 -17.20 4.32 -37.19
N ARG A 175 -17.93 4.54 -38.31
CA ARG A 175 -17.65 3.74 -39.55
C ARG A 175 -16.42 4.16 -40.29
N ILE A 176 -16.14 5.46 -40.33
CA ILE A 176 -14.97 5.93 -41.04
C ILE A 176 -13.74 5.94 -40.13
N GLY A 177 -13.86 6.66 -39.00
CA GLY A 177 -12.81 6.68 -37.95
C GLY A 177 -11.82 7.85 -37.92
N VAL A 178 -11.85 8.67 -38.96
CA VAL A 178 -11.10 9.91 -38.99
C VAL A 178 -12.08 11.02 -39.18
N GLU A 179 -11.62 12.21 -38.77
CA GLU A 179 -12.43 13.43 -38.74
C GLU A 179 -12.82 13.88 -40.15
N SER A 180 -13.82 14.73 -40.21
CA SER A 180 -14.31 15.27 -41.50
C SER A 180 -13.25 16.08 -42.16
N THR A 181 -13.38 16.15 -43.46
CA THR A 181 -12.49 16.98 -44.26
C THR A 181 -12.99 18.42 -44.11
N VAL A 182 -12.05 19.34 -43.94
CA VAL A 182 -12.42 20.72 -43.76
C VAL A 182 -11.86 21.51 -44.91
N ILE A 183 -12.74 22.25 -45.62
CA ILE A 183 -12.33 23.12 -46.73
C ILE A 183 -12.89 24.51 -46.52
N ASP A 184 -12.02 25.48 -46.69
CA ASP A 184 -12.32 26.90 -46.63
C ASP A 184 -12.98 27.40 -47.92
N LEU A 185 -14.25 27.78 -47.84
CA LEU A 185 -14.99 28.42 -48.96
C LEU A 185 -15.02 29.96 -48.95
N THR A 186 -14.20 30.58 -48.14
CA THR A 186 -14.09 32.02 -48.12
C THR A 186 -13.14 32.54 -49.17
N GLU A 187 -12.47 31.65 -49.90
CA GLU A 187 -11.70 32.02 -51.10
C GLU A 187 -11.90 31.00 -52.17
N TRP A 188 -11.59 31.38 -53.42
CA TRP A 188 -11.53 30.44 -54.55
C TRP A 188 -10.12 30.46 -55.09
N PRO A 189 -9.49 29.30 -55.34
CA PRO A 189 -10.06 27.95 -55.06
C PRO A 189 -10.15 27.69 -53.56
N PRO A 190 -11.02 26.77 -53.15
CA PRO A 190 -11.10 26.40 -51.73
C PRO A 190 -9.78 25.92 -51.21
N VAL A 191 -9.57 26.00 -49.89
CA VAL A 191 -8.30 25.58 -49.28
C VAL A 191 -8.58 24.41 -48.37
N LEU A 192 -7.85 23.32 -48.56
CA LEU A 192 -7.93 22.16 -47.66
C LEU A 192 -7.28 22.51 -46.33
N LEU A 193 -8.07 22.55 -45.26
CA LEU A 193 -7.53 22.92 -43.96
C LEU A 193 -7.21 21.71 -43.10
N ARG A 194 -7.98 20.64 -43.27
CA ARG A 194 -7.75 19.40 -42.60
C ARG A 194 -8.22 18.25 -43.47
N PRO A 195 -7.32 17.30 -43.75
CA PRO A 195 -7.67 16.14 -44.54
C PRO A 195 -8.46 15.23 -43.70
N GLY A 196 -9.34 14.42 -44.31
CA GLY A 196 -10.33 13.71 -43.54
C GLY A 196 -11.16 12.69 -44.25
N GLY A 197 -12.37 12.47 -43.72
CA GLY A 197 -13.17 11.32 -44.08
C GLY A 197 -13.71 11.35 -45.49
N LEU A 198 -13.78 12.54 -46.08
CA LEU A 198 -14.06 12.72 -47.51
C LEU A 198 -12.74 12.97 -48.20
N PRO A 199 -12.26 11.98 -48.97
CA PRO A 199 -10.96 12.13 -49.65
C PRO A 199 -10.90 13.31 -50.61
N LEU A 200 -9.71 13.90 -50.69
CA LEU A 200 -9.43 15.04 -51.53
C LEU A 200 -9.83 14.78 -53.00
N GLU A 201 -9.60 13.57 -53.48
CA GLU A 201 -9.93 13.21 -54.86
C GLU A 201 -11.43 13.27 -55.15
N GLU A 202 -12.29 13.16 -54.16
CA GLU A 202 -13.76 13.34 -54.38
C GLU A 202 -14.21 14.77 -54.65
N ILE A 203 -13.46 15.69 -54.06
CA ILE A 203 -13.73 17.10 -54.18
C ILE A 203 -13.11 17.54 -55.52
N GLU A 204 -11.86 17.21 -55.73
CA GLU A 204 -11.17 17.66 -56.92
C GLU A 204 -11.81 17.15 -58.22
N LYS A 205 -12.37 15.96 -58.23
CA LYS A 205 -12.98 15.50 -59.45
C LYS A 205 -14.20 16.31 -59.87
N VAL A 206 -14.83 16.95 -58.89
CA VAL A 206 -16.02 17.76 -59.10
C VAL A 206 -15.66 19.21 -59.43
N ILE A 207 -14.75 19.83 -58.66
CA ILE A 207 -14.44 21.28 -58.78
C ILE A 207 -13.03 21.56 -59.24
N GLY A 208 -12.30 20.53 -59.61
CA GLY A 208 -10.91 20.73 -60.01
C GLY A 208 -10.04 20.86 -58.79
N GLU A 209 -8.76 21.02 -59.03
CA GLU A 209 -7.73 21.03 -58.00
C GLU A 209 -7.91 22.20 -57.06
N ILE A 210 -7.65 21.97 -55.77
CA ILE A 210 -7.81 23.01 -54.75
C ILE A 210 -6.47 23.27 -54.06
N ARG A 211 -6.42 24.27 -53.21
CA ARG A 211 -5.17 24.66 -52.59
C ARG A 211 -5.06 23.87 -51.31
N ILE A 212 -3.85 23.48 -50.95
CA ILE A 212 -3.63 22.77 -49.69
C ILE A 212 -2.94 23.69 -48.74
N HIS A 213 -3.54 23.86 -47.56
CA HIS A 213 -2.99 24.70 -46.52
C HIS A 213 -1.66 24.12 -45.99
N PRO A 214 -0.67 24.97 -45.81
CA PRO A 214 0.61 24.44 -45.32
C PRO A 214 0.55 23.67 -44.02
N ALA A 215 -0.32 24.10 -43.11
CA ALA A 215 -0.72 23.33 -41.92
C ALA A 215 -0.81 21.81 -42.09
N VAL A 216 -1.41 21.36 -43.18
CA VAL A 216 -1.60 19.94 -43.51
C VAL A 216 -0.26 19.26 -43.64
N TYR A 217 0.74 20.01 -44.11
CA TYR A 217 2.14 19.55 -44.21
C TYR A 217 3.04 19.89 -43.01
N GLY A 218 2.43 20.34 -41.92
CA GLY A 218 3.15 20.65 -40.69
C GLY A 218 3.44 22.07 -40.30
N LYS A 219 3.02 23.04 -41.10
CA LYS A 219 3.27 24.46 -40.77
C LYS A 219 2.50 24.82 -39.48
N SER A 220 3.17 25.47 -38.55
CA SER A 220 2.54 25.85 -37.29
C SER A 220 1.82 27.16 -37.56
N VAL A 221 0.61 27.29 -37.05
CA VAL A 221 -0.19 28.49 -37.36
C VAL A 221 -0.51 29.31 -36.11
N ASP A 222 -0.73 30.61 -36.31
CA ASP A 222 -1.13 31.57 -35.23
C ASP A 222 -2.64 31.78 -35.07
N THR A 223 -3.39 31.51 -36.14
CA THR A 223 -4.83 31.62 -36.22
C THR A 223 -5.35 30.45 -36.97
N ALA A 224 -6.27 29.76 -36.37
CA ALA A 224 -6.84 28.63 -37.04
C ALA A 224 -8.31 28.86 -37.37
N LYS A 225 -8.66 28.67 -38.65
CA LYS A 225 -10.05 28.65 -39.12
C LYS A 225 -10.74 27.33 -39.00
N ALA A 226 -10.04 26.36 -38.48
CA ALA A 226 -10.60 25.02 -38.41
C ALA A 226 -9.84 24.32 -37.35
N PRO A 227 -10.44 23.28 -36.81
CA PRO A 227 -9.73 22.44 -35.88
C PRO A 227 -8.67 21.61 -36.54
N GLY A 228 -7.76 21.10 -35.73
CA GLY A 228 -6.72 20.20 -36.21
C GLY A 228 -5.59 20.89 -36.95
N MET A 229 -5.46 22.20 -36.78
CA MET A 229 -4.42 22.95 -37.42
C MET A 229 -3.47 23.50 -36.38
N LYS A 230 -3.98 24.14 -35.35
CA LYS A 230 -3.12 24.65 -34.30
C LYS A 230 -3.04 23.74 -33.05
N TYR A 231 -1.85 23.70 -32.42
CA TYR A 231 -1.58 22.87 -31.18
C TYR A 231 -1.46 21.42 -31.56
N ARG A 232 -1.09 20.59 -30.61
CA ARG A 232 -0.75 19.23 -30.92
C ARG A 232 -1.94 18.36 -30.67
N HIS A 233 -2.09 17.34 -31.51
CA HIS A 233 -3.26 16.50 -31.50
C HIS A 233 -2.95 15.05 -31.75
N TYR A 234 -3.97 14.23 -31.48
CA TYR A 234 -4.02 12.80 -31.80
C TYR A 234 -2.98 11.92 -31.05
N ALA A 235 -2.34 12.48 -30.02
CA ALA A 235 -1.06 11.96 -29.51
C ALA A 235 -1.26 11.07 -28.29
N PRO A 236 -0.81 9.80 -28.35
CA PRO A 236 -0.69 9.05 -27.10
C PRO A 236 0.52 9.51 -26.21
N SER A 237 0.48 9.06 -24.95
CA SER A 237 1.57 9.31 -23.94
C SER A 237 2.92 8.94 -24.48
N ALA A 238 3.03 7.72 -25.01
CA ALA A 238 4.23 7.24 -25.71
C ALA A 238 4.79 8.17 -26.80
N GLU A 239 6.03 7.89 -27.16
CA GLU A 239 6.68 8.50 -28.32
C GLU A 239 6.16 7.69 -29.54
N VAL A 240 5.95 8.37 -30.68
CA VAL A 240 5.50 7.65 -31.91
C VAL A 240 6.49 7.90 -33.02
N ILE A 241 6.79 6.84 -33.77
CA ILE A 241 7.67 6.88 -34.93
C ILE A 241 6.91 6.32 -36.11
N VAL A 242 6.77 7.13 -37.15
CA VAL A 242 6.09 6.71 -38.37
C VAL A 242 7.14 6.23 -39.34
N VAL A 243 6.96 5.04 -39.89
CA VAL A 243 7.96 4.52 -40.79
C VAL A 243 7.30 4.46 -42.15
N GLU A 244 7.75 5.30 -43.08
CA GLU A 244 7.15 5.39 -44.41
C GLU A 244 8.01 4.66 -45.45
N GLY A 245 7.36 4.15 -46.50
CA GLY A 245 8.06 3.54 -47.60
C GLY A 245 7.38 2.30 -48.13
N PRO A 246 8.07 1.53 -49.00
CA PRO A 246 7.53 0.28 -49.55
C PRO A 246 7.35 -0.75 -48.47
N ARG A 247 6.26 -1.50 -48.57
CA ARG A 247 5.81 -2.45 -47.54
C ARG A 247 6.94 -3.22 -46.86
N ASP A 248 7.64 -4.03 -47.65
CA ASP A 248 8.61 -4.99 -47.16
C ASP A 248 9.87 -4.28 -46.62
N LYS A 249 10.27 -3.18 -47.25
CA LYS A 249 11.41 -2.38 -46.74
C LYS A 249 11.09 -1.70 -45.40
N VAL A 250 9.81 -1.35 -45.23
CA VAL A 250 9.32 -0.76 -44.00
C VAL A 250 9.31 -1.80 -42.90
N ARG A 251 8.66 -2.94 -43.19
CA ARG A 251 8.49 -4.00 -42.20
C ARG A 251 9.83 -4.44 -41.62
N ARG A 252 10.84 -4.55 -42.49
CA ARG A 252 12.23 -4.85 -42.08
C ARG A 252 12.80 -3.82 -41.12
N LYS A 253 12.59 -2.53 -41.38
CA LYS A 253 13.05 -1.47 -40.42
C LYS A 253 12.31 -1.52 -39.12
N ILE A 254 11.05 -1.93 -39.13
CA ILE A 254 10.30 -2.06 -37.88
C ILE A 254 10.88 -3.19 -36.99
N GLU A 255 11.32 -4.28 -37.62
CA GLU A 255 12.10 -5.38 -36.96
C GLU A 255 13.44 -4.83 -36.40
N GLU A 256 14.20 -4.11 -37.22
CA GLU A 256 15.44 -3.47 -36.74
C GLU A 256 15.15 -2.62 -35.52
N LEU A 257 14.07 -1.83 -35.59
CA LEU A 257 13.77 -0.83 -34.56
C LEU A 257 13.24 -1.45 -33.29
N ILE A 258 12.31 -2.41 -33.39
CA ILE A 258 11.83 -3.18 -32.22
C ILE A 258 13.03 -3.62 -31.36
N ALA A 259 13.91 -4.39 -31.99
CA ALA A 259 15.16 -4.88 -31.39
C ALA A 259 16.04 -3.75 -30.81
N LYS A 260 16.43 -2.79 -31.64
CA LYS A 260 17.25 -1.66 -31.17
C LYS A 260 16.70 -1.01 -29.87
N PHE A 261 15.38 -0.90 -29.78
CA PHE A 261 14.70 -0.27 -28.62
C PHE A 261 14.57 -1.17 -27.40
N LYS A 262 14.36 -2.46 -27.62
CA LYS A 262 14.40 -3.44 -26.53
C LYS A 262 15.82 -3.54 -25.92
N GLU A 263 16.83 -3.75 -26.78
CA GLU A 263 18.27 -3.60 -26.40
C GLU A 263 18.52 -2.37 -25.50
N GLU A 264 17.79 -1.29 -25.77
CA GLU A 264 17.78 -0.03 -25.01
C GLU A 264 16.94 -0.03 -23.70
N GLY A 265 16.32 -1.16 -23.34
CA GLY A 265 15.48 -1.27 -22.14
C GLY A 265 14.05 -0.73 -22.21
N LYS A 266 13.49 -0.62 -23.43
CA LYS A 266 12.13 -0.06 -23.66
C LYS A 266 11.13 -1.09 -24.19
N LYS A 267 9.89 -0.96 -23.70
CA LYS A 267 8.74 -1.68 -24.26
C LYS A 267 8.29 -0.99 -25.58
N VAL A 268 8.16 -1.78 -26.63
CA VAL A 268 7.76 -1.27 -27.94
C VAL A 268 6.38 -1.76 -28.31
N GLY A 269 5.56 -0.83 -28.83
CA GLY A 269 4.28 -1.17 -29.45
C GLY A 269 4.46 -1.00 -30.93
N VAL A 270 3.77 -1.81 -31.72
CA VAL A 270 3.76 -1.62 -33.17
C VAL A 270 2.31 -1.61 -33.62
N ILE A 271 1.99 -0.63 -34.48
CA ILE A 271 0.70 -0.61 -35.19
C ILE A 271 1.01 -0.70 -36.68
N GLY A 272 0.47 -1.72 -37.33
CA GLY A 272 0.60 -1.88 -38.78
C GLY A 272 -0.23 -3.03 -39.31
N SER A 273 0.06 -3.41 -40.56
CA SER A 273 -0.55 -4.56 -41.22
C SER A 273 0.27 -5.85 -41.12
N GLY A 274 1.57 -5.73 -40.87
CA GLY A 274 2.45 -6.91 -40.84
C GLY A 274 2.45 -7.67 -39.52
N SER A 275 3.14 -8.82 -39.52
CA SER A 275 3.39 -9.65 -38.32
C SER A 275 4.71 -9.27 -37.68
N TYR A 276 4.72 -9.37 -36.36
CA TYR A 276 5.79 -8.81 -35.53
C TYR A 276 5.58 -9.39 -34.15
N ASP A 277 6.69 -9.61 -33.46
CA ASP A 277 6.59 -9.87 -32.06
C ASP A 277 7.26 -8.72 -31.35
N ALA A 278 6.51 -8.19 -30.39
CA ALA A 278 6.91 -7.03 -29.64
C ALA A 278 6.03 -6.95 -28.44
N ASP A 279 6.44 -6.10 -27.52
CA ASP A 279 5.74 -5.96 -26.27
C ASP A 279 4.20 -5.86 -26.50
N GLU A 280 3.79 -4.91 -27.35
CA GLU A 280 2.37 -4.74 -27.78
C GLU A 280 2.22 -4.67 -29.27
N VAL A 281 1.14 -5.23 -29.81
CA VAL A 281 0.92 -5.21 -31.27
C VAL A 281 -0.56 -4.99 -31.61
N PHE A 282 -0.82 -4.06 -32.54
CA PHE A 282 -2.19 -3.85 -33.05
C PHE A 282 -2.24 -3.98 -34.56
N TYR A 283 -3.14 -4.83 -35.01
CA TYR A 283 -3.26 -5.12 -36.41
C TYR A 283 -4.29 -4.13 -36.91
N LEU A 284 -3.85 -3.16 -37.73
CA LEU A 284 -4.75 -2.14 -38.28
C LEU A 284 -5.66 -2.62 -39.39
N GLY A 285 -5.21 -3.59 -40.18
CA GLY A 285 -5.99 -4.08 -41.37
C GLY A 285 -5.10 -4.04 -42.62
N ASP A 286 -5.65 -4.40 -43.76
CA ASP A 286 -4.88 -4.46 -45.04
C ASP A 286 -5.26 -3.36 -46.01
N THR A 287 -6.54 -3.00 -46.04
CA THR A 287 -7.00 -1.83 -46.76
C THR A 287 -6.85 -0.56 -45.92
N VAL A 288 -6.71 0.54 -46.62
CA VAL A 288 -6.65 1.84 -46.02
C VAL A 288 -7.97 2.24 -45.33
N GLU A 289 -9.09 1.84 -45.89
CA GLU A 289 -10.37 2.04 -45.25
C GLU A 289 -10.45 1.36 -43.89
N GLU A 290 -9.84 0.20 -43.77
CA GLU A 290 -9.88 -0.55 -42.51
C GLU A 290 -8.90 0.07 -41.53
N ILE A 291 -7.79 0.57 -42.06
CA ILE A 291 -6.75 1.20 -41.26
C ILE A 291 -7.22 2.50 -40.61
N ALA A 292 -8.07 3.24 -41.31
CA ALA A 292 -8.54 4.52 -40.80
C ALA A 292 -9.57 4.24 -39.71
N ARG A 293 -10.38 3.24 -39.94
CA ARG A 293 -11.34 2.80 -38.96
C ARG A 293 -10.68 2.35 -37.67
N ASN A 294 -9.48 1.77 -37.72
CA ASN A 294 -8.77 1.32 -36.51
C ASN A 294 -7.70 2.23 -35.93
N LEU A 295 -7.40 3.32 -36.60
CA LEU A 295 -6.23 4.10 -36.25
C LEU A 295 -6.31 4.53 -34.79
N PHE A 296 -7.33 5.32 -34.47
CA PHE A 296 -7.44 5.87 -33.14
C PHE A 296 -7.61 4.80 -32.03
N LYS A 297 -8.41 3.78 -32.31
CA LYS A 297 -8.49 2.61 -31.47
C LYS A 297 -7.09 2.03 -31.13
N ALA A 298 -6.33 1.79 -32.16
CA ALA A 298 -4.98 1.29 -32.01
C ALA A 298 -4.12 2.23 -31.16
N LEU A 299 -4.18 3.53 -31.42
CA LEU A 299 -3.43 4.51 -30.62
C LEU A 299 -3.87 4.55 -29.15
N ARG A 300 -5.14 4.24 -28.89
CA ARG A 300 -5.65 4.21 -27.52
C ARG A 300 -5.30 2.94 -26.80
N HIS A 301 -5.25 1.86 -27.56
CA HIS A 301 -4.83 0.60 -27.05
C HIS A 301 -3.39 0.71 -26.60
N MET A 302 -2.52 1.16 -27.50
CA MET A 302 -1.15 1.44 -27.10
C MET A 302 -1.04 2.38 -25.88
N ASP A 303 -1.87 3.40 -25.81
CA ASP A 303 -1.83 4.39 -24.72
C ASP A 303 -2.25 3.85 -23.36
N ARG A 304 -2.95 2.69 -23.34
CA ARG A 304 -3.42 2.02 -22.11
C ARG A 304 -2.41 0.96 -21.62
N THR A 305 -1.15 1.04 -22.05
CA THR A 305 -0.13 -0.01 -21.79
C THR A 305 1.20 0.62 -21.43
N GLY A 306 2.20 -0.19 -21.15
CA GLY A 306 3.50 0.34 -20.78
C GLY A 306 4.20 1.11 -21.89
N VAL A 307 3.88 0.81 -23.16
CA VAL A 307 4.82 1.12 -24.26
C VAL A 307 5.39 2.53 -24.21
N ASP A 308 6.71 2.61 -24.30
CA ASP A 308 7.46 3.85 -24.19
C ASP A 308 7.55 4.49 -25.55
N VAL A 309 7.46 3.65 -26.59
CA VAL A 309 7.59 4.02 -27.99
C VAL A 309 6.65 3.17 -28.84
N ILE A 310 5.92 3.81 -29.78
CA ILE A 310 5.07 3.10 -30.79
C ILE A 310 5.61 3.31 -32.21
N LEU A 311 5.60 2.24 -33.00
CA LEU A 311 6.14 2.25 -34.35
C LEU A 311 4.98 2.05 -35.28
N ALA A 312 4.75 3.02 -36.16
CA ALA A 312 3.63 2.91 -37.09
C ALA A 312 4.05 2.70 -38.55
N GLU A 313 3.32 1.80 -39.21
CA GLU A 313 3.51 1.39 -40.58
C GLU A 313 2.67 2.40 -41.35
N GLY A 314 3.33 3.22 -42.15
CA GLY A 314 2.68 4.24 -42.96
C GLY A 314 1.83 3.69 -44.08
N VAL A 315 0.99 4.52 -44.64
CA VAL A 315 0.17 4.10 -45.76
C VAL A 315 0.40 5.11 -46.86
N GLU A 316 -0.01 4.77 -48.07
CA GLU A 316 0.04 5.73 -49.16
C GLU A 316 -1.11 6.75 -48.94
N GLU A 317 -0.89 7.97 -49.43
CA GLU A 317 -1.81 9.09 -49.23
C GLU A 317 -3.12 9.05 -49.98
N LYS A 318 -3.26 8.12 -50.92
CA LYS A 318 -4.51 7.91 -51.66
C LYS A 318 -5.74 7.67 -50.74
N GLY A 319 -6.88 8.19 -51.14
CA GLY A 319 -8.11 8.05 -50.38
C GLY A 319 -8.09 8.61 -48.94
N LEU A 320 -8.44 7.75 -48.00
CA LEU A 320 -8.39 8.04 -46.56
C LEU A 320 -6.96 8.18 -46.04
N GLY A 321 -6.01 7.71 -46.82
CA GLY A 321 -4.62 7.70 -46.43
C GLY A 321 -4.02 9.05 -46.17
N LEU A 322 -4.47 10.08 -46.86
CA LEU A 322 -3.98 11.43 -46.56
C LEU A 322 -4.36 11.82 -45.13
N ALA A 323 -5.60 11.49 -44.73
CA ALA A 323 -6.08 11.73 -43.37
C ALA A 323 -5.29 10.91 -42.38
N VAL A 324 -5.14 9.62 -42.67
CA VAL A 324 -4.42 8.71 -41.76
C VAL A 324 -2.99 9.16 -41.51
N MET A 325 -2.34 9.63 -42.58
CA MET A 325 -0.95 10.07 -42.50
C MET A 325 -0.83 11.43 -41.85
N ASN A 326 -1.85 12.27 -42.03
CA ASN A 326 -1.91 13.55 -41.32
C ASN A 326 -1.95 13.32 -39.81
N ARG A 327 -2.75 12.34 -39.38
CA ARG A 327 -2.98 12.06 -37.97
C ARG A 327 -1.75 11.44 -37.34
N LEU A 328 -1.23 10.41 -37.97
CA LEU A 328 0.05 9.80 -37.55
C LEU A 328 1.23 10.74 -37.45
N ARG A 329 1.39 11.62 -38.42
CA ARG A 329 2.51 12.56 -38.39
C ARG A 329 2.39 13.56 -37.24
N LYS A 330 1.24 14.19 -37.10
CA LYS A 330 1.01 15.11 -36.00
C LYS A 330 1.13 14.44 -34.61
N ALA A 331 0.57 13.24 -34.46
CA ALA A 331 0.71 12.45 -33.25
C ALA A 331 2.20 12.22 -32.88
N SER A 332 2.99 11.87 -33.87
CA SER A 332 4.40 11.62 -33.69
C SER A 332 5.22 12.85 -33.50
N GLY A 333 4.65 14.02 -33.70
CA GLY A 333 5.43 15.26 -33.78
C GLY A 333 6.40 15.28 -34.97
N TYR A 334 5.90 14.80 -36.12
CA TYR A 334 6.69 14.66 -37.36
C TYR A 334 8.04 13.90 -37.15
N ARG A 335 7.96 12.80 -36.41
CA ARG A 335 9.07 11.94 -36.10
C ARG A 335 9.01 10.85 -37.17
N ILE A 336 9.66 11.09 -38.31
CA ILE A 336 9.44 10.27 -39.51
C ILE A 336 10.70 9.63 -40.06
N ILE A 337 10.66 8.32 -40.24
CA ILE A 337 11.76 7.59 -40.86
C ILE A 337 11.32 7.14 -42.24
N LYS A 338 11.85 7.78 -43.25
CA LYS A 338 11.52 7.40 -44.63
C LYS A 338 12.53 6.38 -45.16
N VAL A 339 12.15 5.11 -45.18
CA VAL A 339 12.97 4.07 -45.76
C VAL A 339 13.24 4.40 -47.22
N HIS A 340 12.33 4.00 -48.11
CA HIS A 340 12.42 4.34 -49.53
C HIS A 340 13.67 3.78 -50.27
N THR B 1 11.75 9.26 23.20
CA THR B 1 11.78 8.85 21.78
C THR B 1 10.75 7.76 21.55
N ILE B 2 10.01 7.90 20.49
CA ILE B 2 9.13 6.87 20.03
C ILE B 2 9.75 6.34 18.73
N ILE B 3 10.08 5.07 18.69
CA ILE B 3 10.47 4.45 17.45
C ILE B 3 9.25 3.81 16.89
N ILE B 4 8.92 4.18 15.66
CA ILE B 4 7.79 3.64 14.92
C ILE B 4 8.25 2.80 13.75
N ASN B 5 8.12 1.49 13.86
CA ASN B 5 8.39 0.61 12.73
C ASN B 5 7.29 0.78 11.72
N VAL B 6 7.66 0.96 10.45
CA VAL B 6 6.72 1.05 9.31
C VAL B 6 7.14 0.08 8.24
N ARG B 7 6.21 -0.78 7.83
CA ARG B 7 6.43 -1.82 6.80
C ARG B 7 6.17 -1.24 5.40
N GLU B 8 6.48 -2.04 4.39
CA GLU B 8 6.30 -1.67 2.97
C GLU B 8 4.86 -1.23 2.64
N ARG B 9 3.88 -2.03 3.12
CA ARG B 9 2.47 -1.59 3.28
C ARG B 9 2.37 -0.70 4.53
N ILE B 10 2.16 0.58 4.27
CA ILE B 10 2.27 1.61 5.27
C ILE B 10 0.92 1.66 5.95
N GLU B 11 0.94 1.74 7.28
CA GLU B 11 -0.21 1.98 8.06
C GLU B 11 -0.21 3.46 8.37
N GLU B 12 -1.08 4.20 7.68
CA GLU B 12 -1.12 5.69 7.79
C GLU B 12 -1.27 6.33 9.19
N TRP B 13 -1.86 5.59 10.13
CA TRP B 13 -2.07 6.09 11.50
C TRP B 13 -0.74 6.24 12.21
N LYS B 14 0.16 5.29 11.94
CA LYS B 14 1.52 5.37 12.45
C LYS B 14 2.23 6.63 11.96
N ILE B 15 2.17 6.84 10.65
CA ILE B 15 2.74 8.04 10.04
C ILE B 15 2.13 9.32 10.63
N ARG B 16 0.82 9.28 10.86
CA ARG B 16 0.07 10.41 11.46
C ARG B 16 0.58 10.76 12.88
N ILE B 17 1.01 9.75 13.65
CA ILE B 17 1.58 10.05 14.97
C ILE B 17 2.81 10.93 14.77
N ALA B 18 3.60 10.60 13.75
CA ALA B 18 4.87 11.29 13.46
C ALA B 18 4.63 12.70 12.94
N ALA B 19 3.82 12.78 11.88
CA ALA B 19 3.32 14.07 11.32
C ALA B 19 2.93 15.08 12.40
N GLY B 20 2.22 14.60 13.42
CA GLY B 20 1.84 15.41 14.56
C GLY B 20 3.02 16.03 15.27
N PHE B 21 4.09 15.26 15.40
CA PHE B 21 5.30 15.75 16.08
C PHE B 21 5.95 16.88 15.31
N ILE B 22 5.92 16.79 13.99
CA ILE B 22 6.48 17.85 13.17
C ILE B 22 5.76 19.16 13.40
N ARG B 23 4.42 19.09 13.27
CA ARG B 23 3.54 20.24 13.55
C ARG B 23 3.80 20.87 14.93
N GLU B 24 3.96 20.03 15.94
CA GLU B 24 4.30 20.51 17.28
C GLU B 24 5.68 21.15 17.38
N GLY B 25 6.55 20.98 16.37
CA GLY B 25 7.95 21.49 16.39
C GLY B 25 9.00 20.56 17.01
N LYS B 26 8.73 19.27 16.93
CA LYS B 26 9.60 18.24 17.47
C LYS B 26 10.36 17.60 16.31
N LEU B 27 11.38 16.82 16.67
CA LEU B 27 12.23 16.10 15.72
C LEU B 27 11.76 14.70 15.37
N VAL B 28 11.61 14.42 14.08
CA VAL B 28 11.31 13.10 13.56
C VAL B 28 12.37 12.67 12.55
N ALA B 29 13.24 11.75 12.95
CA ALA B 29 14.10 11.02 12.00
C ALA B 29 13.28 10.11 11.12
N PHE B 30 13.60 10.08 9.82
CA PHE B 30 12.80 9.32 8.82
C PHE B 30 13.65 8.80 7.67
N PRO B 31 13.26 7.67 7.07
CA PRO B 31 14.04 7.11 5.98
C PRO B 31 13.85 7.89 4.71
N THR B 32 14.80 7.76 3.78
CA THR B 32 14.58 8.14 2.39
C THR B 32 15.20 7.04 1.50
N GLU B 33 15.38 7.35 0.24
CA GLU B 33 16.12 6.44 -0.61
C GLU B 33 17.65 6.61 -0.43
N THR B 34 18.08 7.78 0.07
CA THR B 34 19.51 8.09 0.21
C THR B 34 20.00 7.63 1.58
N VAL B 35 19.75 8.48 2.57
CA VAL B 35 20.08 8.21 3.94
C VAL B 35 18.91 8.68 4.86
N TYR B 36 18.86 8.19 6.07
CA TYR B 36 17.86 8.69 7.01
C TYR B 36 18.05 10.17 7.30
N GLY B 37 16.94 10.91 7.42
CA GLY B 37 16.95 12.37 7.67
C GLY B 37 16.51 12.70 9.08
N LEU B 38 17.03 13.77 9.68
CA LEU B 38 16.52 14.30 10.95
C LEU B 38 15.62 15.55 10.71
N GLY B 39 14.31 15.30 10.56
CA GLY B 39 13.29 16.30 10.23
C GLY B 39 12.80 17.26 11.32
N ALA B 40 12.58 18.50 10.92
CA ALA B 40 11.77 19.45 11.68
C ALA B 40 10.93 20.20 10.68
N ASN B 41 9.82 20.75 11.17
CA ASN B 41 9.04 21.76 10.42
C ASN B 41 9.90 22.92 9.85
N ALA B 42 9.99 22.95 8.51
CA ALA B 42 10.85 23.90 7.81
C ALA B 42 10.45 25.35 8.08
N LEU B 43 9.15 25.61 8.20
CA LEU B 43 8.63 26.95 8.44
C LEU B 43 8.86 27.38 9.91
N ASP B 44 8.88 26.41 10.84
CA ASP B 44 9.21 26.71 12.24
C ASP B 44 10.71 26.89 12.40
N GLU B 45 11.10 28.13 12.64
CA GLU B 45 12.47 28.52 12.94
C GLU B 45 13.05 27.89 14.21
N ASN B 46 12.23 27.75 15.24
CA ASN B 46 12.68 27.19 16.52
C ASN B 46 12.82 25.67 16.55
N ALA B 47 12.02 24.99 15.72
CA ALA B 47 12.11 23.56 15.50
C ALA B 47 13.45 23.26 14.82
N VAL B 48 13.64 23.85 13.65
CA VAL B 48 14.85 23.73 12.88
C VAL B 48 16.08 23.98 13.77
N LYS B 49 16.03 25.02 14.58
CA LYS B 49 17.13 25.30 15.49
C LYS B 49 17.48 24.08 16.39
N ARG B 50 16.49 23.29 16.78
CA ARG B 50 16.74 22.04 17.56
C ARG B 50 17.51 20.95 16.75
N ILE B 51 17.33 20.90 15.43
CA ILE B 51 18.14 20.03 14.52
C ILE B 51 19.64 20.26 14.70
N PHE B 52 20.02 21.53 14.58
CA PHE B 52 21.38 22.01 14.79
C PHE B 52 21.88 21.64 16.17
N GLU B 53 21.06 21.94 17.19
CA GLU B 53 21.44 21.76 18.60
C GLU B 53 21.73 20.29 18.86
N ALA B 54 20.88 19.40 18.33
CA ALA B 54 20.97 17.95 18.56
C ALA B 54 22.22 17.35 17.92
N LYS B 55 22.44 17.66 16.64
CA LYS B 55 23.62 17.20 15.88
C LYS B 55 24.95 17.77 16.33
N GLY B 56 24.94 18.97 16.92
CA GLY B 56 26.21 19.68 17.20
C GLY B 56 26.72 20.28 15.88
N ARG B 57 25.79 20.80 15.08
CA ARG B 57 26.04 21.21 13.75
C ARG B 57 26.25 22.70 13.72
N PRO B 58 27.37 23.16 13.09
CA PRO B 58 27.55 24.59 12.94
C PRO B 58 26.43 25.26 12.09
N ALA B 59 26.08 26.46 12.50
CA ALA B 59 24.87 27.13 12.03
C ALA B 59 24.91 27.51 10.56
N ASP B 60 26.12 27.75 10.04
CA ASP B 60 26.31 28.15 8.62
C ASP B 60 26.32 26.95 7.66
N ASN B 61 26.20 25.75 8.19
CA ASN B 61 25.99 24.55 7.39
C ASN B 61 24.51 24.37 7.07
N PRO B 62 24.09 24.64 5.82
CA PRO B 62 22.68 24.64 5.46
C PRO B 62 22.00 23.28 5.51
N LEU B 63 20.66 23.31 5.40
CA LEU B 63 19.80 22.12 5.40
C LEU B 63 18.99 22.12 4.14
N ILE B 64 18.62 20.92 3.73
CA ILE B 64 17.89 20.65 2.53
C ILE B 64 16.43 20.43 2.93
N ILE B 65 15.53 20.94 2.06
CA ILE B 65 14.12 21.00 2.33
C ILE B 65 13.42 19.92 1.47
N HIS B 66 12.69 19.06 2.17
CA HIS B 66 12.04 17.96 1.51
C HIS B 66 10.58 18.35 1.39
N ILE B 67 10.00 18.00 0.25
CA ILE B 67 8.72 18.50 -0.19
C ILE B 67 8.13 17.35 -0.97
N ALA B 68 6.81 17.35 -1.08
CA ALA B 68 6.11 16.18 -1.63
C ALA B 68 5.47 16.43 -2.97
N SER B 69 5.15 17.71 -3.20
CA SER B 69 4.44 18.21 -4.40
C SER B 69 5.27 19.33 -5.11
N PHE B 70 5.51 19.15 -6.43
CA PHE B 70 6.14 20.17 -7.36
C PHE B 70 5.70 21.61 -7.01
N GLU B 71 4.38 21.80 -6.95
CA GLU B 71 3.72 23.04 -6.51
C GLU B 71 4.35 23.74 -5.30
N GLN B 72 4.66 22.95 -4.30
CA GLN B 72 5.30 23.42 -3.06
C GLN B 72 6.62 24.16 -3.33
N LEU B 73 7.28 23.88 -4.48
CA LEU B 73 8.57 24.50 -4.85
C LEU B 73 8.47 26.01 -4.98
N GLU B 74 7.47 26.45 -5.74
CA GLU B 74 7.18 27.89 -5.99
C GLU B 74 7.01 28.74 -4.73
N VAL B 75 6.64 28.08 -3.64
CA VAL B 75 6.34 28.71 -2.36
C VAL B 75 7.61 28.95 -1.50
N LEU B 76 8.63 28.14 -1.76
CA LEU B 76 9.93 28.17 -1.04
C LEU B 76 11.02 28.85 -1.86
N ALA B 77 11.02 28.51 -3.16
CA ALA B 77 11.89 29.12 -4.15
C ALA B 77 11.45 30.52 -4.62
N LYS B 78 12.28 31.12 -5.47
CA LYS B 78 12.10 32.47 -6.04
C LYS B 78 12.85 32.53 -7.37
N GLU B 79 12.30 33.22 -8.37
CA GLU B 79 12.94 33.30 -9.71
C GLU B 79 13.38 31.93 -10.20
N ILE B 80 12.49 30.95 -10.10
CA ILE B 80 12.82 29.58 -10.42
C ILE B 80 13.15 29.58 -11.90
N PRO B 81 14.39 29.19 -12.29
CA PRO B 81 14.71 28.96 -13.70
C PRO B 81 13.84 27.89 -14.36
N GLU B 82 13.84 27.88 -15.68
CA GLU B 82 13.21 26.84 -16.48
C GLU B 82 14.00 25.55 -16.27
N GLU B 83 15.24 25.71 -15.85
CA GLU B 83 16.11 24.56 -15.60
C GLU B 83 15.67 23.60 -14.43
N ALA B 84 15.23 24.18 -13.32
CA ALA B 84 14.60 23.43 -12.22
C ALA B 84 13.45 22.55 -12.75
N GLU B 85 12.49 23.20 -13.40
CA GLU B 85 11.40 22.55 -14.18
C GLU B 85 11.84 21.25 -14.90
N MET B 86 12.79 21.32 -15.85
CA MET B 86 13.13 20.15 -16.68
C MET B 86 13.90 19.05 -15.97
N LEU B 87 14.60 19.45 -14.91
CA LEU B 87 15.24 18.46 -14.04
C LEU B 87 14.21 17.74 -13.13
N ALA B 88 13.42 18.53 -12.40
CA ALA B 88 12.27 18.02 -11.62
C ALA B 88 11.36 17.06 -12.39
N LYS B 89 11.09 17.38 -13.64
CA LYS B 89 10.32 16.52 -14.55
C LYS B 89 11.00 15.12 -14.74
N ARG B 90 12.33 15.07 -14.74
CA ARG B 90 13.04 13.80 -14.98
C ARG B 90 13.47 12.98 -13.74
N PHE B 91 13.68 13.66 -12.60
CA PHE B 91 14.36 13.05 -11.42
C PHE B 91 13.65 13.16 -10.07
N TRP B 92 12.72 14.09 -9.94
CA TRP B 92 11.77 14.10 -8.85
C TRP B 92 10.56 13.17 -9.08
N PRO B 93 10.22 12.30 -8.09
CA PRO B 93 10.96 12.17 -6.81
C PRO B 93 12.23 11.31 -6.97
N GLY B 94 13.30 11.69 -6.29
CA GLY B 94 14.60 11.03 -6.49
C GLY B 94 15.82 11.76 -5.90
N PRO B 95 17.00 11.15 -6.03
CA PRO B 95 18.20 11.53 -5.27
C PRO B 95 18.88 12.76 -5.79
N LEU B 96 18.14 13.87 -5.79
CA LEU B 96 18.56 15.10 -6.43
C LEU B 96 18.03 16.29 -5.68
N THR B 97 18.96 17.12 -5.22
CA THR B 97 18.69 18.37 -4.54
C THR B 97 19.06 19.50 -5.50
N LEU B 98 18.26 20.56 -5.54
CA LEU B 98 18.47 21.75 -6.39
C LEU B 98 18.63 22.94 -5.48
N VAL B 99 19.70 23.73 -5.68
CA VAL B 99 19.97 24.96 -4.88
C VAL B 99 19.46 26.14 -5.65
N LEU B 100 18.62 26.94 -5.02
CA LEU B 100 17.81 27.95 -5.70
C LEU B 100 17.71 29.22 -4.85
N PRO B 101 17.17 30.32 -5.43
CA PRO B 101 17.01 31.52 -4.60
C PRO B 101 15.75 31.38 -3.76
N LYS B 102 15.81 31.81 -2.51
CA LYS B 102 14.74 31.53 -1.54
C LYS B 102 13.62 32.55 -1.51
N SER B 103 12.44 32.13 -1.05
CA SER B 103 11.38 33.06 -0.62
C SER B 103 11.76 33.77 0.68
N GLU B 104 10.97 34.77 1.04
CA GLU B 104 11.11 35.44 2.33
C GLU B 104 10.43 34.59 3.41
N VAL B 105 9.50 33.73 2.98
CA VAL B 105 8.94 32.65 3.80
C VAL B 105 10.03 31.93 4.61
N VAL B 106 10.95 31.31 3.86
CA VAL B 106 11.99 30.41 4.37
C VAL B 106 12.90 31.11 5.41
N PRO B 107 12.99 30.59 6.65
CA PRO B 107 13.92 31.25 7.62
C PRO B 107 15.41 31.17 7.26
N ARG B 108 16.18 32.12 7.74
CA ARG B 108 17.64 32.17 7.49
C ARG B 108 18.39 31.04 8.18
N VAL B 109 17.82 30.52 9.27
CA VAL B 109 18.49 29.48 10.05
C VAL B 109 18.65 28.16 9.25
N ILE B 110 17.67 27.91 8.37
CA ILE B 110 17.67 26.79 7.43
C ILE B 110 18.77 26.81 6.39
N THR B 111 19.10 28.01 5.93
CA THR B 111 19.97 28.20 4.76
C THR B 111 21.40 28.61 5.10
N GLY B 112 21.69 28.67 6.40
CA GLY B 112 23.02 29.05 6.88
C GLY B 112 23.25 30.55 6.93
N GLY B 113 22.24 31.31 6.51
CA GLY B 113 22.32 32.77 6.39
C GLY B 113 22.21 33.31 5.00
N LEU B 114 21.73 32.53 4.05
CA LEU B 114 21.90 32.86 2.65
C LEU B 114 20.58 33.13 2.01
N ASP B 115 20.64 33.68 0.80
CA ASP B 115 19.46 33.89 -0.04
C ASP B 115 19.22 32.72 -1.02
N THR B 116 20.09 31.72 -0.94
CA THR B 116 19.92 30.43 -1.64
C THR B 116 19.27 29.42 -0.68
N VAL B 117 18.61 28.41 -1.25
CA VAL B 117 18.00 27.34 -0.46
C VAL B 117 18.04 26.00 -1.20
N ALA B 118 18.46 24.95 -0.48
CA ALA B 118 18.50 23.60 -1.06
C ALA B 118 17.15 22.93 -0.89
N VAL B 119 16.66 22.29 -1.96
CA VAL B 119 15.35 21.73 -1.98
C VAL B 119 15.39 20.42 -2.72
N ARG B 120 14.84 19.36 -2.11
CA ARG B 120 14.64 18.09 -2.75
C ARG B 120 13.25 17.50 -2.49
N MET B 121 12.90 16.54 -3.36
CA MET B 121 11.68 15.78 -3.28
C MET B 121 12.05 14.28 -3.26
N PRO B 122 12.04 13.67 -2.04
CA PRO B 122 12.62 12.38 -1.79
C PRO B 122 11.77 11.28 -2.32
N ALA B 123 12.41 10.24 -2.83
CA ALA B 123 11.74 9.07 -3.41
C ALA B 123 11.65 7.93 -2.42
N HIS B 124 10.93 8.21 -1.34
CA HIS B 124 10.56 7.18 -0.39
C HIS B 124 9.13 7.48 -0.02
N GLU B 125 8.26 6.50 -0.27
CA GLU B 125 6.84 6.61 0.10
C GLU B 125 6.60 7.04 1.55
N ILE B 126 7.34 6.44 2.48
CA ILE B 126 7.27 6.89 3.89
C ILE B 126 7.59 8.38 4.05
N ALA B 127 8.66 8.86 3.44
CA ALA B 127 9.08 10.27 3.59
C ALA B 127 8.04 11.18 2.98
N LEU B 128 7.50 10.76 1.82
CA LEU B 128 6.48 11.52 1.11
C LEU B 128 5.23 11.69 1.99
N LYS B 129 4.62 10.56 2.43
CA LYS B 129 3.45 10.57 3.37
C LYS B 129 3.73 11.44 4.56
N LEU B 130 4.90 11.29 5.16
CA LEU B 130 5.21 12.12 6.29
C LEU B 130 5.02 13.60 5.98
N ILE B 131 5.45 14.02 4.80
CA ILE B 131 5.39 15.44 4.43
C ILE B 131 3.95 15.87 4.15
N GLU B 132 3.28 15.10 3.29
CA GLU B 132 1.85 15.30 2.93
C GLU B 132 0.96 15.49 4.20
N LEU B 133 0.88 14.43 5.02
CA LEU B 133 0.13 14.42 6.28
C LEU B 133 0.62 15.47 7.28
N SER B 134 1.89 15.80 7.27
CA SER B 134 2.41 16.80 8.20
C SER B 134 1.86 18.19 7.82
N GLU B 135 1.61 18.35 6.51
CA GLU B 135 1.19 19.63 5.88
C GLU B 135 2.22 20.75 6.15
N ARG B 136 3.48 20.35 6.07
CA ARG B 136 4.59 21.26 6.21
C ARG B 136 5.68 20.77 5.26
N PRO B 137 6.67 21.64 5.01
CA PRO B 137 7.90 21.21 4.38
C PRO B 137 8.94 20.88 5.49
N ILE B 138 9.70 19.80 5.30
CA ILE B 138 10.64 19.30 6.34
C ILE B 138 12.09 19.54 5.92
N ALA B 139 12.77 20.35 6.72
CA ALA B 139 14.19 20.54 6.68
C ALA B 139 14.86 19.35 7.36
N ALA B 140 15.61 18.57 6.59
CA ALA B 140 16.32 17.40 7.11
C ALA B 140 17.76 17.27 6.56
N PRO B 141 18.75 17.49 7.42
CA PRO B 141 20.05 16.89 7.17
C PRO B 141 20.06 15.38 7.50
N SER B 142 21.22 14.75 7.30
CA SER B 142 21.46 13.37 7.65
C SER B 142 21.11 13.15 9.16
N ALA B 143 20.46 12.04 9.52
CA ALA B 143 20.10 11.81 10.93
C ALA B 143 21.25 11.21 11.73
N ASN B 144 22.39 11.92 11.78
CA ASN B 144 23.61 11.48 12.54
C ASN B 144 24.21 12.58 13.37
N ILE B 145 25.04 12.25 14.36
CA ILE B 145 25.85 13.26 15.10
C ILE B 145 26.83 13.89 14.12
N SER B 146 27.06 15.21 14.19
CA SER B 146 27.89 15.94 13.17
C SER B 146 29.32 15.44 13.18
N GLY B 147 29.85 15.20 11.98
CA GLY B 147 31.19 14.65 11.82
C GLY B 147 31.27 13.15 11.57
N LYS B 148 30.23 12.42 12.01
CA LYS B 148 30.16 10.94 11.95
C LYS B 148 29.49 10.41 10.70
N PRO B 149 29.58 9.08 10.47
CA PRO B 149 29.03 8.59 9.22
C PRO B 149 27.52 8.70 9.17
N SER B 150 27.02 8.76 7.96
CA SER B 150 25.65 8.99 7.72
C SER B 150 24.89 7.72 8.04
N PRO B 151 23.59 7.84 8.34
CA PRO B 151 22.74 6.74 8.72
C PRO B 151 21.89 6.22 7.59
N THR B 152 22.03 4.94 7.30
CA THR B 152 21.25 4.22 6.34
C THR B 152 20.33 3.14 6.94
N SER B 153 20.21 3.13 8.26
CA SER B 153 19.16 2.35 8.95
C SER B 153 18.64 3.12 10.15
N ALA B 154 17.51 2.70 10.67
CA ALA B 154 17.00 3.28 11.90
C ALA B 154 17.89 2.91 13.11
N HIS B 155 18.59 1.77 13.03
CA HIS B 155 19.56 1.36 14.06
C HIS B 155 20.65 2.44 14.21
N HIS B 156 21.20 2.88 13.08
CA HIS B 156 22.22 3.93 13.08
C HIS B 156 21.72 5.20 13.73
N VAL B 157 20.53 5.61 13.32
CA VAL B 157 19.88 6.79 13.93
C VAL B 157 19.71 6.58 15.42
N ALA B 158 19.25 5.39 15.80
CA ALA B 158 19.02 5.11 17.23
C ALA B 158 20.30 5.11 18.02
N GLU B 159 21.38 4.55 17.47
CA GLU B 159 22.64 4.54 18.23
C GLU B 159 23.23 5.93 18.50
N ASP B 160 22.89 6.88 17.66
CA ASP B 160 23.25 8.29 17.85
C ASP B 160 22.24 9.11 18.61
N PHE B 161 20.94 8.80 18.45
CA PHE B 161 19.88 9.74 18.87
C PHE B 161 18.77 9.25 19.79
N TYR B 162 18.72 7.97 20.10
CA TYR B 162 17.70 7.44 20.97
C TYR B 162 17.84 8.06 22.35
N GLY B 163 16.75 8.69 22.80
CA GLY B 163 16.71 9.39 24.08
C GLY B 163 16.91 10.90 23.93
N LYS B 164 17.22 11.34 22.71
CA LYS B 164 17.60 12.73 22.44
C LYS B 164 16.72 13.46 21.45
N ILE B 165 15.89 12.74 20.70
CA ILE B 165 14.94 13.30 19.77
C ILE B 165 13.60 12.58 19.99
N GLU B 166 12.52 13.08 19.43
CA GLU B 166 11.18 12.61 19.83
C GLU B 166 10.71 11.39 19.08
N CYS B 167 11.15 11.22 17.85
CA CYS B 167 10.64 10.15 17.03
C CYS B 167 11.67 9.59 15.99
N ILE B 168 11.65 8.28 15.78
CA ILE B 168 12.38 7.66 14.69
C ILE B 168 11.41 6.75 13.96
N ILE B 169 11.25 6.95 12.67
CA ILE B 169 10.44 6.05 11.90
C ILE B 169 11.40 5.04 11.35
N ASP B 170 11.17 3.76 11.62
CA ASP B 170 12.02 2.71 11.09
C ASP B 170 11.47 2.16 9.80
N GLY B 171 12.04 2.60 8.69
CA GLY B 171 11.67 2.07 7.37
C GLY B 171 12.65 1.04 6.84
N GLY B 172 13.52 0.54 7.70
CA GLY B 172 14.55 -0.40 7.27
C GLY B 172 15.69 0.34 6.57
N GLU B 173 16.48 -0.42 5.81
CA GLU B 173 17.70 0.09 5.22
C GLU B 173 17.44 0.86 3.95
N THR B 174 18.10 1.99 3.78
CA THR B 174 17.93 2.81 2.59
C THR B 174 18.46 2.11 1.32
N ARG B 175 17.78 2.33 0.21
CA ARG B 175 18.06 1.67 -1.06
C ARG B 175 19.43 2.04 -1.66
N ILE B 176 19.73 3.34 -1.70
CA ILE B 176 20.92 3.81 -2.41
C ILE B 176 22.13 3.86 -1.49
N GLY B 177 21.97 4.55 -0.36
CA GLY B 177 22.98 4.59 0.69
C GLY B 177 23.89 5.80 0.72
N VAL B 178 23.78 6.67 -0.27
CA VAL B 178 24.55 7.91 -0.26
C VAL B 178 23.64 9.08 -0.51
N GLU B 179 24.01 10.22 0.06
CA GLU B 179 23.16 11.40 0.04
C GLU B 179 22.88 11.81 -1.37
N SER B 180 21.84 12.63 -1.52
CA SER B 180 21.43 13.10 -2.86
C SER B 180 22.53 13.93 -3.52
N THR B 181 22.53 13.90 -4.85
CA THR B 181 23.34 14.82 -5.64
C THR B 181 22.82 16.26 -5.51
N VAL B 182 23.68 17.22 -5.13
CA VAL B 182 23.29 18.64 -5.00
C VAL B 182 23.76 19.47 -6.21
N ILE B 183 22.80 19.98 -6.99
CA ILE B 183 23.08 20.88 -8.15
C ILE B 183 22.75 22.35 -7.84
N ASP B 184 23.75 23.22 -7.96
CA ASP B 184 23.55 24.67 -7.87
C ASP B 184 22.96 25.17 -9.20
N LEU B 185 21.82 25.85 -9.11
CA LEU B 185 21.09 26.44 -10.26
C LEU B 185 20.92 27.95 -10.11
N THR B 186 21.73 28.54 -9.24
CA THR B 186 21.80 29.98 -9.04
C THR B 186 22.67 30.61 -10.09
N GLU B 187 23.55 29.82 -10.70
CA GLU B 187 24.44 30.34 -11.71
C GLU B 187 24.56 29.48 -12.96
N TRP B 188 25.30 30.01 -13.95
CA TRP B 188 25.54 29.34 -15.23
C TRP B 188 27.04 29.18 -15.59
N PRO B 189 27.46 27.98 -16.05
CA PRO B 189 26.64 26.77 -16.05
C PRO B 189 26.37 26.30 -14.59
N PRO B 190 25.43 25.35 -14.39
CA PRO B 190 25.26 24.81 -13.01
C PRO B 190 26.55 24.25 -12.34
N VAL B 191 26.61 24.29 -11.02
CA VAL B 191 27.74 23.81 -10.22
C VAL B 191 27.30 22.56 -9.48
N LEU B 192 28.00 21.44 -9.64
CA LEU B 192 27.84 20.28 -8.77
C LEU B 192 28.50 20.54 -7.40
N LEU B 193 27.68 20.63 -6.34
CA LEU B 193 28.16 20.89 -4.97
C LEU B 193 28.47 19.65 -4.15
N ARG B 194 27.75 18.56 -4.44
CA ARG B 194 27.95 17.29 -3.77
C ARG B 194 27.53 16.16 -4.68
N PRO B 195 28.47 15.30 -5.10
CA PRO B 195 28.09 14.16 -5.94
C PRO B 195 27.26 13.22 -5.08
N GLY B 196 26.45 12.37 -5.71
CA GLY B 196 25.42 11.69 -4.95
C GLY B 196 24.64 10.56 -5.57
N GLY B 197 23.43 10.40 -5.04
CA GLY B 197 22.62 9.23 -5.33
C GLY B 197 22.32 9.15 -6.80
N LEU B 198 22.11 10.32 -7.42
CA LEU B 198 21.98 10.45 -8.88
C LEU B 198 23.32 10.81 -9.55
N PRO B 199 23.82 9.90 -10.41
CA PRO B 199 25.06 10.15 -11.11
C PRO B 199 25.09 11.38 -12.00
N LEU B 200 26.26 11.99 -12.04
CA LEU B 200 26.57 13.15 -12.83
C LEU B 200 26.27 12.97 -14.32
N GLU B 201 26.74 11.85 -14.91
CA GLU B 201 26.39 11.45 -16.31
C GLU B 201 24.87 11.62 -16.69
N GLU B 202 23.97 11.13 -15.85
CA GLU B 202 22.54 11.32 -16.10
C GLU B 202 22.09 12.79 -16.03
N ILE B 203 22.74 13.62 -15.23
CA ILE B 203 22.37 15.06 -15.18
C ILE B 203 22.89 15.81 -16.41
N GLU B 204 24.18 15.65 -16.72
CA GLU B 204 24.81 16.23 -17.94
C GLU B 204 24.12 15.75 -19.22
N LYS B 205 23.87 14.44 -19.30
CA LYS B 205 23.11 13.84 -20.39
C LYS B 205 21.87 14.66 -20.79
N VAL B 206 21.17 15.25 -19.83
CA VAL B 206 19.93 15.98 -20.06
C VAL B 206 20.16 17.44 -20.34
N ILE B 207 21.24 18.00 -19.79
CA ILE B 207 21.51 19.47 -19.84
C ILE B 207 22.98 19.87 -20.10
N GLY B 208 23.81 18.94 -20.59
CA GLY B 208 25.22 19.21 -20.88
C GLY B 208 26.12 19.64 -19.72
N GLU B 209 27.38 19.24 -19.82
CA GLU B 209 28.43 19.48 -18.82
C GLU B 209 28.19 20.65 -17.84
N ILE B 210 28.37 20.30 -16.57
CA ILE B 210 28.07 21.09 -15.40
C ILE B 210 29.43 21.35 -14.79
N ARG B 211 29.64 22.54 -14.24
CA ARG B 211 30.88 22.80 -13.48
C ARG B 211 30.91 22.04 -12.14
N ILE B 212 31.97 21.26 -11.91
CA ILE B 212 32.20 20.58 -10.65
C ILE B 212 32.89 21.47 -9.62
N HIS B 213 32.16 21.89 -8.61
CA HIS B 213 32.74 22.73 -7.56
C HIS B 213 34.06 22.14 -6.96
N PRO B 214 35.06 22.98 -6.70
CA PRO B 214 36.33 22.47 -6.17
C PRO B 214 36.32 21.87 -4.76
N ALA B 215 35.34 22.24 -3.94
CA ALA B 215 35.06 21.49 -2.69
C ALA B 215 35.05 19.95 -2.84
N VAL B 216 34.44 19.48 -3.94
CA VAL B 216 34.38 18.07 -4.36
C VAL B 216 35.73 17.45 -4.50
N TYR B 217 36.74 18.24 -4.82
CA TYR B 217 38.11 17.71 -4.86
C TYR B 217 38.99 18.04 -3.65
N GLY B 218 38.41 18.61 -2.60
CA GLY B 218 39.15 18.88 -1.36
C GLY B 218 39.37 20.33 -1.00
N LYS B 219 38.86 21.26 -1.80
CA LYS B 219 39.05 22.68 -1.55
C LYS B 219 38.24 23.04 -0.34
N SER B 220 38.89 23.37 0.76
CA SER B 220 38.11 23.80 1.94
C SER B 220 37.45 25.14 1.61
N VAL B 221 36.26 25.36 2.15
CA VAL B 221 35.41 26.52 1.80
C VAL B 221 34.96 27.33 3.01
N ASP B 222 34.62 28.59 2.77
CA ASP B 222 34.22 29.54 3.84
C ASP B 222 32.69 29.87 3.80
N THR B 223 31.97 29.25 2.87
CA THR B 223 30.55 29.45 2.67
C THR B 223 29.99 28.30 1.88
N ALA B 224 29.05 27.58 2.48
CA ALA B 224 28.42 26.48 1.81
C ALA B 224 26.99 26.83 1.43
N LYS B 225 26.65 26.60 0.17
CA LYS B 225 25.30 26.72 -0.35
C LYS B 225 24.57 25.42 -0.22
N ALA B 226 25.30 24.39 0.21
CA ALA B 226 24.82 23.01 0.33
C ALA B 226 25.57 22.28 1.40
N PRO B 227 25.00 21.18 1.90
CA PRO B 227 25.72 20.40 2.92
C PRO B 227 26.80 19.53 2.30
N GLY B 228 27.67 18.99 3.14
CA GLY B 228 28.74 18.12 2.69
C GLY B 228 29.88 18.86 1.96
N MET B 229 30.09 20.11 2.33
CA MET B 229 31.02 20.97 1.66
C MET B 229 31.98 21.52 2.67
N LYS B 230 31.46 22.29 3.62
CA LYS B 230 32.28 22.80 4.72
C LYS B 230 32.21 21.85 5.89
N TYR B 231 33.29 21.81 6.68
CA TYR B 231 33.48 20.91 7.84
C TYR B 231 33.71 19.45 7.45
N ARG B 232 34.12 18.65 8.43
CA ARG B 232 34.46 17.23 8.24
C ARG B 232 33.21 16.40 8.36
N HIS B 233 33.09 15.39 7.51
CA HIS B 233 31.98 14.46 7.56
C HIS B 233 32.37 13.01 7.31
N TYR B 234 31.39 12.13 7.61
CA TYR B 234 31.38 10.71 7.26
C TYR B 234 32.41 9.92 8.04
N ALA B 235 32.91 10.51 9.12
CA ALA B 235 34.17 10.06 9.68
C ALA B 235 33.92 9.23 10.92
N PRO B 236 34.33 7.95 10.90
CA PRO B 236 34.47 7.27 12.18
C PRO B 236 35.69 7.75 13.04
N SER B 237 35.70 7.21 14.28
CA SER B 237 36.75 7.44 15.29
C SER B 237 38.11 7.08 14.72
N ALA B 238 38.22 5.84 14.26
CA ALA B 238 39.42 5.33 13.61
C ALA B 238 39.97 6.22 12.50
N GLU B 239 41.20 5.93 12.13
CA GLU B 239 41.83 6.56 10.96
C GLU B 239 41.38 5.79 9.75
N VAL B 240 41.36 6.44 8.60
CA VAL B 240 40.95 5.76 7.38
C VAL B 240 42.00 6.02 6.32
N ILE B 241 42.33 4.97 5.59
CA ILE B 241 43.19 5.12 4.40
C ILE B 241 42.46 4.55 3.21
N VAL B 242 42.28 5.41 2.21
CA VAL B 242 41.73 4.98 0.94
C VAL B 242 42.89 4.50 0.09
N VAL B 243 42.74 3.35 -0.53
CA VAL B 243 43.78 2.80 -1.37
C VAL B 243 43.24 2.71 -2.79
N GLU B 244 43.59 3.68 -3.62
CA GLU B 244 43.09 3.80 -5.00
C GLU B 244 44.03 3.07 -5.99
N GLY B 245 43.43 2.47 -7.02
CA GLY B 245 44.16 1.88 -8.14
C GLY B 245 43.47 0.68 -8.80
N PRO B 246 44.24 -0.08 -9.61
CA PRO B 246 43.78 -1.35 -10.16
C PRO B 246 43.57 -2.41 -9.08
N ARG B 247 42.52 -3.20 -9.23
CA ARG B 247 42.08 -4.20 -8.25
C ARG B 247 43.25 -4.93 -7.56
N ASP B 248 44.00 -5.67 -8.37
CA ASP B 248 44.93 -6.70 -7.85
C ASP B 248 46.12 -6.04 -7.17
N LYS B 249 46.51 -4.86 -7.66
CA LYS B 249 47.54 -4.04 -7.06
C LYS B 249 47.07 -3.43 -5.72
N VAL B 250 45.89 -2.84 -5.73
CA VAL B 250 45.22 -2.36 -4.49
C VAL B 250 45.18 -3.44 -3.42
N ARG B 251 44.75 -4.66 -3.79
CA ARG B 251 44.64 -5.76 -2.81
C ARG B 251 45.99 -6.11 -2.23
N ARG B 252 46.96 -6.36 -3.10
CA ARG B 252 48.32 -6.65 -2.64
C ARG B 252 48.87 -5.57 -1.69
N LYS B 253 48.56 -4.28 -1.95
CA LYS B 253 48.96 -3.17 -1.06
C LYS B 253 48.24 -3.19 0.32
N ILE B 254 46.95 -3.45 0.31
CA ILE B 254 46.21 -3.57 1.57
C ILE B 254 46.88 -4.69 2.40
N GLU B 255 47.20 -5.82 1.75
CA GLU B 255 47.87 -6.99 2.39
C GLU B 255 49.14 -6.55 3.10
N GLU B 256 50.03 -5.87 2.36
CA GLU B 256 51.27 -5.30 2.94
C GLU B 256 50.91 -4.35 4.08
N LEU B 257 49.95 -3.48 3.83
CA LEU B 257 49.47 -2.50 4.83
C LEU B 257 48.89 -3.13 6.11
N ILE B 258 48.18 -4.25 5.99
CA ILE B 258 47.74 -5.03 7.17
C ILE B 258 48.97 -5.43 8.03
N ALA B 259 50.08 -5.75 7.37
CA ALA B 259 51.35 -6.08 8.05
C ALA B 259 52.00 -4.87 8.75
N LYS B 260 52.27 -3.80 8.02
CA LYS B 260 52.92 -2.61 8.62
C LYS B 260 52.32 -2.26 9.97
N PHE B 261 50.99 -2.25 10.03
CA PHE B 261 50.22 -1.89 11.24
C PHE B 261 50.06 -2.95 12.33
N LYS B 262 49.85 -4.22 11.97
CA LYS B 262 49.86 -5.28 13.00
C LYS B 262 51.21 -5.36 13.72
N GLU B 263 52.29 -5.17 12.95
CA GLU B 263 53.65 -4.92 13.45
C GLU B 263 53.74 -3.68 14.38
N GLU B 264 53.09 -2.57 13.99
CA GLU B 264 52.93 -1.38 14.89
C GLU B 264 51.99 -1.58 16.11
N GLY B 265 51.45 -2.80 16.30
CA GLY B 265 50.59 -3.14 17.45
C GLY B 265 49.27 -2.40 17.42
N LYS B 266 48.62 -2.42 16.25
CA LYS B 266 47.34 -1.73 16.03
C LYS B 266 46.34 -2.63 15.33
N LYS B 267 45.12 -2.63 15.87
CA LYS B 267 44.00 -3.42 15.32
C LYS B 267 43.50 -2.74 14.03
N VAL B 268 43.32 -3.54 12.99
CA VAL B 268 43.12 -3.02 11.64
C VAL B 268 41.86 -3.67 11.09
N GLY B 269 41.04 -2.84 10.47
CA GLY B 269 39.86 -3.28 9.77
C GLY B 269 40.02 -2.97 8.32
N VAL B 270 39.37 -3.75 7.46
CA VAL B 270 39.38 -3.42 6.05
C VAL B 270 37.95 -3.53 5.50
N ILE B 271 37.65 -2.64 4.55
CA ILE B 271 36.37 -2.58 3.84
C ILE B 271 36.65 -2.67 2.34
N GLY B 272 36.01 -3.61 1.65
CA GLY B 272 36.23 -3.78 0.22
C GLY B 272 35.61 -5.02 -0.36
N SER B 273 35.72 -5.17 -1.68
CA SER B 273 35.33 -6.40 -2.40
C SER B 273 36.29 -7.59 -2.23
N GLY B 274 37.50 -7.35 -1.74
CA GLY B 274 38.51 -8.43 -1.62
C GLY B 274 38.33 -9.27 -0.37
N SER B 275 39.10 -10.35 -0.28
CA SER B 275 39.13 -11.23 0.91
C SER B 275 40.49 -11.18 1.58
N TYR B 276 40.48 -10.92 2.87
CA TYR B 276 41.65 -10.48 3.62
C TYR B 276 41.65 -10.99 5.05
N ASP B 277 42.84 -11.04 5.62
CA ASP B 277 42.95 -11.40 7.01
C ASP B 277 43.36 -10.19 7.83
N ALA B 278 42.42 -9.74 8.66
CA ALA B 278 42.64 -8.70 9.66
C ALA B 278 41.65 -8.94 10.81
N ASP B 279 41.55 -8.04 11.78
CA ASP B 279 40.65 -8.30 12.94
C ASP B 279 39.18 -8.32 12.54
N GLU B 280 38.78 -7.24 11.84
CA GLU B 280 37.47 -7.06 11.19
C GLU B 280 37.68 -6.87 9.69
N VAL B 281 36.88 -7.55 8.87
CA VAL B 281 36.72 -7.25 7.44
C VAL B 281 35.25 -7.01 7.25
N PHE B 282 34.90 -6.07 6.37
CA PHE B 282 33.54 -5.94 5.94
C PHE B 282 33.52 -6.02 4.45
N TYR B 283 32.74 -6.95 3.92
CA TYR B 283 32.60 -7.13 2.48
C TYR B 283 31.60 -6.09 1.99
N LEU B 284 32.03 -5.15 1.16
CA LEU B 284 31.17 -4.08 0.64
C LEU B 284 30.29 -4.51 -0.52
N GLY B 285 30.65 -5.62 -1.18
CA GLY B 285 29.98 -6.05 -2.40
C GLY B 285 30.94 -6.06 -3.59
N ASP B 286 30.42 -6.43 -4.76
CA ASP B 286 31.23 -6.54 -5.98
C ASP B 286 30.84 -5.53 -7.07
N THR B 287 29.68 -4.92 -6.97
CA THR B 287 29.33 -3.79 -7.85
C THR B 287 29.34 -2.45 -7.13
N VAL B 288 29.34 -1.38 -7.90
CA VAL B 288 29.40 -0.06 -7.34
C VAL B 288 28.08 0.27 -6.65
N GLU B 289 26.97 -0.17 -7.24
CA GLU B 289 25.68 0.04 -6.59
C GLU B 289 25.62 -0.62 -5.18
N GLU B 290 26.17 -1.81 -5.10
CA GLU B 290 26.16 -2.58 -3.87
C GLU B 290 27.11 -1.92 -2.84
N ILE B 291 28.19 -1.32 -3.31
CA ILE B 291 29.19 -0.70 -2.43
C ILE B 291 28.66 0.58 -1.81
N ALA B 292 27.91 1.35 -2.60
CA ALA B 292 27.22 2.52 -2.06
C ALA B 292 26.20 2.14 -0.99
N ARG B 293 25.38 1.13 -1.32
CA ARG B 293 24.38 0.59 -0.39
C ARG B 293 25.02 0.24 0.97
N ASN B 294 26.24 -0.31 0.98
CA ASN B 294 26.90 -0.73 2.22
C ASN B 294 27.94 0.22 2.89
N LEU B 295 28.17 1.38 2.30
CA LEU B 295 29.36 2.15 2.69
C LEU B 295 29.32 2.58 4.10
N PHE B 296 28.27 3.32 4.46
CA PHE B 296 28.11 3.80 5.86
C PHE B 296 27.84 2.70 6.90
N LYS B 297 27.22 1.61 6.49
CA LYS B 297 27.02 0.47 7.35
C LYS B 297 28.35 -0.09 7.73
N ALA B 298 29.19 -0.27 6.73
CA ALA B 298 30.55 -0.72 6.95
C ALA B 298 31.33 0.23 7.84
N LEU B 299 31.23 1.53 7.57
CA LEU B 299 32.01 2.50 8.38
C LEU B 299 31.55 2.46 9.83
N ARG B 300 30.23 2.47 10.03
CA ARG B 300 29.63 2.46 11.38
C ARG B 300 29.97 1.19 12.13
N HIS B 301 30.03 0.09 11.37
CA HIS B 301 30.42 -1.22 11.87
C HIS B 301 31.83 -1.20 12.42
N MET B 302 32.77 -0.67 11.63
CA MET B 302 34.14 -0.46 12.12
C MET B 302 34.22 0.49 13.31
N ASP B 303 33.28 1.41 13.41
CA ASP B 303 33.23 2.34 14.53
C ASP B 303 32.81 1.65 15.86
N ARG B 304 31.94 0.63 15.80
CA ARG B 304 31.43 -0.08 16.99
C ARG B 304 32.48 -1.01 17.62
N THR B 305 33.54 -1.31 16.85
CA THR B 305 34.66 -2.14 17.31
C THR B 305 35.89 -1.25 17.58
N GLY B 306 36.99 -1.87 17.98
CA GLY B 306 38.18 -1.13 18.42
C GLY B 306 39.05 -0.54 17.33
N VAL B 307 38.94 -1.05 16.10
CA VAL B 307 39.93 -0.82 15.02
C VAL B 307 40.53 0.59 15.02
N ASP B 308 41.85 0.64 15.03
CA ASP B 308 42.59 1.91 15.07
C ASP B 308 42.66 2.52 13.68
N VAL B 309 42.70 1.66 12.66
CA VAL B 309 42.73 2.09 11.25
C VAL B 309 41.84 1.24 10.36
N ILE B 310 41.41 1.87 9.26
CA ILE B 310 40.47 1.28 8.34
C ILE B 310 41.07 1.45 6.96
N LEU B 311 41.08 0.37 6.21
CA LEU B 311 41.64 0.37 4.87
C LEU B 311 40.52 0.14 3.88
N ALA B 312 40.39 1.05 2.92
CA ALA B 312 39.27 1.02 2.00
C ALA B 312 39.69 0.79 0.57
N GLU B 313 39.20 -0.26 -0.08
CA GLU B 313 39.36 -0.43 -1.53
C GLU B 313 38.68 0.70 -2.23
N GLY B 314 39.35 1.32 -3.19
CA GLY B 314 38.74 2.33 -4.02
C GLY B 314 37.89 1.75 -5.14
N VAL B 315 37.17 2.64 -5.81
CA VAL B 315 36.25 2.27 -6.89
C VAL B 315 36.38 3.34 -7.94
N GLU B 316 35.99 3.02 -9.16
CA GLU B 316 36.08 3.98 -10.24
C GLU B 316 35.02 5.02 -10.00
N GLU B 317 35.20 6.21 -10.55
CA GLU B 317 34.30 7.32 -10.29
C GLU B 317 32.99 7.36 -11.13
N LYS B 318 32.82 6.41 -12.05
CA LYS B 318 31.57 6.34 -12.81
C LYS B 318 30.34 5.99 -11.93
N GLY B 319 29.27 6.75 -12.14
CA GLY B 319 27.98 6.49 -11.52
C GLY B 319 28.01 6.94 -10.07
N LEU B 320 27.65 6.00 -9.21
CA LEU B 320 27.70 6.20 -7.75
C LEU B 320 29.11 6.29 -7.20
N GLY B 321 30.07 5.75 -7.97
CA GLY B 321 31.48 5.76 -7.61
C GLY B 321 32.02 7.11 -7.19
N LEU B 322 31.55 8.15 -7.89
CA LEU B 322 31.95 9.52 -7.56
C LEU B 322 31.52 9.93 -6.16
N ALA B 323 30.26 9.63 -5.84
CA ALA B 323 29.73 9.93 -4.53
C ALA B 323 30.43 9.04 -3.50
N VAL B 324 30.57 7.74 -3.79
CA VAL B 324 31.34 6.85 -2.89
C VAL B 324 32.71 7.39 -2.59
N MET B 325 33.40 7.74 -3.64
CA MET B 325 34.77 8.17 -3.48
C MET B 325 34.84 9.53 -2.82
N ASN B 326 33.83 10.37 -3.06
CA ASN B 326 33.77 11.63 -2.31
C ASN B 326 33.71 11.41 -0.78
N ARG B 327 32.92 10.41 -0.39
CA ARG B 327 32.60 10.16 0.98
C ARG B 327 33.74 9.46 1.64
N LEU B 328 34.38 8.54 0.92
CA LEU B 328 35.60 7.87 1.46
C LEU B 328 36.75 8.84 1.66
N ARG B 329 36.98 9.67 0.65
CA ARG B 329 38.07 10.63 0.73
C ARG B 329 37.90 11.52 1.95
N LYS B 330 36.66 11.97 2.18
CA LYS B 330 36.36 12.90 3.26
C LYS B 330 36.40 12.18 4.62
N ALA B 331 35.78 11.01 4.71
CA ALA B 331 35.93 10.19 5.92
C ALA B 331 37.41 10.14 6.35
N SER B 332 38.29 9.86 5.40
CA SER B 332 39.71 9.68 5.68
C SER B 332 40.49 10.96 5.98
N GLY B 333 39.91 12.12 5.73
CA GLY B 333 40.64 13.39 5.80
C GLY B 333 41.68 13.48 4.68
N TYR B 334 41.24 13.09 3.48
CA TYR B 334 42.08 12.94 2.27
C TYR B 334 43.42 12.18 2.47
N ARG B 335 43.37 11.12 3.28
CA ARG B 335 44.49 10.20 3.49
C ARG B 335 44.38 9.13 2.42
N ILE B 336 45.07 9.34 1.29
CA ILE B 336 44.88 8.55 0.04
C ILE B 336 46.22 7.99 -0.42
N ILE B 337 46.22 6.70 -0.80
CA ILE B 337 47.37 6.01 -1.38
C ILE B 337 47.01 5.48 -2.76
N LYS B 338 47.54 6.12 -3.80
CA LYS B 338 47.43 5.63 -5.19
C LYS B 338 48.46 4.51 -5.54
N VAL B 339 48.49 4.05 -6.80
CA VAL B 339 49.34 2.92 -7.22
C VAL B 339 49.73 3.01 -8.73
N HIS B 340 50.99 2.73 -9.07
CA HIS B 340 51.46 2.70 -10.48
C HIS B 340 52.61 1.72 -10.69
N THR C 1 -28.80 -0.62 -22.94
CA THR C 1 -28.53 -0.25 -21.51
C THR C 1 -28.34 1.24 -21.31
N ILE C 2 -28.89 1.75 -20.25
CA ILE C 2 -28.61 3.07 -19.74
C ILE C 2 -27.86 2.96 -18.41
N ILE C 3 -26.72 3.66 -18.30
CA ILE C 3 -25.96 3.72 -17.08
C ILE C 3 -26.13 5.09 -16.42
N ILE C 4 -26.55 5.10 -15.13
CA ILE C 4 -26.89 6.30 -14.41
C ILE C 4 -25.87 6.42 -13.29
N ASN C 5 -24.90 7.29 -13.51
CA ASN C 5 -23.89 7.59 -12.52
C ASN C 5 -24.47 8.50 -11.43
N VAL C 6 -24.47 8.01 -10.21
CA VAL C 6 -24.85 8.79 -9.06
C VAL C 6 -23.85 8.50 -7.94
N ARG C 7 -22.60 8.16 -8.28
CA ARG C 7 -21.43 8.15 -7.35
C ARG C 7 -21.30 9.48 -6.65
N GLU C 8 -21.64 10.50 -7.43
CA GLU C 8 -21.96 11.83 -6.95
C GLU C 8 -23.12 11.73 -5.98
N ARG C 9 -23.46 12.83 -5.32
CA ARG C 9 -24.63 12.80 -4.44
C ARG C 9 -25.85 12.42 -5.26
N ILE C 10 -26.92 12.14 -4.53
CA ILE C 10 -28.10 11.59 -5.09
C ILE C 10 -28.96 12.70 -5.66
N GLU C 11 -29.37 12.55 -6.92
CA GLU C 11 -30.31 13.46 -7.57
C GLU C 11 -31.56 12.65 -7.83
N GLU C 12 -32.69 13.12 -7.32
CA GLU C 12 -33.89 12.30 -7.35
C GLU C 12 -34.31 12.00 -8.80
N TRP C 13 -34.16 12.95 -9.70
CA TRP C 13 -34.63 12.74 -11.06
C TRP C 13 -33.95 11.54 -11.74
N LYS C 14 -32.68 11.34 -11.38
CA LYS C 14 -31.90 10.20 -11.85
C LYS C 14 -32.39 8.87 -11.33
N ILE C 15 -32.73 8.81 -10.04
CA ILE C 15 -33.35 7.60 -9.51
C ILE C 15 -34.74 7.43 -10.10
N ARG C 16 -35.45 8.53 -10.32
CA ARG C 16 -36.76 8.44 -10.94
C ARG C 16 -36.73 7.67 -12.23
N ILE C 17 -35.70 7.92 -13.04
CA ILE C 17 -35.58 7.24 -14.34
C ILE C 17 -35.52 5.74 -14.19
N ALA C 18 -34.62 5.29 -13.31
CA ALA C 18 -34.53 3.87 -12.88
C ALA C 18 -35.86 3.30 -12.30
N ALA C 19 -36.48 4.10 -11.45
CA ALA C 19 -37.78 3.78 -10.84
C ALA C 19 -38.80 3.49 -11.90
N GLY C 20 -38.89 4.38 -12.87
CA GLY C 20 -39.72 4.17 -14.05
C GLY C 20 -39.49 2.82 -14.68
N PHE C 21 -38.22 2.47 -14.95
CA PHE C 21 -37.91 1.16 -15.59
C PHE C 21 -38.42 -0.05 -14.80
N ILE C 22 -38.39 0.05 -13.45
CA ILE C 22 -38.79 -1.11 -12.61
C ILE C 22 -40.28 -1.33 -12.67
N ARG C 23 -41.02 -0.21 -12.61
CA ARG C 23 -42.46 -0.19 -12.85
C ARG C 23 -42.82 -0.66 -14.24
N GLU C 24 -42.05 -0.25 -15.23
CA GLU C 24 -42.19 -0.74 -16.61
C GLU C 24 -41.92 -2.26 -16.78
N GLY C 25 -41.44 -2.95 -15.76
CA GLY C 25 -41.19 -4.41 -15.86
C GLY C 25 -39.81 -4.77 -16.41
N LYS C 26 -38.90 -3.80 -16.39
CA LYS C 26 -37.52 -3.96 -16.83
C LYS C 26 -36.59 -4.34 -15.66
N LEU C 27 -35.38 -4.72 -16.03
CA LEU C 27 -34.26 -4.95 -15.13
C LEU C 27 -33.38 -3.72 -14.86
N VAL C 28 -33.06 -3.48 -13.60
CA VAL C 28 -32.22 -2.35 -13.17
C VAL C 28 -31.22 -2.89 -12.16
N ALA C 29 -29.94 -2.76 -12.48
CA ALA C 29 -28.89 -3.26 -11.61
C ALA C 29 -28.60 -2.12 -10.68
N PHE C 30 -28.46 -2.42 -9.38
CA PHE C 30 -28.29 -1.34 -8.39
C PHE C 30 -27.28 -1.71 -7.32
N PRO C 31 -26.62 -0.69 -6.76
CA PRO C 31 -25.67 -0.95 -5.71
C PRO C 31 -26.39 -1.18 -4.39
N THR C 32 -25.79 -2.00 -3.53
CA THR C 32 -26.12 -2.06 -2.13
C THR C 32 -24.80 -1.95 -1.36
N GLU C 33 -24.85 -2.12 -0.04
CA GLU C 33 -23.64 -2.20 0.82
C GLU C 33 -22.87 -3.49 0.64
N THR C 34 -23.53 -4.43 0.02
CA THR C 34 -23.13 -5.81 0.01
C THR C 34 -22.47 -6.09 -1.38
N VAL C 35 -23.30 -6.28 -2.39
CA VAL C 35 -22.93 -6.52 -3.77
C VAL C 35 -24.01 -5.85 -4.62
N TYR C 36 -23.69 -5.59 -5.87
CA TYR C 36 -24.68 -5.03 -6.77
C TYR C 36 -25.73 -6.12 -7.05
N GLY C 37 -26.99 -5.72 -6.96
CA GLY C 37 -28.09 -6.62 -7.27
C GLY C 37 -28.68 -6.31 -8.62
N LEU C 38 -29.20 -7.33 -9.33
CA LEU C 38 -29.93 -7.12 -10.59
C LEU C 38 -31.43 -7.17 -10.30
N GLY C 39 -32.03 -6.00 -10.25
CA GLY C 39 -33.42 -5.87 -9.74
C GLY C 39 -34.56 -5.92 -10.74
N ALA C 40 -35.66 -6.53 -10.32
CA ALA C 40 -36.95 -6.40 -10.99
C ALA C 40 -38.03 -6.22 -9.97
N ASN C 41 -39.08 -5.51 -10.36
CA ASN C 41 -40.34 -5.48 -9.63
C ASN C 41 -40.79 -6.89 -9.22
N ALA C 42 -40.81 -7.17 -7.92
CA ALA C 42 -41.14 -8.52 -7.41
C ALA C 42 -42.56 -8.99 -7.65
N LEU C 43 -43.51 -8.06 -7.82
CA LEU C 43 -44.93 -8.45 -8.04
C LEU C 43 -45.24 -8.86 -9.48
N ASP C 44 -44.41 -8.40 -10.42
CA ASP C 44 -44.50 -8.69 -11.86
C ASP C 44 -43.66 -9.93 -12.20
N GLU C 45 -44.33 -11.07 -12.32
CA GLU C 45 -43.68 -12.39 -12.59
C GLU C 45 -42.85 -12.41 -13.84
N ASN C 46 -43.18 -11.56 -14.80
CA ASN C 46 -42.50 -11.60 -16.05
C ASN C 46 -41.20 -10.89 -15.94
N ALA C 47 -41.22 -9.73 -15.31
CA ALA C 47 -39.99 -9.00 -14.99
C ALA C 47 -38.97 -9.89 -14.24
N VAL C 48 -39.46 -10.57 -13.22
CA VAL C 48 -38.63 -11.42 -12.43
C VAL C 48 -37.99 -12.50 -13.28
N LYS C 49 -38.78 -13.12 -14.14
CA LYS C 49 -38.26 -14.18 -15.01
C LYS C 49 -37.10 -13.69 -15.93
N ARG C 50 -37.13 -12.42 -16.34
CA ARG C 50 -36.07 -11.80 -17.18
C ARG C 50 -34.72 -11.79 -16.45
N ILE C 51 -34.78 -11.70 -15.11
CA ILE C 51 -33.64 -11.89 -14.24
C ILE C 51 -33.04 -13.27 -14.44
N PHE C 52 -33.88 -14.28 -14.32
CA PHE C 52 -33.35 -15.63 -14.45
C PHE C 52 -32.71 -15.82 -15.82
N GLU C 53 -33.40 -15.34 -16.84
CA GLU C 53 -32.96 -15.50 -18.24
C GLU C 53 -31.68 -14.72 -18.54
N ALA C 54 -31.57 -13.49 -18.04
CA ALA C 54 -30.35 -12.72 -18.21
C ALA C 54 -29.19 -13.44 -17.53
N LYS C 55 -29.44 -14.04 -16.37
CA LYS C 55 -28.34 -14.68 -15.64
C LYS C 55 -27.98 -16.10 -16.08
N GLY C 56 -28.91 -16.82 -16.72
CA GLY C 56 -28.79 -18.26 -16.87
C GLY C 56 -28.92 -19.01 -15.55
N ARG C 57 -29.84 -18.52 -14.72
CA ARG C 57 -30.02 -19.07 -13.40
C ARG C 57 -31.08 -20.13 -13.42
N PRO C 58 -30.79 -21.30 -12.86
CA PRO C 58 -31.84 -22.25 -12.58
C PRO C 58 -33.09 -21.66 -11.88
N ALA C 59 -34.28 -22.17 -12.25
CA ALA C 59 -35.57 -21.71 -11.74
C ALA C 59 -35.74 -21.91 -10.24
N ASP C 60 -35.09 -22.95 -9.71
CA ASP C 60 -35.24 -23.29 -8.27
C ASP C 60 -34.25 -22.63 -7.34
N ASN C 61 -33.41 -21.77 -7.86
CA ASN C 61 -32.51 -20.99 -7.04
C ASN C 61 -33.16 -19.63 -6.75
N PRO C 62 -33.63 -19.43 -5.53
CA PRO C 62 -34.54 -18.31 -5.32
C PRO C 62 -33.90 -16.91 -5.24
N LEU C 63 -34.75 -15.90 -5.25
CA LEU C 63 -34.31 -14.55 -5.08
C LEU C 63 -34.70 -14.00 -3.71
N ILE C 64 -34.02 -12.90 -3.38
CA ILE C 64 -34.18 -12.09 -2.20
C ILE C 64 -34.95 -10.82 -2.57
N ILE C 65 -35.99 -10.52 -1.81
CA ILE C 65 -36.83 -9.39 -2.10
C ILE C 65 -36.35 -8.24 -1.22
N HIS C 66 -36.16 -7.07 -1.82
CA HIS C 66 -35.57 -5.96 -1.13
C HIS C 66 -36.67 -5.01 -0.82
N ILE C 67 -36.66 -4.49 0.39
CA ILE C 67 -37.70 -3.61 0.88
C ILE C 67 -37.04 -2.44 1.50
N ALA C 68 -37.84 -1.40 1.71
CA ALA C 68 -37.38 -0.13 2.25
C ALA C 68 -38.09 0.31 3.52
N SER C 69 -39.06 -0.48 4.00
CA SER C 69 -39.73 -0.21 5.27
C SER C 69 -40.31 -1.48 5.84
N PHE C 70 -40.54 -1.46 7.15
CA PHE C 70 -40.92 -2.68 7.95
C PHE C 70 -42.39 -3.06 7.72
N GLU C 71 -43.20 -2.10 7.32
CA GLU C 71 -44.57 -2.40 6.90
C GLU C 71 -44.55 -3.34 5.71
N GLN C 72 -43.60 -3.15 4.78
CA GLN C 72 -43.57 -4.02 3.60
C GLN C 72 -43.36 -5.51 3.96
N LEU C 73 -42.77 -5.81 5.11
CA LEU C 73 -42.54 -7.19 5.52
C LEU C 73 -43.82 -8.00 5.71
N GLU C 74 -44.81 -7.42 6.40
CA GLU C 74 -46.14 -8.06 6.60
C GLU C 74 -46.87 -8.44 5.32
N VAL C 75 -46.64 -7.65 4.28
CA VAL C 75 -47.25 -7.85 2.95
C VAL C 75 -46.68 -9.08 2.25
N LEU C 76 -45.37 -9.25 2.40
CA LEU C 76 -44.62 -10.34 1.75
C LEU C 76 -44.62 -11.60 2.57
N ALA C 77 -44.77 -11.48 3.89
CA ALA C 77 -44.66 -12.63 4.78
C ALA C 77 -45.84 -12.80 5.75
N LYS C 78 -45.89 -13.97 6.36
CA LYS C 78 -46.87 -14.25 7.44
C LYS C 78 -46.26 -15.21 8.45
N GLU C 79 -46.97 -15.38 9.54
CA GLU C 79 -46.51 -16.18 10.69
C GLU C 79 -45.10 -15.76 11.04
N ILE C 80 -44.89 -14.44 11.09
CA ILE C 80 -43.57 -13.89 11.33
C ILE C 80 -43.13 -14.12 12.79
N PRO C 81 -42.19 -15.02 13.03
CA PRO C 81 -41.75 -15.27 14.42
C PRO C 81 -41.16 -14.05 15.08
N GLU C 82 -41.21 -13.94 16.39
CA GLU C 82 -40.72 -12.68 17.00
C GLU C 82 -39.21 -12.48 16.86
N GLU C 83 -38.47 -13.57 16.69
CA GLU C 83 -37.06 -13.45 16.29
C GLU C 83 -36.83 -12.60 15.03
N ALA C 84 -37.73 -12.67 14.08
CA ALA C 84 -37.60 -11.89 12.87
C ALA C 84 -37.70 -10.42 13.19
N GLU C 85 -38.83 -10.01 13.74
CA GLU C 85 -39.05 -8.68 14.33
C GLU C 85 -37.80 -8.20 15.15
N MET C 86 -37.25 -9.06 15.99
CA MET C 86 -36.11 -8.70 16.83
C MET C 86 -34.82 -8.44 16.01
N LEU C 87 -34.53 -9.34 15.09
CA LEU C 87 -33.43 -9.12 14.19
C LEU C 87 -33.68 -7.86 13.30
N ALA C 88 -34.87 -7.76 12.72
CA ALA C 88 -35.17 -6.65 11.80
C ALA C 88 -35.05 -5.34 12.51
N LYS C 89 -35.69 -5.25 13.66
CA LYS C 89 -35.73 -3.99 14.37
C LYS C 89 -34.36 -3.55 14.79
N ARG C 90 -33.39 -4.46 14.74
CA ARG C 90 -32.03 -4.19 15.23
C ARG C 90 -30.89 -4.10 14.19
N PHE C 91 -31.00 -4.83 13.09
CA PHE C 91 -30.02 -4.84 12.03
C PHE C 91 -30.51 -4.34 10.67
N TRP C 92 -31.73 -3.84 10.57
CA TRP C 92 -32.22 -3.33 9.28
C TRP C 92 -32.25 -1.81 9.37
N PRO C 93 -31.78 -1.10 8.35
CA PRO C 93 -31.32 -1.66 7.07
C PRO C 93 -29.96 -2.22 7.24
N GLY C 94 -29.63 -3.36 6.64
CA GLY C 94 -28.33 -3.96 6.87
C GLY C 94 -28.08 -5.21 6.09
N PRO C 95 -26.89 -5.81 6.27
CA PRO C 95 -26.45 -7.03 5.51
C PRO C 95 -27.02 -8.29 6.05
N LEU C 96 -28.34 -8.35 6.10
CA LEU C 96 -29.05 -9.49 6.68
C LEU C 96 -30.33 -9.71 5.90
N THR C 97 -30.53 -10.97 5.58
CA THR C 97 -31.65 -11.42 4.83
C THR C 97 -32.33 -12.45 5.70
N LEU C 98 -33.67 -12.44 5.73
CA LEU C 98 -34.46 -13.39 6.56
C LEU C 98 -35.39 -14.26 5.74
N VAL C 99 -35.32 -15.59 5.99
CA VAL C 99 -36.23 -16.51 5.36
C VAL C 99 -37.42 -16.77 6.30
N LEU C 100 -38.59 -16.43 5.77
CA LEU C 100 -39.88 -16.45 6.44
C LEU C 100 -40.94 -17.12 5.54
N PRO C 101 -42.11 -17.52 6.13
CA PRO C 101 -43.21 -18.04 5.33
C PRO C 101 -43.83 -16.98 4.42
N LYS C 102 -43.90 -17.35 3.15
CA LYS C 102 -44.54 -16.63 2.03
C LYS C 102 -45.96 -16.21 2.34
N SER C 103 -46.34 -15.05 1.92
CA SER C 103 -47.74 -14.72 1.80
C SER C 103 -48.13 -15.01 0.35
N GLU C 104 -49.44 -14.99 0.06
CA GLU C 104 -49.99 -15.20 -1.31
C GLU C 104 -49.52 -14.14 -2.35
N VAL C 105 -49.23 -12.93 -1.89
CA VAL C 105 -48.78 -11.85 -2.77
C VAL C 105 -47.47 -12.17 -3.53
N VAL C 106 -46.62 -12.99 -2.92
CA VAL C 106 -45.31 -13.32 -3.46
C VAL C 106 -45.41 -14.43 -4.53
N PRO C 107 -45.02 -14.15 -5.77
CA PRO C 107 -45.06 -15.19 -6.79
C PRO C 107 -44.02 -16.29 -6.69
N ARG C 108 -44.38 -17.46 -7.19
CA ARG C 108 -43.53 -18.63 -7.06
C ARG C 108 -42.18 -18.49 -7.79
N VAL C 109 -42.18 -17.71 -8.86
CA VAL C 109 -41.05 -17.54 -9.71
C VAL C 109 -39.86 -16.94 -8.91
N ILE C 110 -40.16 -16.04 -7.97
CA ILE C 110 -39.19 -15.53 -6.99
C ILE C 110 -38.63 -16.59 -6.04
N THR C 111 -39.53 -17.38 -5.49
CA THR C 111 -39.18 -18.34 -4.47
C THR C 111 -38.68 -19.68 -5.00
N GLY C 112 -38.55 -19.85 -6.31
CA GLY C 112 -38.14 -21.15 -6.89
C GLY C 112 -39.12 -22.23 -6.49
N GLY C 113 -40.39 -21.84 -6.46
CA GLY C 113 -41.48 -22.75 -6.19
C GLY C 113 -41.75 -23.09 -4.74
N LEU C 114 -41.11 -22.41 -3.78
CA LEU C 114 -41.31 -22.75 -2.36
C LEU C 114 -42.39 -21.91 -1.71
N ASP C 115 -42.74 -22.30 -0.47
CA ASP C 115 -43.68 -21.54 0.40
C ASP C 115 -42.97 -20.59 1.34
N THR C 116 -41.71 -20.33 1.08
CA THR C 116 -40.87 -19.44 1.90
C THR C 116 -40.19 -18.38 1.05
N VAL C 117 -40.01 -17.23 1.66
CA VAL C 117 -39.55 -16.06 0.94
C VAL C 117 -38.37 -15.48 1.68
N ALA C 118 -37.35 -15.09 0.91
CA ALA C 118 -36.17 -14.45 1.45
C ALA C 118 -36.29 -12.94 1.26
N VAL C 119 -36.24 -12.18 2.35
CA VAL C 119 -36.48 -10.75 2.31
C VAL C 119 -35.34 -10.06 3.00
N ARG C 120 -35.11 -8.80 2.57
CA ARG C 120 -33.99 -7.96 3.03
C ARG C 120 -34.28 -6.45 2.89
N MET C 121 -33.73 -5.66 3.81
CA MET C 121 -33.75 -4.21 3.74
C MET C 121 -32.30 -3.62 3.57
N PRO C 122 -31.91 -3.27 2.32
CA PRO C 122 -30.49 -2.92 2.12
C PRO C 122 -30.16 -1.60 2.73
N ALA C 123 -29.04 -1.56 3.42
CA ALA C 123 -28.51 -0.33 3.96
C ALA C 123 -27.68 0.46 2.94
N HIS C 124 -28.37 0.90 1.91
CA HIS C 124 -27.82 1.75 0.88
C HIS C 124 -28.89 2.76 0.44
N GLU C 125 -28.54 4.02 0.47
CA GLU C 125 -29.52 5.07 0.19
C GLU C 125 -30.03 4.97 -1.26
N ILE C 126 -29.16 4.68 -2.20
CA ILE C 126 -29.60 4.45 -3.57
C ILE C 126 -30.60 3.30 -3.66
N ALA C 127 -30.26 2.18 -3.03
CA ALA C 127 -31.10 1.00 -3.13
C ALA C 127 -32.45 1.32 -2.49
N LEU C 128 -32.43 1.97 -1.34
CA LEU C 128 -33.64 2.30 -0.64
C LEU C 128 -34.45 3.32 -1.46
N LYS C 129 -33.79 4.35 -1.95
CA LYS C 129 -34.47 5.38 -2.73
C LYS C 129 -35.14 4.77 -3.97
N LEU C 130 -34.46 3.82 -4.59
CA LEU C 130 -35.00 3.09 -5.72
C LEU C 130 -36.25 2.34 -5.35
N ILE C 131 -36.28 1.75 -4.17
CA ILE C 131 -37.47 1.03 -3.71
C ILE C 131 -38.61 2.01 -3.44
N GLU C 132 -38.33 3.02 -2.63
CA GLU C 132 -39.36 4.03 -2.31
C GLU C 132 -40.03 4.59 -3.61
N LEU C 133 -39.23 5.24 -4.46
CA LEU C 133 -39.69 5.80 -5.74
C LEU C 133 -40.39 4.79 -6.64
N SER C 134 -39.86 3.60 -6.70
CA SER C 134 -40.40 2.57 -7.53
C SER C 134 -41.81 2.23 -7.06
N GLU C 135 -42.04 2.37 -5.74
CA GLU C 135 -43.28 1.85 -5.05
C GLU C 135 -43.55 0.32 -5.29
N ARG C 136 -42.51 -0.45 -5.49
CA ARG C 136 -42.60 -1.90 -5.60
C ARG C 136 -41.49 -2.49 -4.75
N PRO C 137 -41.76 -3.63 -4.11
CA PRO C 137 -40.62 -4.36 -3.65
C PRO C 137 -39.84 -4.95 -4.85
N ILE C 138 -38.53 -5.11 -4.66
CA ILE C 138 -37.58 -5.44 -5.70
C ILE C 138 -36.84 -6.75 -5.44
N ALA C 139 -37.11 -7.74 -6.26
CA ALA C 139 -36.37 -9.00 -6.25
C ALA C 139 -35.03 -8.82 -6.93
N ALA C 140 -33.99 -9.34 -6.31
CA ALA C 140 -32.66 -9.08 -6.84
C ALA C 140 -31.65 -10.00 -6.27
N PRO C 141 -31.09 -10.87 -7.10
CA PRO C 141 -29.86 -11.55 -6.77
C PRO C 141 -28.60 -10.74 -7.22
N SER C 142 -27.44 -11.35 -7.02
CA SER C 142 -26.15 -10.85 -7.45
C SER C 142 -26.28 -10.40 -8.95
N ALA C 143 -25.81 -9.20 -9.29
CA ALA C 143 -25.81 -8.76 -10.71
C ALA C 143 -24.66 -9.33 -11.52
N ASN C 144 -24.55 -10.65 -11.54
CA ASN C 144 -23.59 -11.34 -12.40
C ASN C 144 -24.24 -12.45 -13.25
N ILE C 145 -23.45 -12.99 -14.14
CA ILE C 145 -23.79 -14.20 -14.85
C ILE C 145 -23.69 -15.39 -13.90
N SER C 146 -24.65 -16.29 -13.94
CA SER C 146 -24.70 -17.40 -13.00
C SER C 146 -23.38 -18.16 -13.01
N GLY C 147 -22.96 -18.55 -11.81
CA GLY C 147 -21.74 -19.30 -11.61
C GLY C 147 -20.48 -18.46 -11.41
N LYS C 148 -20.55 -17.17 -11.76
CA LYS C 148 -19.38 -16.30 -11.83
C LYS C 148 -19.24 -15.38 -10.59
N PRO C 149 -18.09 -14.70 -10.47
CA PRO C 149 -17.89 -13.91 -9.26
C PRO C 149 -18.88 -12.77 -9.11
N SER C 150 -19.18 -12.41 -7.88
CA SER C 150 -20.17 -11.39 -7.63
C SER C 150 -19.60 -10.00 -7.99
N PRO C 151 -20.51 -9.05 -8.26
CA PRO C 151 -20.10 -7.73 -8.65
C PRO C 151 -20.13 -6.82 -7.46
N THR C 152 -19.03 -6.13 -7.23
CA THR C 152 -18.89 -5.12 -6.22
C THR C 152 -18.64 -3.76 -6.86
N SER C 153 -18.80 -3.65 -8.18
CA SER C 153 -18.95 -2.33 -8.86
C SER C 153 -19.86 -2.37 -10.09
N ALA C 154 -20.21 -1.18 -10.55
CA ALA C 154 -20.88 -0.99 -11.85
C ALA C 154 -20.06 -1.58 -13.04
N HIS C 155 -18.74 -1.42 -12.94
CA HIS C 155 -17.83 -1.94 -13.96
C HIS C 155 -18.05 -3.40 -14.08
N HIS C 156 -18.12 -4.13 -12.97
CA HIS C 156 -18.37 -5.59 -13.04
C HIS C 156 -19.73 -5.99 -13.64
N VAL C 157 -20.75 -5.21 -13.37
CA VAL C 157 -22.08 -5.46 -13.85
C VAL C 157 -22.06 -5.22 -15.35
N ALA C 158 -21.46 -4.10 -15.75
CA ALA C 158 -21.35 -3.76 -17.17
C ALA C 158 -20.55 -4.80 -17.94
N GLU C 159 -19.43 -5.27 -17.43
CA GLU C 159 -18.69 -6.31 -18.15
C GLU C 159 -19.56 -7.56 -18.42
N ASP C 160 -20.45 -7.89 -17.51
CA ASP C 160 -21.37 -9.04 -17.67
C ASP C 160 -22.66 -8.77 -18.47
N PHE C 161 -23.18 -7.53 -18.41
CA PHE C 161 -24.58 -7.25 -18.78
C PHE C 161 -24.86 -5.99 -19.57
N TYR C 162 -23.87 -5.11 -19.77
CA TYR C 162 -24.07 -3.94 -20.65
C TYR C 162 -24.59 -4.40 -22.01
N GLY C 163 -25.71 -3.87 -22.45
CA GLY C 163 -26.28 -4.25 -23.74
C GLY C 163 -27.30 -5.37 -23.64
N LYS C 164 -27.41 -5.98 -22.46
CA LYS C 164 -28.35 -7.07 -22.14
C LYS C 164 -29.49 -6.67 -21.17
N ILE C 165 -29.35 -5.59 -20.40
CA ILE C 165 -30.34 -5.19 -19.39
C ILE C 165 -30.55 -3.69 -19.54
N GLU C 166 -31.64 -3.20 -19.01
CA GLU C 166 -32.09 -1.85 -19.31
C GLU C 166 -31.31 -0.78 -18.61
N CYS C 167 -30.93 -1.04 -17.35
CA CYS C 167 -30.39 0.01 -16.51
C CYS C 167 -29.30 -0.54 -15.61
N ILE C 168 -28.28 0.30 -15.38
CA ILE C 168 -27.27 0.04 -14.38
C ILE C 168 -27.06 1.34 -13.62
N ILE C 169 -27.45 1.36 -12.34
CA ILE C 169 -27.18 2.54 -11.50
C ILE C 169 -25.77 2.36 -10.97
N ASP C 170 -24.92 3.34 -11.19
CA ASP C 170 -23.52 3.22 -10.82
C ASP C 170 -23.32 3.99 -9.54
N GLY C 171 -23.14 3.28 -8.44
CA GLY C 171 -22.96 3.90 -7.16
C GLY C 171 -21.60 3.68 -6.61
N GLY C 172 -20.68 3.20 -7.43
CA GLY C 172 -19.32 3.05 -7.01
C GLY C 172 -19.13 1.71 -6.38
N GLU C 173 -18.00 1.54 -5.71
CA GLU C 173 -17.67 0.23 -5.14
C GLU C 173 -18.50 -0.03 -3.88
N THR C 174 -18.91 -1.28 -3.67
CA THR C 174 -19.76 -1.54 -2.49
C THR C 174 -18.91 -1.55 -1.19
N ARG C 175 -19.47 -1.09 -0.09
CA ARG C 175 -18.66 -0.99 1.14
C ARG C 175 -18.23 -2.26 1.84
N ILE C 176 -19.01 -3.34 1.78
CA ILE C 176 -18.63 -4.60 2.49
C ILE C 176 -18.07 -5.63 1.54
N GLY C 177 -18.76 -5.86 0.41
CA GLY C 177 -18.20 -6.68 -0.66
C GLY C 177 -18.57 -8.13 -0.65
N VAL C 178 -19.40 -8.53 0.32
CA VAL C 178 -19.96 -9.87 0.36
C VAL C 178 -21.40 -9.77 0.65
N GLU C 179 -22.07 -10.81 0.23
CA GLU C 179 -23.50 -10.85 0.32
C GLU C 179 -24.02 -10.88 1.76
N SER C 180 -25.23 -10.36 1.89
CA SER C 180 -25.97 -10.46 3.12
C SER C 180 -25.91 -11.89 3.71
N THR C 181 -25.69 -11.96 5.02
CA THR C 181 -25.95 -13.14 5.86
C THR C 181 -27.43 -13.55 5.77
N VAL C 182 -27.71 -14.82 5.53
CA VAL C 182 -29.07 -15.31 5.38
C VAL C 182 -29.41 -16.18 6.54
N ILE C 183 -30.51 -15.85 7.23
CA ILE C 183 -30.99 -16.59 8.37
C ILE C 183 -32.37 -17.15 8.08
N ASP C 184 -32.49 -18.47 8.20
CA ASP C 184 -33.76 -19.14 8.08
C ASP C 184 -34.51 -19.07 9.42
N LEU C 185 -35.72 -18.49 9.41
CA LEU C 185 -36.55 -18.43 10.60
C LEU C 185 -37.85 -19.25 10.49
N THR C 186 -37.85 -20.24 9.59
CA THR C 186 -39.00 -21.18 9.47
C THR C 186 -38.67 -22.47 10.18
N GLU C 187 -37.77 -22.35 11.12
CA GLU C 187 -37.29 -23.42 11.91
C GLU C 187 -37.00 -22.86 13.25
N TRP C 188 -36.86 -23.80 14.17
CA TRP C 188 -36.40 -23.52 15.48
C TRP C 188 -35.44 -24.67 15.88
N PRO C 189 -34.25 -24.37 16.40
CA PRO C 189 -33.60 -23.04 16.28
C PRO C 189 -33.42 -22.56 14.82
N PRO C 190 -33.19 -21.26 14.63
CA PRO C 190 -32.92 -20.76 13.30
C PRO C 190 -31.62 -21.29 12.72
N VAL C 191 -31.50 -21.19 11.41
CA VAL C 191 -30.32 -21.71 10.69
C VAL C 191 -29.68 -20.61 9.86
N LEU C 192 -28.38 -20.56 9.91
CA LEU C 192 -27.64 -19.73 9.03
C LEU C 192 -27.59 -20.46 7.71
N LEU C 193 -28.10 -19.84 6.63
CA LEU C 193 -28.07 -20.45 5.29
C LEU C 193 -26.91 -20.04 4.42
N ARG C 194 -26.41 -18.83 4.59
CA ARG C 194 -25.27 -18.34 3.86
C ARG C 194 -24.63 -17.29 4.75
N PRO C 195 -23.34 -17.41 5.06
CA PRO C 195 -22.71 -16.41 5.89
C PRO C 195 -22.47 -15.18 5.05
N GLY C 196 -22.39 -14.02 5.68
CA GLY C 196 -22.31 -12.81 4.94
C GLY C 196 -21.92 -11.64 5.74
N GLY C 197 -22.33 -10.46 5.29
CA GLY C 197 -21.78 -9.27 5.85
C GLY C 197 -22.18 -9.00 7.28
N LEU C 198 -23.03 -9.79 7.90
CA LEU C 198 -23.37 -9.55 9.32
C LEU C 198 -22.84 -10.77 9.96
N PRO C 199 -21.79 -10.61 10.77
CA PRO C 199 -21.16 -11.78 11.42
C PRO C 199 -22.12 -12.57 12.32
N LEU C 200 -21.98 -13.88 12.32
CA LEU C 200 -22.86 -14.74 13.07
C LEU C 200 -22.89 -14.37 14.55
N GLU C 201 -21.73 -14.16 15.15
CA GLU C 201 -21.58 -13.77 16.57
C GLU C 201 -22.50 -12.63 16.97
N GLU C 202 -22.59 -11.62 16.12
CA GLU C 202 -23.49 -10.51 16.34
C GLU C 202 -24.97 -10.90 16.36
N ILE C 203 -25.35 -11.91 15.63
CA ILE C 203 -26.73 -12.27 15.55
C ILE C 203 -27.10 -13.09 16.77
N GLU C 204 -26.23 -14.04 17.09
CA GLU C 204 -26.40 -14.94 18.22
C GLU C 204 -26.59 -14.20 19.54
N LYS C 205 -25.89 -13.08 19.70
CA LYS C 205 -26.07 -12.27 20.91
C LYS C 205 -27.48 -11.77 21.09
N VAL C 206 -28.16 -11.61 19.97
CA VAL C 206 -29.50 -11.09 19.96
C VAL C 206 -30.57 -12.13 20.13
N ILE C 207 -30.48 -13.26 19.43
CA ILE C 207 -31.57 -14.25 19.51
C ILE C 207 -31.15 -15.61 20.00
N GLY C 208 -29.91 -15.72 20.47
CA GLY C 208 -29.43 -16.98 20.95
C GLY C 208 -28.80 -17.84 19.89
N GLU C 209 -28.85 -19.16 20.11
CA GLU C 209 -28.05 -20.17 19.44
C GLU C 209 -28.61 -20.30 18.07
N ILE C 210 -27.75 -20.17 17.07
CA ILE C 210 -28.14 -20.38 15.71
C ILE C 210 -27.39 -21.60 15.20
N ARG C 211 -28.10 -22.52 14.58
CA ARG C 211 -27.39 -23.63 13.98
C ARG C 211 -26.94 -23.26 12.53
N ILE C 212 -25.88 -23.90 12.08
CA ILE C 212 -25.29 -23.63 10.80
C ILE C 212 -25.61 -24.73 9.82
N HIS C 213 -26.21 -24.36 8.68
CA HIS C 213 -26.57 -25.34 7.66
C HIS C 213 -25.30 -25.97 7.05
N PRO C 214 -25.27 -27.29 6.85
CA PRO C 214 -24.03 -27.92 6.32
C PRO C 214 -23.60 -27.48 4.88
N ALA C 215 -24.57 -27.13 4.05
CA ALA C 215 -24.33 -26.34 2.85
C ALA C 215 -23.25 -25.32 3.04
N VAL C 216 -23.22 -24.66 4.18
CA VAL C 216 -22.20 -23.66 4.38
C VAL C 216 -20.78 -24.19 4.21
N TYR C 217 -20.57 -25.45 4.60
CA TYR C 217 -19.28 -26.14 4.41
C TYR C 217 -19.20 -27.07 3.18
N GLY C 218 -20.09 -26.87 2.21
CA GLY C 218 -20.04 -27.59 0.94
C GLY C 218 -20.96 -28.78 0.75
N LYS C 219 -21.76 -29.14 1.76
CA LYS C 219 -22.76 -30.18 1.57
C LYS C 219 -23.71 -29.80 0.44
N SER C 220 -23.93 -30.73 -0.48
CA SER C 220 -24.76 -30.51 -1.63
C SER C 220 -26.21 -30.61 -1.17
N VAL C 221 -27.08 -29.81 -1.80
CA VAL C 221 -28.47 -29.67 -1.40
C VAL C 221 -29.34 -29.85 -2.63
N ASP C 222 -30.44 -30.57 -2.46
CA ASP C 222 -31.42 -30.79 -3.54
C ASP C 222 -32.41 -29.61 -3.64
N THR C 223 -32.73 -29.03 -2.48
CA THR C 223 -33.64 -27.91 -2.37
C THR C 223 -32.98 -26.75 -1.61
N ALA C 224 -33.24 -25.53 -2.07
CA ALA C 224 -32.55 -24.34 -1.58
C ALA C 224 -33.51 -23.24 -1.12
N LYS C 225 -33.52 -22.98 0.18
CA LYS C 225 -34.32 -21.85 0.71
C LYS C 225 -33.67 -20.51 0.51
N ALA C 226 -32.44 -20.51 0.03
CA ALA C 226 -31.75 -19.24 -0.19
C ALA C 226 -30.72 -19.36 -1.27
N PRO C 227 -30.30 -18.21 -1.81
CA PRO C 227 -29.18 -18.20 -2.70
C PRO C 227 -27.89 -18.61 -2.03
N GLY C 228 -26.95 -19.03 -2.84
CA GLY C 228 -25.64 -19.48 -2.38
C GLY C 228 -25.52 -20.92 -1.98
N MET C 229 -26.61 -21.68 -1.99
CA MET C 229 -26.58 -23.04 -1.45
C MET C 229 -26.48 -24.12 -2.52
N LYS C 230 -27.29 -24.03 -3.55
CA LYS C 230 -27.31 -25.05 -4.58
C LYS C 230 -26.63 -24.49 -5.79
N TYR C 231 -25.99 -25.36 -6.58
CA TYR C 231 -25.21 -24.96 -7.79
C TYR C 231 -23.89 -24.29 -7.43
N ARG C 232 -23.06 -24.14 -8.45
CA ARG C 232 -21.74 -23.51 -8.29
C ARG C 232 -21.90 -22.00 -8.32
N HIS C 233 -21.07 -21.31 -7.55
CA HIS C 233 -21.09 -19.86 -7.51
C HIS C 233 -19.69 -19.29 -7.34
N TYR C 234 -19.58 -17.99 -7.66
CA TYR C 234 -18.42 -17.18 -7.31
C TYR C 234 -17.12 -17.59 -8.05
N ALA C 235 -17.25 -18.46 -9.06
CA ALA C 235 -16.12 -19.15 -9.65
C ALA C 235 -15.62 -18.41 -10.89
N PRO C 236 -14.35 -17.98 -10.85
CA PRO C 236 -13.72 -17.52 -12.10
C PRO C 236 -13.40 -18.73 -13.04
N SER C 237 -13.24 -18.47 -14.33
CA SER C 237 -12.86 -19.50 -15.33
C SER C 237 -11.67 -20.34 -14.87
N ALA C 238 -10.64 -19.66 -14.40
CA ALA C 238 -9.46 -20.32 -13.87
C ALA C 238 -9.77 -21.31 -12.74
N GLU C 239 -8.86 -22.25 -12.53
CA GLU C 239 -8.97 -23.20 -11.45
C GLU C 239 -8.69 -22.35 -10.22
N VAL C 240 -9.32 -22.66 -9.10
CA VAL C 240 -8.94 -22.06 -7.81
C VAL C 240 -8.54 -23.17 -6.85
N ILE C 241 -7.39 -22.99 -6.18
CA ILE C 241 -6.96 -23.90 -5.15
C ILE C 241 -6.80 -23.06 -3.90
N VAL C 242 -7.57 -23.37 -2.87
CA VAL C 242 -7.48 -22.65 -1.63
C VAL C 242 -6.57 -23.46 -0.73
N VAL C 243 -5.68 -22.78 -0.06
CA VAL C 243 -4.66 -23.38 0.76
C VAL C 243 -4.80 -22.71 2.13
N GLU C 244 -5.08 -23.51 3.16
CA GLU C 244 -5.34 -22.96 4.51
C GLU C 244 -4.54 -23.72 5.54
N GLY C 245 -4.25 -23.03 6.63
CA GLY C 245 -3.40 -23.55 7.72
C GLY C 245 -2.52 -22.44 8.27
N PRO C 246 -1.46 -22.80 9.02
CA PRO C 246 -0.49 -21.81 9.53
C PRO C 246 0.09 -20.95 8.41
N ARG C 247 0.26 -19.67 8.70
CA ARG C 247 0.66 -18.67 7.70
C ARG C 247 1.85 -19.11 6.85
N ASP C 248 2.90 -19.56 7.53
CA ASP C 248 4.17 -19.83 6.83
C ASP C 248 4.11 -21.14 6.05
N LYS C 249 3.45 -22.14 6.58
CA LYS C 249 3.27 -23.41 5.85
C LYS C 249 2.40 -23.22 4.60
N VAL C 250 1.37 -22.36 4.70
CA VAL C 250 0.53 -22.00 3.55
C VAL C 250 1.32 -21.26 2.46
N ARG C 251 2.12 -20.28 2.85
CA ARG C 251 2.92 -19.52 1.89
C ARG C 251 3.90 -20.41 1.14
N ARG C 252 4.58 -21.26 1.90
CA ARG C 252 5.52 -22.25 1.38
C ARG C 252 4.81 -23.14 0.37
N LYS C 253 3.62 -23.63 0.75
CA LYS C 253 2.81 -24.47 -0.12
C LYS C 253 2.42 -23.78 -1.42
N ILE C 254 2.06 -22.50 -1.34
CA ILE C 254 1.72 -21.75 -2.54
C ILE C 254 2.95 -21.61 -3.44
N GLU C 255 4.10 -21.32 -2.84
CA GLU C 255 5.41 -21.36 -3.58
C GLU C 255 5.67 -22.66 -4.37
N GLU C 256 5.65 -23.82 -3.69
CA GLU C 256 5.78 -25.14 -4.38
C GLU C 256 4.82 -25.26 -5.60
N LEU C 257 3.53 -25.00 -5.34
CA LEU C 257 2.49 -25.06 -6.38
C LEU C 257 2.73 -24.10 -7.55
N ILE C 258 3.15 -22.86 -7.26
CA ILE C 258 3.52 -21.95 -8.35
C ILE C 258 4.51 -22.64 -9.30
N ALA C 259 5.60 -23.14 -8.70
CA ALA C 259 6.65 -23.80 -9.44
C ALA C 259 6.08 -24.99 -10.20
N LYS C 260 5.39 -25.88 -9.49
CA LYS C 260 4.74 -27.05 -10.09
C LYS C 260 3.88 -26.73 -11.31
N PHE C 261 3.18 -25.59 -11.28
CA PHE C 261 2.28 -25.16 -12.34
C PHE C 261 2.98 -24.38 -13.49
N LYS C 262 4.08 -23.68 -13.19
CA LYS C 262 4.99 -23.17 -14.25
C LYS C 262 5.76 -24.28 -15.00
N GLU C 263 6.30 -25.25 -14.27
CA GLU C 263 6.87 -26.48 -14.86
C GLU C 263 5.94 -27.07 -15.92
N GLU C 264 4.66 -27.14 -15.58
CA GLU C 264 3.60 -27.59 -16.50
C GLU C 264 3.12 -26.54 -17.55
N GLY C 265 3.69 -25.34 -17.52
CA GLY C 265 3.45 -24.32 -18.56
C GLY C 265 2.21 -23.45 -18.39
N LYS C 266 1.59 -23.52 -17.21
CA LYS C 266 0.39 -22.76 -16.91
C LYS C 266 0.76 -21.39 -16.40
N LYS C 267 -0.10 -20.43 -16.72
CA LYS C 267 -0.06 -19.09 -16.16
C LYS C 267 -0.76 -19.16 -14.75
N VAL C 268 -0.15 -18.53 -13.76
CA VAL C 268 -0.50 -18.68 -12.35
C VAL C 268 -0.77 -17.33 -11.69
N GLY C 269 -1.90 -17.25 -11.00
CA GLY C 269 -2.26 -16.09 -10.21
C GLY C 269 -2.29 -16.50 -8.76
N VAL C 270 -2.00 -15.55 -7.88
CA VAL C 270 -2.26 -15.76 -6.46
C VAL C 270 -2.90 -14.54 -5.80
N ILE C 271 -3.77 -14.85 -4.84
CA ILE C 271 -4.52 -13.86 -4.07
C ILE C 271 -4.11 -14.04 -2.61
N GLY C 272 -3.59 -12.99 -2.02
CA GLY C 272 -3.19 -13.04 -0.64
C GLY C 272 -2.16 -12.00 -0.33
N SER C 273 -1.67 -12.08 0.89
CA SER C 273 -0.77 -11.08 1.43
C SER C 273 0.69 -11.45 1.27
N GLY C 274 0.98 -12.72 1.02
CA GLY C 274 2.34 -13.16 0.78
C GLY C 274 3.01 -12.50 -0.43
N SER C 275 4.30 -12.81 -0.53
CA SER C 275 5.22 -12.24 -1.48
C SER C 275 5.63 -13.35 -2.45
N TYR C 276 5.23 -13.24 -3.72
CA TYR C 276 5.31 -14.38 -4.65
C TYR C 276 5.79 -14.05 -6.06
N ASP C 277 6.56 -14.95 -6.64
CA ASP C 277 6.91 -14.87 -8.05
C ASP C 277 5.76 -15.51 -8.79
N ALA C 278 4.86 -14.67 -9.25
CA ALA C 278 3.79 -15.19 -10.08
C ALA C 278 3.40 -14.13 -11.06
N ASP C 279 2.71 -14.60 -12.08
CA ASP C 279 2.32 -13.76 -13.21
C ASP C 279 1.42 -12.63 -12.75
N GLU C 280 0.39 -12.98 -11.97
CA GLU C 280 -0.49 -12.05 -11.28
C GLU C 280 -0.49 -12.33 -9.77
N VAL C 281 -0.43 -11.26 -8.96
CA VAL C 281 -0.59 -11.32 -7.51
C VAL C 281 -1.47 -10.16 -7.04
N PHE C 282 -2.55 -10.49 -6.35
CA PHE C 282 -3.52 -9.50 -5.88
C PHE C 282 -3.54 -9.58 -4.37
N TYR C 283 -3.22 -8.47 -3.74
CA TYR C 283 -3.17 -8.34 -2.28
C TYR C 283 -4.58 -7.94 -1.80
N LEU C 284 -5.12 -8.63 -0.80
CA LEU C 284 -6.50 -8.38 -0.35
C LEU C 284 -6.60 -7.37 0.81
N GLY C 285 -5.50 -7.16 1.52
CA GLY C 285 -5.52 -6.41 2.80
C GLY C 285 -5.05 -7.22 4.01
N ASP C 286 -4.92 -6.51 5.13
CA ASP C 286 -4.57 -7.14 6.40
C ASP C 286 -5.82 -7.45 7.25
N THR C 287 -6.77 -6.49 7.32
CA THR C 287 -8.09 -6.71 8.01
C THR C 287 -9.14 -7.40 7.13
N VAL C 288 -9.84 -8.39 7.69
CA VAL C 288 -10.95 -9.08 6.99
C VAL C 288 -11.98 -8.13 6.37
N GLU C 289 -12.32 -7.03 7.04
CA GLU C 289 -13.12 -5.97 6.44
C GLU C 289 -12.59 -5.74 5.02
N GLU C 290 -11.31 -5.40 4.93
CA GLU C 290 -10.65 -5.11 3.62
C GLU C 290 -10.53 -6.31 2.67
N ILE C 291 -10.23 -7.50 3.21
CA ILE C 291 -10.17 -8.70 2.42
C ILE C 291 -11.54 -8.94 1.76
N ALA C 292 -12.58 -8.81 2.57
CA ALA C 292 -13.90 -9.08 2.12
C ALA C 292 -14.27 -8.05 1.06
N ARG C 293 -13.87 -6.82 1.31
CA ARG C 293 -14.13 -5.74 0.38
C ARG C 293 -13.48 -5.93 -1.01
N ASN C 294 -12.32 -6.58 -1.05
CA ASN C 294 -11.58 -6.78 -2.30
C ASN C 294 -11.69 -8.16 -2.90
N LEU C 295 -12.28 -9.09 -2.17
CA LEU C 295 -12.39 -10.45 -2.65
C LEU C 295 -12.89 -10.50 -4.08
N PHE C 296 -14.06 -9.99 -4.42
CA PHE C 296 -14.62 -10.31 -5.76
C PHE C 296 -13.91 -9.54 -6.87
N LYS C 297 -13.54 -8.32 -6.53
CA LYS C 297 -12.64 -7.55 -7.36
C LYS C 297 -11.39 -8.32 -7.76
N ALA C 298 -10.75 -8.95 -6.82
CA ALA C 298 -9.57 -9.76 -7.11
C ALA C 298 -9.89 -10.98 -8.00
N LEU C 299 -10.98 -11.68 -7.69
CA LEU C 299 -11.36 -12.86 -8.48
C LEU C 299 -11.63 -12.45 -9.93
N ARG C 300 -12.27 -11.30 -10.09
CA ARG C 300 -12.63 -10.79 -11.38
C ARG C 300 -11.43 -10.27 -12.16
N HIS C 301 -10.49 -9.66 -11.43
CA HIS C 301 -9.22 -9.26 -12.00
C HIS C 301 -8.45 -10.46 -12.59
N MET C 302 -8.46 -11.59 -11.89
CA MET C 302 -7.82 -12.79 -12.41
C MET C 302 -8.45 -13.33 -13.69
N ASP C 303 -9.78 -13.31 -13.78
CA ASP C 303 -10.46 -13.66 -15.07
C ASP C 303 -10.20 -12.80 -16.31
N ARG C 304 -10.07 -11.49 -16.10
CA ARG C 304 -9.74 -10.53 -17.15
C ARG C 304 -8.30 -10.73 -17.69
N THR C 305 -7.35 -11.05 -16.80
CA THR C 305 -6.04 -11.55 -17.22
C THR C 305 -6.31 -12.96 -17.71
N GLY C 306 -5.27 -13.68 -18.11
CA GLY C 306 -5.46 -15.03 -18.62
C GLY C 306 -4.79 -16.07 -17.76
N VAL C 307 -4.85 -15.90 -16.43
CA VAL C 307 -4.23 -16.91 -15.57
C VAL C 307 -5.08 -18.16 -15.73
N ASP C 308 -4.40 -19.32 -15.63
CA ASP C 308 -5.02 -20.66 -15.73
C ASP C 308 -5.40 -21.29 -14.38
N VAL C 309 -4.82 -20.73 -13.33
CA VAL C 309 -4.98 -21.30 -12.02
C VAL C 309 -4.63 -20.21 -11.05
N ILE C 310 -5.47 -20.10 -10.02
CA ILE C 310 -5.42 -19.03 -9.02
C ILE C 310 -5.29 -19.73 -7.68
N LEU C 311 -4.30 -19.31 -6.89
CA LEU C 311 -4.10 -19.89 -5.57
C LEU C 311 -4.46 -18.82 -4.57
N ALA C 312 -5.32 -19.16 -3.62
CA ALA C 312 -5.78 -18.20 -2.61
C ALA C 312 -5.32 -18.64 -1.23
N GLU C 313 -4.75 -17.72 -0.47
CA GLU C 313 -4.46 -17.98 0.91
C GLU C 313 -5.79 -18.03 1.60
N GLY C 314 -5.94 -18.95 2.54
CA GLY C 314 -7.04 -18.84 3.48
C GLY C 314 -6.90 -17.65 4.43
N VAL C 315 -7.85 -17.52 5.33
CA VAL C 315 -8.08 -16.33 6.16
C VAL C 315 -8.70 -16.80 7.48
N GLU C 316 -8.47 -16.02 8.55
CA GLU C 316 -9.08 -16.34 9.84
C GLU C 316 -10.59 -16.47 9.65
N GLU C 317 -11.10 -17.67 9.95
CA GLU C 317 -12.50 -18.01 9.68
C GLU C 317 -13.50 -17.43 10.73
N LYS C 318 -13.12 -16.30 11.34
CA LYS C 318 -13.94 -15.56 12.34
C LYS C 318 -14.42 -14.21 11.76
N GLY C 319 -15.60 -13.75 12.18
CA GLY C 319 -16.13 -12.46 11.74
C GLY C 319 -16.59 -12.51 10.28
N LEU C 320 -16.30 -11.44 9.54
CA LEU C 320 -16.42 -11.44 8.08
C LEU C 320 -15.60 -12.51 7.35
N GLY C 321 -14.63 -13.11 8.05
CA GLY C 321 -13.86 -14.23 7.56
C GLY C 321 -14.67 -15.47 7.28
N LEU C 322 -15.75 -15.69 8.02
CA LEU C 322 -16.56 -16.91 7.75
C LEU C 322 -17.16 -16.82 6.32
N ALA C 323 -17.56 -15.59 5.94
CA ALA C 323 -18.10 -15.28 4.59
C ALA C 323 -17.06 -15.41 3.51
N VAL C 324 -15.87 -14.82 3.72
CA VAL C 324 -14.83 -14.95 2.71
C VAL C 324 -14.43 -16.41 2.49
N MET C 325 -14.20 -17.13 3.56
CA MET C 325 -13.89 -18.55 3.37
C MET C 325 -14.98 -19.30 2.62
N ASN C 326 -16.22 -18.98 2.90
CA ASN C 326 -17.30 -19.70 2.25
C ASN C 326 -17.26 -19.46 0.75
N ARG C 327 -16.90 -18.24 0.32
CA ARG C 327 -16.95 -17.88 -1.09
C ARG C 327 -15.81 -18.52 -1.84
N LEU C 328 -14.58 -18.33 -1.33
CA LEU C 328 -13.40 -18.99 -1.92
C LEU C 328 -13.63 -20.51 -2.08
N ARG C 329 -14.00 -21.12 -0.97
CA ARG C 329 -14.25 -22.52 -0.91
C ARG C 329 -15.27 -22.93 -1.99
N LYS C 330 -16.32 -22.16 -2.15
CA LYS C 330 -17.35 -22.44 -3.18
C LYS C 330 -16.83 -22.18 -4.60
N ALA C 331 -16.00 -21.15 -4.72
CA ALA C 331 -15.44 -20.75 -5.97
C ALA C 331 -14.51 -21.81 -6.58
N SER C 332 -13.93 -22.69 -5.76
CA SER C 332 -13.13 -23.82 -6.25
C SER C 332 -13.86 -25.16 -6.46
N GLY C 333 -15.10 -25.25 -5.99
CA GLY C 333 -15.77 -26.55 -5.80
C GLY C 333 -15.09 -27.44 -4.73
N TYR C 334 -14.40 -26.80 -3.77
CA TYR C 334 -13.73 -27.47 -2.62
C TYR C 334 -12.37 -28.15 -2.92
N ARG C 335 -11.66 -27.59 -3.90
CA ARG C 335 -10.22 -27.87 -4.06
C ARG C 335 -9.53 -27.11 -2.92
N ILE C 336 -9.43 -27.77 -1.75
CA ILE C 336 -8.77 -27.17 -0.58
C ILE C 336 -7.62 -27.99 -0.13
N ILE C 337 -6.45 -27.39 -0.11
CA ILE C 337 -5.28 -27.99 0.48
C ILE C 337 -5.13 -27.44 1.86
N LYS C 338 -5.21 -28.33 2.85
CA LYS C 338 -4.98 -28.00 4.26
C LYS C 338 -3.56 -28.41 4.66
N VAL C 339 -2.74 -27.49 5.16
CA VAL C 339 -1.37 -27.85 5.69
C VAL C 339 -1.29 -27.68 7.20
N HIS C 340 -0.26 -28.28 7.80
CA HIS C 340 -0.13 -28.33 9.27
C HIS C 340 1.31 -28.06 9.77
N THR D 1 6.18 -2.97 15.26
CA THR D 1 6.26 -2.60 16.69
C THR D 1 6.46 -1.12 16.86
N ILE D 2 5.93 -0.58 17.94
CA ILE D 2 6.24 0.77 18.31
C ILE D 2 7.02 0.73 19.63
N ILE D 3 8.20 1.32 19.66
CA ILE D 3 8.95 1.35 20.92
C ILE D 3 8.76 2.70 21.58
N ILE D 4 8.12 2.72 22.75
CA ILE D 4 7.90 3.96 23.47
C ILE D 4 8.88 4.11 24.59
N ASN D 5 9.76 5.11 24.51
CA ASN D 5 10.72 5.39 25.55
C ASN D 5 10.04 6.25 26.58
N VAL D 6 10.05 5.78 27.82
CA VAL D 6 9.67 6.57 28.97
C VAL D 6 10.70 6.41 30.09
N ARG D 7 11.93 5.97 29.80
CA ARG D 7 13.04 5.95 30.81
C ARG D 7 13.13 7.21 31.69
N GLU D 8 12.80 8.34 31.07
CA GLU D 8 12.60 9.63 31.71
C GLU D 8 11.17 9.69 32.28
N ARG D 9 10.93 10.49 33.32
CA ARG D 9 9.61 10.59 33.99
C ARG D 9 8.39 10.47 33.07
N ILE D 10 7.28 10.09 33.69
CA ILE D 10 6.17 9.48 32.95
C ILE D 10 5.23 10.49 32.34
N GLU D 11 5.08 10.40 31.02
CA GLU D 11 4.12 11.22 30.31
C GLU D 11 2.87 10.40 30.04
N GLU D 12 1.86 10.62 30.85
CA GLU D 12 0.55 10.02 30.65
C GLU D 12 0.20 9.70 29.19
N TRP D 13 0.43 10.62 28.25
CA TRP D 13 -0.02 10.43 26.85
C TRP D 13 0.74 9.25 26.17
N LYS D 14 1.99 9.05 26.54
CA LYS D 14 2.76 7.88 26.05
C LYS D 14 2.19 6.51 26.52
N ILE D 15 2.02 6.37 27.84
CA ILE D 15 1.38 5.20 28.43
C ILE D 15 -0.04 5.02 27.87
N ARG D 16 -0.71 6.14 27.66
CA ARG D 16 -2.05 6.08 27.08
C ARG D 16 -2.06 5.35 25.74
N ILE D 17 -0.99 5.46 24.95
CA ILE D 17 -0.93 4.75 23.63
C ILE D 17 -0.86 3.25 23.82
N ALA D 18 -0.18 2.83 24.89
CA ALA D 18 0.04 1.40 25.21
C ALA D 18 -1.26 0.75 25.72
N ALA D 19 -1.91 1.48 26.62
CA ALA D 19 -3.23 1.17 27.17
C ALA D 19 -4.28 0.92 26.09
N GLY D 20 -4.22 1.74 25.07
CA GLY D 20 -5.03 1.55 23.89
C GLY D 20 -4.85 0.19 23.30
N PHE D 21 -3.59 -0.17 23.06
CA PHE D 21 -3.24 -1.46 22.45
C PHE D 21 -3.73 -2.57 23.35
N ILE D 22 -3.60 -2.39 24.66
CA ILE D 22 -4.08 -3.42 25.55
C ILE D 22 -5.60 -3.58 25.47
N ARG D 23 -6.33 -2.47 25.46
CA ARG D 23 -7.78 -2.54 25.30
C ARG D 23 -8.21 -3.13 23.96
N GLU D 24 -7.40 -2.97 22.90
CA GLU D 24 -7.67 -3.59 21.60
C GLU D 24 -7.32 -5.09 21.49
N GLY D 25 -6.80 -5.71 22.54
CA GLY D 25 -6.43 -7.15 22.49
C GLY D 25 -5.08 -7.42 21.86
N LYS D 26 -4.22 -6.41 21.95
CA LYS D 26 -2.88 -6.43 21.40
C LYS D 26 -1.83 -6.63 22.53
N LEU D 27 -0.60 -6.98 22.16
CA LEU D 27 0.45 -7.25 23.13
C LEU D 27 1.30 -6.06 23.38
N VAL D 28 1.66 -5.87 24.66
CA VAL D 28 2.48 -4.74 25.06
C VAL D 28 3.50 -5.23 26.06
N ALA D 29 4.78 -5.05 25.72
CA ALA D 29 5.87 -5.42 26.61
C ALA D 29 6.10 -4.28 27.54
N PHE D 30 6.40 -4.53 28.81
CA PHE D 30 6.50 -3.44 29.79
C PHE D 30 7.45 -3.76 30.88
N PRO D 31 8.08 -2.75 31.47
CA PRO D 31 9.04 -3.00 32.49
C PRO D 31 8.32 -3.23 33.78
N THR D 32 9.02 -3.93 34.68
CA THR D 32 8.68 -4.04 36.08
C THR D 32 9.99 -3.99 36.83
N GLU D 33 9.94 -4.13 38.15
CA GLU D 33 11.14 -4.16 38.98
C GLU D 33 11.92 -5.49 38.93
N THR D 34 11.30 -6.53 38.39
CA THR D 34 11.90 -7.85 38.29
C THR D 34 12.48 -7.99 36.92
N VAL D 35 11.60 -8.23 35.94
CA VAL D 35 11.97 -8.42 34.54
C VAL D 35 10.84 -7.83 33.69
N TYR D 36 11.04 -7.76 32.39
CA TYR D 36 10.03 -7.18 31.55
C TYR D 36 9.02 -8.27 31.35
N GLY D 37 7.78 -7.88 31.24
CA GLY D 37 6.71 -8.81 30.89
C GLY D 37 6.03 -8.49 29.59
N LEU D 38 5.46 -9.51 28.98
CA LEU D 38 4.77 -9.36 27.72
C LEU D 38 3.28 -9.39 28.02
N GLY D 39 2.67 -8.20 28.08
CA GLY D 39 1.26 -8.02 28.49
C GLY D 39 0.09 -8.20 27.51
N ALA D 40 -0.99 -8.78 28.02
CA ALA D 40 -2.31 -8.63 27.41
C ALA D 40 -3.38 -8.45 28.44
N ASN D 41 -4.51 -7.96 27.96
CA ASN D 41 -5.73 -7.83 28.71
C ASN D 41 -6.19 -9.20 29.21
N ALA D 42 -6.18 -9.39 30.52
CA ALA D 42 -6.38 -10.71 31.08
C ALA D 42 -7.81 -11.16 30.98
N LEU D 43 -8.73 -10.21 30.79
CA LEU D 43 -10.14 -10.52 30.49
C LEU D 43 -10.41 -11.05 29.04
N ASP D 44 -9.52 -10.72 28.10
CA ASP D 44 -9.66 -11.05 26.66
C ASP D 44 -8.87 -12.34 26.34
N GLU D 45 -9.57 -13.45 26.40
CA GLU D 45 -9.04 -14.77 26.17
C GLU D 45 -8.27 -14.88 24.88
N ASN D 46 -8.80 -14.29 23.83
CA ASN D 46 -8.08 -14.25 22.55
C ASN D 46 -6.75 -13.49 22.58
N ALA D 47 -6.67 -12.42 23.36
CA ALA D 47 -5.47 -11.61 23.43
C ALA D 47 -4.40 -12.29 24.28
N VAL D 48 -4.85 -13.05 25.27
CA VAL D 48 -3.98 -13.89 26.09
C VAL D 48 -3.35 -15.01 25.25
N LYS D 49 -4.15 -15.72 24.46
CA LYS D 49 -3.60 -16.79 23.56
C LYS D 49 -2.48 -16.31 22.68
N ARG D 50 -2.48 -15.02 22.35
CA ARG D 50 -1.46 -14.44 21.52
C ARG D 50 -0.11 -14.36 22.19
N ILE D 51 -0.13 -14.32 23.51
CA ILE D 51 1.09 -14.36 24.32
C ILE D 51 1.73 -15.72 24.11
N PHE D 52 0.92 -16.75 24.27
CA PHE D 52 1.43 -18.08 24.10
C PHE D 52 2.04 -18.25 22.67
N GLU D 53 1.31 -17.86 21.64
CA GLU D 53 1.78 -17.92 20.24
C GLU D 53 3.05 -17.11 20.05
N ALA D 54 3.06 -15.86 20.52
CA ALA D 54 4.25 -15.04 20.31
C ALA D 54 5.48 -15.65 20.96
N LYS D 55 5.33 -16.24 22.14
CA LYS D 55 6.43 -16.86 22.84
C LYS D 55 6.80 -18.30 22.42
N GLY D 56 5.89 -19.04 21.82
CA GLY D 56 6.10 -20.48 21.73
C GLY D 56 5.91 -21.22 23.06
N ARG D 57 4.92 -20.76 23.84
CA ARG D 57 4.71 -21.30 25.17
C ARG D 57 3.67 -22.40 25.18
N PRO D 58 3.98 -23.51 25.83
CA PRO D 58 3.00 -24.49 26.10
C PRO D 58 1.82 -23.88 26.81
N ALA D 59 0.62 -24.33 26.43
CA ALA D 59 -0.64 -23.82 27.00
C ALA D 59 -0.80 -24.09 28.46
N ASP D 60 -0.17 -25.16 28.97
CA ASP D 60 -0.34 -25.51 30.39
C ASP D 60 0.63 -24.76 31.32
N ASN D 61 1.49 -23.91 30.79
CA ASN D 61 2.37 -23.10 31.66
C ASN D 61 1.73 -21.70 31.95
N PRO D 62 1.20 -21.53 33.15
CA PRO D 62 0.37 -20.33 33.43
C PRO D 62 1.02 -19.00 33.38
N LEU D 63 0.20 -17.99 33.37
CA LEU D 63 0.62 -16.63 33.44
C LEU D 63 0.18 -15.99 34.75
N ILE D 64 0.86 -14.91 35.08
CA ILE D 64 0.66 -14.19 36.28
C ILE D 64 -0.14 -12.98 35.85
N ILE D 65 -1.25 -12.73 36.55
CA ILE D 65 -2.09 -11.56 36.33
C ILE D 65 -1.57 -10.40 37.21
N HIS D 66 -1.36 -9.24 36.59
CA HIS D 66 -0.83 -8.08 37.25
C HIS D 66 -1.94 -7.10 37.56
N ILE D 67 -1.93 -6.57 38.76
CA ILE D 67 -2.96 -5.69 39.22
C ILE D 67 -2.39 -4.45 39.82
N ALA D 68 -3.24 -3.43 39.92
CA ALA D 68 -2.80 -2.12 40.43
C ALA D 68 -3.41 -1.71 41.76
N SER D 69 -4.42 -2.42 42.24
CA SER D 69 -4.96 -2.14 43.57
C SER D 69 -5.46 -3.40 44.18
N PHE D 70 -5.58 -3.40 45.51
CA PHE D 70 -6.03 -4.58 46.23
C PHE D 70 -7.47 -4.98 45.89
N GLU D 71 -8.37 -4.02 45.73
CA GLU D 71 -9.74 -4.36 45.35
C GLU D 71 -9.80 -5.22 44.10
N GLN D 72 -8.78 -5.17 43.24
CA GLN D 72 -8.75 -6.03 42.04
C GLN D 72 -8.55 -7.54 42.32
N LEU D 73 -7.85 -7.87 43.39
CA LEU D 73 -7.65 -9.27 43.76
C LEU D 73 -8.94 -10.05 43.93
N GLU D 74 -9.88 -9.47 44.66
CA GLU D 74 -11.17 -10.07 45.01
C GLU D 74 -11.93 -10.45 43.76
N VAL D 75 -11.67 -9.71 42.67
CA VAL D 75 -12.29 -9.95 41.36
C VAL D 75 -11.74 -11.24 40.74
N LEU D 76 -10.43 -11.42 40.84
CA LEU D 76 -9.74 -12.52 40.19
C LEU D 76 -9.75 -13.77 41.04
N ALA D 77 -9.71 -13.61 42.35
CA ALA D 77 -9.59 -14.74 43.27
C ALA D 77 -10.74 -14.86 44.25
N LYS D 78 -11.02 -16.08 44.68
CA LYS D 78 -11.97 -16.36 45.78
C LYS D 78 -11.24 -17.05 46.94
N GLU D 79 -11.96 -17.33 48.00
CA GLU D 79 -11.47 -18.04 49.19
C GLU D 79 -10.06 -17.58 49.59
N ILE D 80 -9.88 -16.27 49.56
CA ILE D 80 -8.59 -15.63 49.89
C ILE D 80 -8.26 -15.77 51.41
N PRO D 81 -7.21 -16.53 51.78
CA PRO D 81 -6.84 -16.63 53.19
C PRO D 81 -6.29 -15.34 53.74
N GLU D 82 -6.12 -15.29 55.04
CA GLU D 82 -5.60 -14.10 55.73
C GLU D 82 -4.18 -13.82 55.33
N GLU D 83 -3.37 -14.86 55.28
CA GLU D 83 -1.96 -14.71 54.92
C GLU D 83 -1.77 -13.96 53.63
N ALA D 84 -2.72 -14.12 52.70
CA ALA D 84 -2.74 -13.36 51.47
C ALA D 84 -2.78 -11.87 51.77
N GLU D 85 -3.76 -11.47 52.56
CA GLU D 85 -3.88 -10.07 52.98
C GLU D 85 -2.64 -9.64 53.81
N MET D 86 -2.16 -10.50 54.69
CA MET D 86 -0.94 -10.18 55.49
C MET D 86 0.20 -9.85 54.54
N LEU D 87 0.56 -10.78 53.68
CA LEU D 87 1.61 -10.53 52.70
C LEU D 87 1.29 -9.36 51.78
N ALA D 88 0.09 -9.35 51.23
CA ALA D 88 -0.29 -8.28 50.31
C ALA D 88 -0.05 -6.92 50.93
N LYS D 89 -0.52 -6.70 52.15
CA LYS D 89 -0.36 -5.40 52.83
C LYS D 89 1.09 -5.14 53.05
N ARG D 90 1.79 -6.13 53.54
CA ARG D 90 3.18 -5.97 53.91
C ARG D 90 4.17 -5.81 52.70
N PHE D 91 3.87 -6.41 51.55
CA PHE D 91 4.85 -6.49 50.43
C PHE D 91 4.37 -5.95 49.08
N TRP D 92 3.10 -5.59 48.90
CA TRP D 92 2.64 -5.00 47.64
C TRP D 92 2.57 -3.48 47.71
N PRO D 93 2.88 -2.78 46.63
CA PRO D 93 3.44 -3.33 45.39
C PRO D 93 4.85 -3.84 45.58
N GLY D 94 5.22 -4.88 44.84
CA GLY D 94 6.50 -5.54 45.12
C GLY D 94 6.65 -6.82 44.40
N PRO D 95 7.79 -7.48 44.60
CA PRO D 95 8.14 -8.68 43.78
C PRO D 95 7.65 -9.98 44.41
N LEU D 96 6.34 -10.08 44.60
CA LEU D 96 5.73 -11.27 45.16
C LEU D 96 4.51 -11.61 44.36
N THR D 97 4.31 -12.88 44.13
CA THR D 97 3.17 -13.36 43.41
C THR D 97 2.49 -14.35 44.30
N LEU D 98 1.17 -14.27 44.36
CA LEU D 98 0.36 -15.13 45.20
C LEU D 98 -0.44 -16.07 44.35
N VAL D 99 -0.42 -17.36 44.68
CA VAL D 99 -1.26 -18.31 43.99
C VAL D 99 -2.44 -18.58 44.91
N LEU D 100 -3.63 -18.44 44.33
CA LEU D 100 -4.90 -18.45 45.01
C LEU D 100 -5.96 -19.16 44.18
N PRO D 101 -7.11 -19.49 44.80
CA PRO D 101 -8.15 -20.07 44.00
C PRO D 101 -8.81 -18.98 43.18
N LYS D 102 -9.18 -19.41 42.01
CA LYS D 102 -9.59 -18.57 40.92
C LYS D 102 -11.07 -18.23 40.97
N SER D 103 -11.46 -17.00 40.60
CA SER D 103 -12.87 -16.66 40.40
C SER D 103 -13.20 -17.11 39.00
N GLU D 104 -14.48 -17.21 38.67
CA GLU D 104 -14.95 -17.46 37.30
C GLU D 104 -14.58 -16.34 36.30
N VAL D 105 -14.24 -15.16 36.82
CA VAL D 105 -13.78 -14.00 36.04
C VAL D 105 -12.52 -14.27 35.23
N VAL D 106 -11.61 -15.07 35.76
CA VAL D 106 -10.33 -15.38 35.09
C VAL D 106 -10.47 -16.54 34.07
N PRO D 107 -10.08 -16.30 32.83
CA PRO D 107 -10.13 -17.33 31.83
C PRO D 107 -9.15 -18.48 32.05
N ARG D 108 -9.53 -19.71 31.73
CA ARG D 108 -8.68 -20.85 31.98
C ARG D 108 -7.37 -20.75 31.20
N VAL D 109 -7.46 -20.16 30.04
CA VAL D 109 -6.32 -20.00 29.21
C VAL D 109 -5.11 -19.30 29.95
N ILE D 110 -5.39 -18.39 30.88
CA ILE D 110 -4.40 -17.75 31.74
C ILE D 110 -3.81 -18.69 32.77
N THR D 111 -4.67 -19.48 33.36
CA THR D 111 -4.30 -20.44 34.37
C THR D 111 -3.81 -21.79 33.84
N GLY D 112 -3.50 -21.92 32.56
CA GLY D 112 -3.11 -23.21 31.99
C GLY D 112 -4.09 -24.34 32.24
N GLY D 113 -5.37 -24.01 32.28
CA GLY D 113 -6.39 -24.97 32.62
C GLY D 113 -6.71 -25.21 34.08
N LEU D 114 -6.02 -24.53 35.02
CA LEU D 114 -6.23 -24.83 36.46
C LEU D 114 -7.28 -23.97 37.14
N ASP D 115 -7.67 -24.36 38.37
CA ASP D 115 -8.62 -23.61 39.19
C ASP D 115 -7.92 -22.61 40.10
N THR D 116 -6.62 -22.45 39.92
CA THR D 116 -5.87 -21.49 40.70
C THR D 116 -5.31 -20.44 39.79
N VAL D 117 -5.02 -19.29 40.37
CA VAL D 117 -4.56 -18.16 39.58
C VAL D 117 -3.41 -17.50 40.30
N ALA D 118 -2.44 -17.00 39.53
CA ALA D 118 -1.28 -16.32 40.10
C ALA D 118 -1.40 -14.83 39.88
N VAL D 119 -1.27 -14.06 40.97
CA VAL D 119 -1.53 -12.65 40.93
C VAL D 119 -0.40 -11.86 41.55
N ARG D 120 -0.01 -10.73 40.92
CA ARG D 120 0.87 -9.73 41.59
C ARG D 120 0.53 -8.30 41.23
N MET D 121 1.02 -7.42 42.09
CA MET D 121 0.95 -5.98 41.97
C MET D 121 2.39 -5.47 41.90
N PRO D 122 2.86 -5.15 40.69
CA PRO D 122 4.28 -4.87 40.45
C PRO D 122 4.66 -3.54 40.97
N ALA D 123 5.76 -3.48 41.67
CA ALA D 123 6.29 -2.22 42.20
C ALA D 123 7.04 -1.43 41.16
N HIS D 124 6.29 -0.97 40.17
CA HIS D 124 6.84 -0.13 39.12
C HIS D 124 5.81 0.87 38.61
N GLU D 125 6.19 2.16 38.70
CA GLU D 125 5.34 3.25 38.27
C GLU D 125 4.75 3.02 36.89
N ILE D 126 5.58 2.66 35.93
CA ILE D 126 5.10 2.39 34.58
C ILE D 126 4.09 1.24 34.50
N ALA D 127 4.41 0.12 35.13
CA ALA D 127 3.55 -1.05 35.02
C ALA D 127 2.21 -0.71 35.65
N LEU D 128 2.23 -0.17 36.86
CA LEU D 128 1.02 0.27 37.55
C LEU D 128 0.22 1.30 36.74
N LYS D 129 0.92 2.23 36.09
CA LYS D 129 0.24 3.20 35.26
C LYS D 129 -0.43 2.56 34.04
N LEU D 130 0.23 1.58 33.43
CA LEU D 130 -0.32 0.88 32.27
C LEU D 130 -1.63 0.16 32.62
N ILE D 131 -1.65 -0.41 33.83
CA ILE D 131 -2.82 -1.20 34.28
C ILE D 131 -4.05 -0.29 34.50
N GLU D 132 -3.81 0.82 35.19
CA GLU D 132 -4.78 1.83 35.50
C GLU D 132 -5.36 2.48 34.25
N LEU D 133 -4.50 2.94 33.34
CA LEU D 133 -4.99 3.58 32.11
C LEU D 133 -5.63 2.60 31.20
N SER D 134 -5.24 1.33 31.30
CA SER D 134 -5.91 0.25 30.54
C SER D 134 -7.32 -0.04 31.02
N GLU D 135 -7.56 0.19 32.31
CA GLU D 135 -8.74 -0.32 33.02
C GLU D 135 -8.91 -1.85 32.92
N ARG D 136 -7.82 -2.57 32.69
CA ARG D 136 -7.81 -4.03 32.65
C ARG D 136 -6.68 -4.52 33.55
N PRO D 137 -6.90 -5.67 34.25
CA PRO D 137 -5.75 -6.39 34.72
C PRO D 137 -4.95 -7.03 33.54
N ILE D 138 -3.66 -7.16 33.72
CA ILE D 138 -2.79 -7.58 32.64
C ILE D 138 -2.10 -8.89 32.91
N ALA D 139 -2.39 -9.87 32.07
CA ALA D 139 -1.70 -11.15 32.12
C ALA D 139 -0.33 -11.00 31.49
N ALA D 140 0.71 -11.37 32.21
CA ALA D 140 2.06 -11.18 31.67
C ALA D 140 3.08 -12.14 32.23
N PRO D 141 3.60 -13.04 31.36
CA PRO D 141 4.84 -13.73 31.66
C PRO D 141 6.05 -12.87 31.20
N SER D 142 7.26 -13.40 31.37
CA SER D 142 8.46 -12.72 30.97
C SER D 142 8.46 -12.45 29.43
N ALA D 143 8.97 -11.31 29.00
CA ALA D 143 8.94 -10.93 27.59
C ALA D 143 10.11 -11.48 26.80
N ASN D 144 10.16 -12.78 26.70
CA ASN D 144 11.22 -13.47 25.97
C ASN D 144 10.61 -14.63 25.20
N ILE D 145 11.32 -15.12 24.21
CA ILE D 145 10.93 -16.37 23.55
C ILE D 145 11.02 -17.49 24.56
N SER D 146 10.10 -18.45 24.52
CA SER D 146 10.08 -19.48 25.54
C SER D 146 11.44 -20.24 25.62
N GLY D 147 11.85 -20.60 26.84
CA GLY D 147 13.08 -21.31 27.11
C GLY D 147 14.34 -20.48 27.14
N LYS D 148 14.25 -19.21 26.73
CA LYS D 148 15.42 -18.30 26.62
C LYS D 148 15.55 -17.43 27.88
N PRO D 149 16.71 -16.76 28.02
CA PRO D 149 16.83 -16.01 29.26
C PRO D 149 15.83 -14.86 29.34
N SER D 150 15.48 -14.50 30.56
CA SER D 150 14.51 -13.46 30.81
C SER D 150 15.06 -12.10 30.38
N PRO D 151 14.19 -11.13 30.11
CA PRO D 151 14.59 -9.82 29.63
C PRO D 151 14.57 -8.84 30.75
N THR D 152 15.69 -8.21 31.03
CA THR D 152 15.80 -7.12 31.98
C THR D 152 16.02 -5.76 31.35
N SER D 153 15.88 -5.65 30.04
CA SER D 153 15.90 -4.34 29.34
C SER D 153 15.02 -4.39 28.08
N ALA D 154 14.66 -3.22 27.56
CA ALA D 154 13.88 -3.17 26.33
C ALA D 154 14.71 -3.74 25.22
N HIS D 155 16.03 -3.55 25.34
CA HIS D 155 16.96 -4.15 24.36
C HIS D 155 16.66 -5.62 24.25
N HIS D 156 16.60 -6.29 25.38
CA HIS D 156 16.36 -7.73 25.36
C HIS D 156 15.01 -8.07 24.75
N VAL D 157 13.97 -7.32 25.09
CA VAL D 157 12.62 -7.59 24.55
C VAL D 157 12.67 -7.46 23.02
N ALA D 158 13.34 -6.42 22.57
CA ALA D 158 13.47 -6.14 21.16
C ALA D 158 14.34 -7.16 20.38
N GLU D 159 15.42 -7.70 20.93
CA GLU D 159 16.10 -8.84 20.26
C GLU D 159 15.12 -9.95 19.97
N ASP D 160 14.26 -10.24 20.94
CA ASP D 160 13.30 -11.35 20.82
C ASP D 160 12.08 -11.07 19.96
N PHE D 161 11.51 -9.86 20.05
CA PHE D 161 10.13 -9.58 19.57
C PHE D 161 9.89 -8.35 18.71
N TYR D 162 10.92 -7.57 18.38
CA TYR D 162 10.74 -6.38 17.48
C TYR D 162 10.25 -6.83 16.11
N GLY D 163 9.15 -6.25 15.64
CA GLY D 163 8.46 -6.70 14.44
C GLY D 163 7.51 -7.87 14.68
N LYS D 164 7.35 -8.27 15.93
CA LYS D 164 6.52 -9.45 16.23
C LYS D 164 5.36 -9.11 17.21
N ILE D 165 5.53 -8.11 18.09
CA ILE D 165 4.49 -7.60 18.95
C ILE D 165 4.23 -6.14 18.66
N GLU D 166 3.13 -5.61 19.16
CA GLU D 166 2.67 -4.26 18.74
C GLU D 166 3.37 -3.15 19.46
N CYS D 167 3.71 -3.33 20.70
CA CYS D 167 4.36 -2.26 21.43
C CYS D 167 5.42 -2.75 22.42
N ILE D 168 6.40 -1.89 22.71
CA ILE D 168 7.40 -2.13 23.74
C ILE D 168 7.63 -0.82 24.45
N ILE D 169 7.38 -0.79 25.75
CA ILE D 169 7.60 0.37 26.58
C ILE D 169 8.95 0.20 27.24
N ASP D 170 9.83 1.16 27.02
CA ASP D 170 11.18 1.11 27.53
C ASP D 170 11.29 1.94 28.76
N GLY D 171 11.51 1.28 29.89
CA GLY D 171 11.75 1.95 31.17
C GLY D 171 13.15 1.68 31.69
N GLY D 172 14.00 1.19 30.82
CA GLY D 172 15.39 0.99 31.16
C GLY D 172 15.54 -0.36 31.79
N GLU D 173 16.62 -0.53 32.53
CA GLU D 173 16.95 -1.80 33.08
C GLU D 173 16.21 -2.05 34.38
N THR D 174 15.78 -3.29 34.57
CA THR D 174 15.00 -3.64 35.76
C THR D 174 15.91 -3.60 36.99
N ARG D 175 15.38 -3.13 38.09
CA ARG D 175 16.20 -2.92 39.25
C ARG D 175 16.53 -4.17 40.10
N ILE D 176 15.65 -5.16 40.16
CA ILE D 176 16.00 -6.42 40.86
C ILE D 176 16.62 -7.37 39.91
N GLY D 177 15.95 -7.64 38.79
CA GLY D 177 16.59 -8.37 37.69
C GLY D 177 16.36 -9.85 37.69
N VAL D 178 15.60 -10.34 38.69
CA VAL D 178 15.06 -11.69 38.66
C VAL D 178 13.60 -11.65 39.05
N GLU D 179 12.88 -12.70 38.69
CA GLU D 179 11.42 -12.71 38.76
C GLU D 179 10.91 -12.73 40.17
N SER D 180 9.62 -12.39 40.26
CA SER D 180 8.91 -12.34 41.51
C SER D 180 8.89 -13.70 42.18
N THR D 181 8.99 -13.67 43.49
CA THR D 181 8.82 -14.86 44.31
C THR D 181 7.36 -15.27 44.24
N VAL D 182 7.11 -16.56 44.01
CA VAL D 182 5.77 -17.09 43.94
C VAL D 182 5.50 -17.96 45.16
N ILE D 183 4.49 -17.57 45.93
CA ILE D 183 4.02 -18.27 47.13
C ILE D 183 2.63 -18.84 46.84
N ASP D 184 2.49 -20.15 47.06
CA ASP D 184 1.21 -20.82 46.92
C ASP D 184 0.43 -20.76 48.22
N LEU D 185 -0.72 -20.12 48.19
CA LEU D 185 -1.51 -19.99 49.40
C LEU D 185 -2.77 -20.85 49.42
N THR D 186 -2.90 -21.80 48.51
CA THR D 186 -4.07 -22.70 48.45
C THR D 186 -3.83 -23.98 49.26
N GLU D 187 -2.66 -24.01 49.91
CA GLU D 187 -2.16 -25.12 50.69
C GLU D 187 -1.72 -24.53 52.03
N TRP D 188 -1.90 -25.27 53.11
CA TRP D 188 -1.29 -24.93 54.38
C TRP D 188 -0.44 -26.09 54.92
N PRO D 189 0.79 -25.85 55.37
CA PRO D 189 1.52 -24.58 55.16
C PRO D 189 1.66 -24.12 53.68
N PRO D 190 1.97 -22.82 53.49
CA PRO D 190 2.14 -22.31 52.14
C PRO D 190 3.39 -22.82 51.49
N VAL D 191 3.41 -22.78 50.15
CA VAL D 191 4.55 -23.33 49.44
C VAL D 191 5.20 -22.29 48.58
N LEU D 192 6.54 -22.32 48.55
CA LEU D 192 7.31 -21.50 47.67
C LEU D 192 7.41 -22.31 46.42
N LEU D 193 6.88 -21.76 45.35
CA LEU D 193 6.92 -22.41 44.05
C LEU D 193 8.05 -21.96 43.15
N ARG D 194 8.47 -20.71 43.31
CA ARG D 194 9.58 -20.13 42.55
C ARG D 194 10.26 -19.06 43.39
N PRO D 195 11.55 -19.23 43.66
CA PRO D 195 12.29 -18.26 44.45
C PRO D 195 12.56 -17.03 43.61
N GLY D 196 12.51 -15.86 44.21
CA GLY D 196 12.56 -14.66 43.41
C GLY D 196 13.05 -13.43 44.13
N GLY D 197 12.56 -12.30 43.65
CA GLY D 197 12.96 -10.97 44.13
C GLY D 197 12.59 -10.67 45.58
N LEU D 198 11.68 -11.44 46.17
CA LEU D 198 11.45 -11.31 47.61
C LEU D 198 12.05 -12.54 48.26
N PRO D 199 13.07 -12.34 49.12
CA PRO D 199 13.69 -13.44 49.84
C PRO D 199 12.71 -14.18 50.76
N LEU D 200 12.85 -15.49 50.81
CA LEU D 200 11.97 -16.35 51.57
C LEU D 200 11.91 -15.92 53.03
N GLU D 201 13.08 -15.60 53.58
CA GLU D 201 13.27 -15.21 54.99
C GLU D 201 12.34 -14.09 55.41
N GLU D 202 12.26 -13.03 54.61
CA GLU D 202 11.28 -11.96 54.84
C GLU D 202 9.83 -12.43 54.80
N ILE D 203 9.49 -13.31 53.88
CA ILE D 203 8.11 -13.84 53.86
C ILE D 203 7.84 -14.61 55.16
N GLU D 204 8.82 -15.37 55.60
CA GLU D 204 8.69 -16.23 56.77
C GLU D 204 8.56 -15.41 58.07
N LYS D 205 9.22 -14.26 58.15
CA LYS D 205 9.16 -13.42 59.35
C LYS D 205 7.77 -12.91 59.63
N VAL D 206 6.94 -12.93 58.58
CA VAL D 206 5.58 -12.42 58.60
C VAL D 206 4.52 -13.48 58.81
N ILE D 207 4.39 -14.41 57.87
CA ILE D 207 3.49 -15.55 58.05
C ILE D 207 4.38 -16.63 58.66
N GLY D 208 3.97 -17.87 58.71
CA GLY D 208 4.88 -18.82 59.38
C GLY D 208 6.12 -19.29 58.65
N GLU D 209 6.47 -20.53 58.99
CA GLU D 209 7.25 -21.42 58.14
C GLU D 209 6.60 -21.44 56.77
N ILE D 210 7.44 -21.73 55.78
CA ILE D 210 7.04 -21.97 54.41
C ILE D 210 7.71 -23.25 53.90
N ARG D 211 6.92 -24.16 53.39
CA ARG D 211 7.48 -25.30 52.70
C ARG D 211 8.04 -24.94 51.31
N ILE D 212 9.19 -25.47 50.99
CA ILE D 212 9.78 -25.28 49.67
C ILE D 212 9.41 -26.41 48.74
N HIS D 213 8.77 -26.09 47.62
CA HIS D 213 8.46 -27.12 46.61
C HIS D 213 9.74 -27.73 46.02
N PRO D 214 9.80 -29.06 45.94
CA PRO D 214 11.00 -29.69 45.35
C PRO D 214 11.41 -29.26 43.89
N ALA D 215 10.47 -28.72 43.13
CA ALA D 215 10.77 -28.08 41.82
C ALA D 215 11.81 -27.04 41.94
N VAL D 216 11.81 -26.35 43.05
CA VAL D 216 12.75 -25.28 43.26
C VAL D 216 14.19 -25.79 43.18
N TYR D 217 14.41 -27.05 43.58
CA TYR D 217 15.71 -27.72 43.44
C TYR D 217 15.83 -28.66 42.24
N GLY D 218 14.86 -28.61 41.32
CA GLY D 218 14.92 -29.34 40.04
C GLY D 218 14.12 -30.61 39.81
N LYS D 219 13.34 -31.02 40.80
CA LYS D 219 12.41 -32.12 40.60
C LYS D 219 11.52 -31.77 39.43
N SER D 220 11.33 -32.72 38.51
CA SER D 220 10.42 -32.50 37.35
C SER D 220 8.99 -32.46 37.86
N VAL D 221 8.17 -31.66 37.19
CA VAL D 221 6.77 -31.47 37.55
C VAL D 221 5.93 -31.84 36.35
N ASP D 222 4.81 -32.50 36.60
CA ASP D 222 3.85 -32.82 35.53
C ASP D 222 2.90 -31.62 35.41
N THR D 223 2.52 -31.04 36.54
CA THR D 223 1.59 -29.91 36.59
C THR D 223 2.14 -28.67 37.29
N ALA D 224 2.13 -27.57 36.55
CA ALA D 224 2.69 -26.34 37.01
C ALA D 224 1.63 -25.40 37.49
N LYS D 225 1.74 -25.03 38.74
CA LYS D 225 0.87 -24.04 39.37
C LYS D 225 1.39 -22.67 39.28
N ALA D 226 2.58 -22.50 38.75
CA ALA D 226 3.17 -21.17 38.58
C ALA D 226 4.24 -21.24 37.54
N PRO D 227 4.68 -20.10 36.98
CA PRO D 227 5.74 -20.17 36.00
C PRO D 227 7.08 -20.56 36.61
N GLY D 228 8.00 -20.94 35.74
CA GLY D 228 9.32 -21.43 36.09
C GLY D 228 9.43 -22.75 36.81
N MET D 229 8.39 -23.55 36.85
CA MET D 229 8.47 -24.84 37.46
C MET D 229 8.65 -25.99 36.45
N LYS D 230 7.95 -25.92 35.34
CA LYS D 230 7.93 -26.98 34.39
C LYS D 230 8.40 -26.44 33.07
N TYR D 231 9.04 -27.29 32.28
CA TYR D 231 9.72 -26.87 31.04
C TYR D 231 11.07 -26.15 31.27
N ARG D 232 11.90 -26.13 30.25
CA ARG D 232 13.22 -25.51 30.33
C ARG D 232 13.04 -24.01 30.31
N HIS D 233 13.72 -23.32 31.21
CA HIS D 233 13.76 -21.85 31.22
C HIS D 233 15.15 -21.24 31.36
N TYR D 234 15.25 -19.98 30.98
CA TYR D 234 16.41 -19.16 31.24
C TYR D 234 17.70 -19.61 30.50
N ALA D 235 17.56 -20.51 29.53
CA ALA D 235 18.72 -21.19 28.93
C ALA D 235 19.21 -20.43 27.72
N PRO D 236 20.50 -20.10 27.69
CA PRO D 236 21.12 -19.76 26.39
C PRO D 236 21.40 -21.02 25.55
N SER D 237 21.69 -20.81 24.27
CA SER D 237 21.94 -21.91 23.28
C SER D 237 23.09 -22.76 23.77
N ALA D 238 24.18 -22.05 24.13
CA ALA D 238 25.38 -22.64 24.70
C ALA D 238 25.08 -23.53 25.90
N GLU D 239 25.96 -24.50 26.10
CA GLU D 239 25.82 -25.45 27.17
C GLU D 239 26.20 -24.62 28.41
N VAL D 240 25.51 -24.81 29.53
CA VAL D 240 25.86 -24.11 30.76
C VAL D 240 26.30 -25.12 31.80
N ILE D 241 27.39 -24.84 32.51
CA ILE D 241 27.83 -25.71 33.60
C ILE D 241 27.99 -24.84 34.82
N VAL D 242 27.27 -25.18 35.87
CA VAL D 242 27.34 -24.37 37.08
C VAL D 242 28.27 -25.12 38.03
N VAL D 243 29.13 -24.37 38.72
CA VAL D 243 30.08 -24.93 39.64
C VAL D 243 29.83 -24.31 41.01
N GLU D 244 29.41 -25.15 41.95
CA GLU D 244 29.13 -24.71 43.32
C GLU D 244 30.13 -25.31 44.31
N GLY D 245 30.27 -24.63 45.46
CA GLY D 245 31.11 -25.07 46.56
C GLY D 245 31.88 -23.90 47.19
N PRO D 246 32.87 -24.20 48.06
CA PRO D 246 33.76 -23.15 48.56
C PRO D 246 34.48 -22.43 47.43
N ARG D 247 34.50 -21.09 47.53
CA ARG D 247 34.84 -20.21 46.40
C ARG D 247 36.15 -20.48 45.72
N ASP D 248 37.15 -20.83 46.52
CA ASP D 248 38.47 -21.13 45.95
C ASP D 248 38.51 -22.41 45.09
N LYS D 249 37.81 -23.46 45.55
CA LYS D 249 37.76 -24.75 44.87
C LYS D 249 36.94 -24.62 43.58
N VAL D 250 35.90 -23.76 43.63
CA VAL D 250 35.13 -23.33 42.44
C VAL D 250 36.00 -22.62 41.37
N ARG D 251 36.79 -21.59 41.74
CA ARG D 251 37.67 -20.94 40.76
C ARG D 251 38.57 -21.94 40.07
N ARG D 252 39.20 -22.80 40.87
CA ARG D 252 40.15 -23.75 40.34
C ARG D 252 39.47 -24.67 39.36
N LYS D 253 38.32 -25.22 39.77
CA LYS D 253 37.52 -26.06 38.89
C LYS D 253 37.21 -25.37 37.60
N ILE D 254 36.70 -24.14 37.67
CA ILE D 254 36.42 -23.37 36.43
C ILE D 254 37.69 -23.21 35.58
N GLU D 255 38.78 -22.81 36.23
CA GLU D 255 40.12 -22.71 35.58
C GLU D 255 40.50 -24.00 34.82
N GLU D 256 40.36 -25.10 35.52
CA GLU D 256 40.60 -26.43 34.97
C GLU D 256 39.59 -26.79 33.86
N LEU D 257 38.30 -26.46 34.08
CA LEU D 257 37.24 -26.66 33.04
C LEU D 257 37.47 -25.80 31.78
N ILE D 258 37.91 -24.56 31.94
CA ILE D 258 38.31 -23.70 30.81
C ILE D 258 39.42 -24.40 29.99
N ALA D 259 40.51 -24.79 30.65
CA ALA D 259 41.66 -25.46 30.00
C ALA D 259 41.19 -26.62 29.12
N LYS D 260 40.40 -27.50 29.73
CA LYS D 260 39.92 -28.69 29.07
C LYS D 260 39.08 -28.36 27.82
N PHE D 261 38.22 -27.34 27.91
CA PHE D 261 37.30 -27.04 26.79
C PHE D 261 38.06 -26.36 25.63
N LYS D 262 38.98 -25.45 25.95
CA LYS D 262 39.98 -24.98 24.97
C LYS D 262 40.76 -26.11 24.28
N GLU D 263 41.27 -27.09 25.04
CA GLU D 263 41.96 -28.29 24.46
C GLU D 263 41.07 -29.11 23.54
N GLU D 264 39.77 -29.14 23.83
CA GLU D 264 38.77 -29.77 22.97
C GLU D 264 38.39 -28.86 21.76
N GLY D 265 39.00 -27.67 21.66
CA GLY D 265 38.76 -26.71 20.58
C GLY D 265 37.48 -25.85 20.68
N LYS D 266 36.85 -25.81 21.86
CA LYS D 266 35.62 -25.04 22.12
C LYS D 266 35.92 -23.62 22.59
N LYS D 267 35.07 -22.66 22.19
CA LYS D 267 35.05 -21.30 22.72
C LYS D 267 34.27 -21.22 24.06
N VAL D 268 34.85 -20.54 25.03
CA VAL D 268 34.48 -20.70 26.44
C VAL D 268 34.15 -19.37 27.05
N GLY D 269 32.94 -19.30 27.63
CA GLY D 269 32.48 -18.09 28.27
C GLY D 269 32.45 -18.36 29.75
N VAL D 270 32.60 -17.31 30.55
CA VAL D 270 32.51 -17.46 31.99
C VAL D 270 31.76 -16.28 32.60
N ILE D 271 30.75 -16.60 33.41
CA ILE D 271 30.04 -15.58 34.17
C ILE D 271 30.45 -15.77 35.60
N GLY D 272 30.97 -14.72 36.21
CA GLY D 272 31.47 -14.83 37.58
C GLY D 272 31.90 -13.55 38.29
N SER D 273 32.78 -13.73 39.25
CA SER D 273 33.34 -12.66 40.08
C SER D 273 34.79 -12.40 39.71
N GLY D 274 35.44 -13.40 39.13
CA GLY D 274 36.87 -13.38 38.97
C GLY D 274 37.34 -12.92 37.61
N SER D 275 38.65 -12.78 37.54
CA SER D 275 39.39 -12.67 36.28
C SER D 275 39.68 -14.11 35.79
N TYR D 276 39.45 -14.35 34.52
CA TYR D 276 39.66 -15.64 33.95
C TYR D 276 40.23 -15.36 32.58
N ASP D 277 40.99 -16.32 32.06
CA ASP D 277 41.49 -16.18 30.73
C ASP D 277 40.62 -17.12 29.92
N ALA D 278 39.58 -16.53 29.33
CA ALA D 278 38.63 -17.22 28.47
C ALA D 278 38.20 -16.25 27.37
N ASP D 279 37.46 -16.72 26.37
CA ASP D 279 37.11 -15.85 25.22
C ASP D 279 36.17 -14.72 25.64
N GLU D 280 35.14 -15.08 26.40
CA GLU D 280 34.25 -14.10 27.03
C GLU D 280 34.27 -14.24 28.57
N VAL D 281 34.33 -13.13 29.27
CA VAL D 281 34.13 -13.09 30.70
C VAL D 281 33.14 -11.99 30.95
N PHE D 282 32.11 -12.31 31.74
CA PHE D 282 31.15 -11.34 32.24
C PHE D 282 31.23 -11.29 33.77
N TYR D 283 31.50 -10.12 34.30
CA TYR D 283 31.64 -9.91 35.73
C TYR D 283 30.27 -9.52 36.33
N LEU D 284 29.74 -10.39 37.19
CA LEU D 284 28.37 -10.23 37.70
C LEU D 284 28.26 -9.19 38.83
N GLY D 285 29.35 -8.89 39.52
CA GLY D 285 29.32 -8.05 40.73
C GLY D 285 29.82 -8.82 41.93
N ASP D 286 29.91 -8.16 43.08
CA ASP D 286 30.44 -8.81 44.29
C ASP D 286 29.44 -8.86 45.46
N THR D 287 28.40 -8.03 45.41
CA THR D 287 27.17 -8.28 46.17
C THR D 287 26.21 -9.16 45.34
N VAL D 288 25.43 -9.99 46.04
CA VAL D 288 24.45 -10.84 45.41
C VAL D 288 23.34 -10.04 44.72
N GLU D 289 22.92 -8.97 45.35
CA GLU D 289 22.04 -7.99 44.75
C GLU D 289 22.41 -7.52 43.31
N GLU D 290 23.70 -7.41 43.06
CA GLU D 290 24.24 -7.02 41.74
C GLU D 290 24.26 -8.20 40.83
N ILE D 291 24.75 -9.31 41.36
CA ILE D 291 24.76 -10.54 40.63
C ILE D 291 23.39 -10.80 39.96
N ALA D 292 22.32 -10.63 40.73
CA ALA D 292 20.98 -10.87 40.26
C ALA D 292 20.53 -9.79 39.27
N ARG D 293 20.86 -8.55 39.56
CA ARG D 293 20.66 -7.47 38.59
C ARG D 293 21.29 -7.75 37.21
N ASN D 294 22.44 -8.43 37.22
CA ASN D 294 23.18 -8.74 35.98
C ASN D 294 23.03 -10.12 35.32
N LEU D 295 22.41 -11.07 36.00
CA LEU D 295 22.40 -12.46 35.54
C LEU D 295 21.87 -12.60 34.12
N PHE D 296 20.63 -12.21 33.86
CA PHE D 296 20.10 -12.38 32.52
C PHE D 296 20.82 -11.56 31.47
N LYS D 297 21.22 -10.34 31.85
CA LYS D 297 22.14 -9.56 31.04
C LYS D 297 23.35 -10.39 30.65
N ALA D 298 24.00 -10.98 31.65
CA ALA D 298 25.15 -11.84 31.40
C ALA D 298 24.84 -13.00 30.47
N LEU D 299 23.81 -13.77 30.78
CA LEU D 299 23.46 -14.90 29.95
C LEU D 299 23.22 -14.45 28.49
N ARG D 300 22.50 -13.36 28.30
CA ARG D 300 22.15 -12.89 26.97
C ARG D 300 23.34 -12.39 26.15
N HIS D 301 24.21 -11.67 26.83
CA HIS D 301 25.55 -11.34 26.34
C HIS D 301 26.27 -12.57 25.77
N MET D 302 26.36 -13.62 26.58
CA MET D 302 27.01 -14.83 26.10
C MET D 302 26.30 -15.40 24.89
N ASP D 303 24.99 -15.26 24.80
CA ASP D 303 24.22 -15.77 23.65
C ASP D 303 24.54 -15.02 22.33
N ARG D 304 24.90 -13.73 22.44
CA ARG D 304 25.18 -12.88 21.27
C ARG D 304 26.59 -13.12 20.70
N THR D 305 27.57 -13.20 21.61
CA THR D 305 28.88 -13.74 21.29
C THR D 305 28.60 -15.18 20.96
N GLY D 306 29.60 -15.92 20.51
CA GLY D 306 29.35 -17.26 19.95
C GLY D 306 30.02 -18.35 20.74
N VAL D 307 29.92 -18.27 22.07
CA VAL D 307 30.60 -19.23 22.90
C VAL D 307 29.79 -20.51 22.89
N ASP D 308 30.50 -21.64 23.00
CA ASP D 308 29.96 -23.00 22.97
C ASP D 308 29.56 -23.53 24.34
N VAL D 309 30.11 -22.90 25.36
CA VAL D 309 29.89 -23.36 26.70
C VAL D 309 30.19 -22.19 27.60
N ILE D 310 29.37 -22.07 28.64
CA ILE D 310 29.44 -21.01 29.63
C ILE D 310 29.63 -21.66 30.99
N LEU D 311 30.52 -21.09 31.76
CA LEU D 311 30.78 -21.59 33.10
C LEU D 311 30.33 -20.54 34.08
N ALA D 312 29.58 -20.97 35.10
CA ALA D 312 29.02 -20.04 36.04
C ALA D 312 29.41 -20.36 37.48
N GLU D 313 29.90 -19.38 38.18
CA GLU D 313 30.19 -19.57 39.58
C GLU D 313 28.91 -19.57 40.32
N GLY D 314 28.71 -20.57 41.16
CA GLY D 314 27.67 -20.49 42.14
C GLY D 314 27.80 -19.28 43.07
N VAL D 315 26.84 -19.18 43.94
CA VAL D 315 26.64 -18.03 44.80
C VAL D 315 25.95 -18.63 46.04
N GLU D 316 26.15 -17.98 47.19
CA GLU D 316 25.58 -18.51 48.43
C GLU D 316 24.08 -18.32 48.39
N GLU D 317 23.34 -19.42 48.46
CA GLU D 317 21.88 -19.33 48.34
C GLU D 317 21.15 -18.76 49.56
N LYS D 318 21.42 -17.47 49.82
CA LYS D 318 20.84 -16.67 50.90
C LYS D 318 20.36 -15.38 50.25
N GLY D 319 19.27 -14.81 50.75
CA GLY D 319 18.70 -13.58 50.16
C GLY D 319 18.21 -13.82 48.73
N LEU D 320 18.66 -12.96 47.82
CA LEU D 320 18.42 -13.11 46.39
C LEU D 320 19.13 -14.31 45.74
N GLY D 321 20.08 -14.86 46.48
CA GLY D 321 20.86 -15.98 46.03
C GLY D 321 20.07 -17.25 45.82
N LEU D 322 19.02 -17.47 46.60
CA LEU D 322 18.18 -18.67 46.35
C LEU D 322 17.57 -18.66 44.92
N ALA D 323 17.23 -17.43 44.48
CA ALA D 323 16.66 -17.18 43.18
C ALA D 323 17.71 -17.26 42.07
N VAL D 324 18.83 -16.59 42.27
CA VAL D 324 19.93 -16.62 41.29
C VAL D 324 20.35 -18.06 41.00
N MET D 325 20.57 -18.85 42.02
CA MET D 325 20.96 -20.23 41.78
C MET D 325 19.88 -21.04 41.12
N ASN D 326 18.63 -20.77 41.47
CA ASN D 326 17.53 -21.47 40.85
C ASN D 326 17.61 -21.26 39.33
N ARG D 327 17.86 -20.02 38.94
CA ARG D 327 17.92 -19.67 37.54
C ARG D 327 19.06 -20.31 36.82
N LEU D 328 20.28 -20.18 37.37
CA LEU D 328 21.48 -20.88 36.81
C LEU D 328 21.30 -22.40 36.70
N ARG D 329 20.83 -23.01 37.76
CA ARG D 329 20.53 -24.42 37.72
C ARG D 329 19.54 -24.82 36.63
N LYS D 330 18.44 -24.08 36.49
CA LYS D 330 17.46 -24.33 35.38
C LYS D 330 18.04 -24.04 34.02
N ALA D 331 18.88 -23.00 33.93
CA ALA D 331 19.51 -22.68 32.67
C ALA D 331 20.38 -23.83 32.15
N SER D 332 21.13 -24.48 33.04
CA SER D 332 22.02 -25.63 32.65
C SER D 332 21.30 -26.94 32.45
N GLY D 333 20.15 -27.05 33.11
CA GLY D 333 19.39 -28.30 33.24
C GLY D 333 19.86 -29.13 34.42
N TYR D 334 20.20 -28.43 35.50
CA TYR D 334 20.82 -29.04 36.70
C TYR D 334 22.15 -29.74 36.40
N ARG D 335 22.86 -29.25 35.38
CA ARG D 335 24.21 -29.73 35.06
C ARG D 335 25.23 -28.98 35.98
N ILE D 336 25.42 -29.57 37.18
CA ILE D 336 26.07 -28.91 38.29
C ILE D 336 27.24 -29.73 38.77
N ILE D 337 28.39 -29.09 38.87
CA ILE D 337 29.58 -29.66 39.47
C ILE D 337 29.75 -29.08 40.87
N LYS D 338 29.61 -29.89 41.90
CA LYS D 338 29.86 -29.52 43.30
C LYS D 338 31.30 -29.89 43.75
N VAL D 339 32.00 -28.95 44.36
CA VAL D 339 33.40 -29.13 44.76
C VAL D 339 33.51 -28.97 46.30
N HIS D 340 34.47 -29.65 46.96
CA HIS D 340 34.65 -29.52 48.43
C HIS D 340 36.11 -29.48 48.90
#